data_1ANU
# 
_entry.id   1ANU 
# 
_audit_conform.dict_name       mmcif_pdbx.dic 
_audit_conform.dict_version    5.385 
_audit_conform.dict_location   http://mmcif.pdb.org/dictionaries/ascii/mmcif_pdbx.dic 
# 
loop_
_database_2.database_id 
_database_2.database_code 
_database_2.pdbx_database_accession 
_database_2.pdbx_DOI 
PDB   1ANU         pdb_00001anu 10.2210/pdb1anu/pdb 
WWPDB D_1000171043 ?            ?                   
# 
loop_
_pdbx_audit_revision_history.ordinal 
_pdbx_audit_revision_history.data_content_type 
_pdbx_audit_revision_history.major_revision 
_pdbx_audit_revision_history.minor_revision 
_pdbx_audit_revision_history.revision_date 
1 'Structure model' 1 0 1997-07-23 
2 'Structure model' 1 1 2008-03-24 
3 'Structure model' 1 2 2011-07-13 
4 'Structure model' 1 3 2024-02-07 
# 
_pdbx_audit_revision_details.ordinal             1 
_pdbx_audit_revision_details.revision_ordinal    1 
_pdbx_audit_revision_details.data_content_type   'Structure model' 
_pdbx_audit_revision_details.provider            repository 
_pdbx_audit_revision_details.type                'Initial release' 
_pdbx_audit_revision_details.description         ? 
_pdbx_audit_revision_details.details             ? 
# 
loop_
_pdbx_audit_revision_group.ordinal 
_pdbx_audit_revision_group.revision_ordinal 
_pdbx_audit_revision_group.data_content_type 
_pdbx_audit_revision_group.group 
1 2 'Structure model' 'Version format compliance' 
2 3 'Structure model' 'Version format compliance' 
3 4 'Structure model' 'Data collection'           
4 4 'Structure model' 'Database references'       
# 
loop_
_pdbx_audit_revision_category.ordinal 
_pdbx_audit_revision_category.revision_ordinal 
_pdbx_audit_revision_category.data_content_type 
_pdbx_audit_revision_category.category 
1 4 'Structure model' chem_comp_atom 
2 4 'Structure model' chem_comp_bond 
3 4 'Structure model' database_2     
# 
loop_
_pdbx_audit_revision_item.ordinal 
_pdbx_audit_revision_item.revision_ordinal 
_pdbx_audit_revision_item.data_content_type 
_pdbx_audit_revision_item.item 
1 4 'Structure model' '_database_2.pdbx_DOI'                
2 4 'Structure model' '_database_2.pdbx_database_accession' 
# 
_pdbx_database_status.status_code                     REL 
_pdbx_database_status.entry_id                        1ANU 
_pdbx_database_status.recvd_initial_deposition_date   1996-07-19 
_pdbx_database_status.deposit_site                    ? 
_pdbx_database_status.process_site                    BNL 
_pdbx_database_status.status_code_sf                  REL 
_pdbx_database_status.status_code_mr                  ? 
_pdbx_database_status.SG_entry                        ? 
_pdbx_database_status.pdb_format_compatible           Y 
_pdbx_database_status.status_code_cs                  ? 
_pdbx_database_status.status_code_nmr_data            ? 
_pdbx_database_status.methods_development_category    ? 
# 
loop_
_audit_author.name 
_audit_author.pdbx_ordinal 
'Shimon, L.J.W.' 1 
'Yaron, S.'      2 
'Shoham, Y.'     3 
'Lamed, R.'      4 
'Morag, E.'      5 
'Bayer, E.A.'    6 
'Frolow, F.'     7 
# 
loop_
_citation.id 
_citation.title 
_citation.journal_abbrev 
_citation.journal_volume 
_citation.page_first 
_citation.page_last 
_citation.year 
_citation.journal_id_ASTM 
_citation.country 
_citation.journal_id_ISSN 
_citation.journal_id_CSD 
_citation.book_publisher 
_citation.pdbx_database_id_PubMed 
_citation.pdbx_database_id_DOI 
primary 'A cohesin domain from Clostridium thermocellum: the crystal structure provides new insights into cellulosome assembly.'  
Structure            5   381 390 1997 STRUE6 UK 0969-2126 2005 ? 9083107 '10.1016/S0969-2126(97)00195-0' 
1       'Expression, Purification and Subunit-Binding Properties of Cohesins 2 and 3 of the Clostridium Thermocellum Cellulosome' 
'FEBS Lett.'         360 121 ?   1995 FEBLAL NE 0014-5793 0165 ? ?       ?                               
2       'The Cellulosome--A Treasure-Trove for Biotechnology'                                                                     
'Trends Biotechnol.' 12  379 ?   1994 TRBIDM ?  0167-7799 2099 ? ?       ?                               
# 
loop_
_citation_author.citation_id 
_citation_author.name 
_citation_author.ordinal 
_citation_author.identifier_ORCID 
primary 'Shimon, L.J.' 1  ? 
primary 'Bayer, E.A.'  2  ? 
primary 'Morag, E.'    3  ? 
primary 'Lamed, R.'    4  ? 
primary 'Yaron, S.'    5  ? 
primary 'Shoham, Y.'   6  ? 
primary 'Frolow, F.'   7  ? 
1       'Yaron, S.'    8  ? 
1       'Morag, E.'    9  ? 
1       'Bayer, E.A.'  10 ? 
1       'Lamed, R.'    11 ? 
1       'Shoham, Y.'   12 ? 
2       'Bayer, E.A.'  13 ? 
2       'Morag, E.'    14 ? 
2       'Lamed, R.'    15 ? 
# 
loop_
_entity.id 
_entity.type 
_entity.src_method 
_entity.pdbx_description 
_entity.formula_weight 
_entity.pdbx_number_of_molecules 
_entity.pdbx_ec 
_entity.pdbx_mutation 
_entity.pdbx_fragment 
_entity.details 
1 polymer man COHESIN-2 14752.648 1  ? ? ? 'INCORPORATES CELLULOLYTIC ENZYME INTO THE SCAFFOLDING PROTEIN OF CELLULOSOME' 
2 water   nat water     18.015    24 ? ? ? ?                                                                              
# 
_entity_poly.entity_id                      1 
_entity_poly.type                           'polypeptide(L)' 
_entity_poly.nstd_linkage                   no 
_entity_poly.nstd_monomer                   no 
_entity_poly.pdbx_seq_one_letter_code       
;VVVEIGKVTGSVGTTVEIPVYFRGVPSKGIANCDFVFRYDPNVLEIIGIDPGDIIVDPNPTKSFDTAIYPDRKIIVFLFA
EDSGTGAYAITKDGVFAKIRATVKSSAPGYITFDEVGGFADNDLVEQKVSFIDGGVNV
;
_entity_poly.pdbx_seq_one_letter_code_can   
;VVVEIGKVTGSVGTTVEIPVYFRGVPSKGIANCDFVFRYDPNVLEIIGIDPGDIIVDPNPTKSFDTAIYPDRKIIVFLFA
EDSGTGAYAITKDGVFAKIRATVKSSAPGYITFDEVGGFADNDLVEQKVSFIDGGVNV
;
_entity_poly.pdbx_strand_id                 A 
_entity_poly.pdbx_target_identifier         ? 
# 
_pdbx_entity_nonpoly.entity_id   2 
_pdbx_entity_nonpoly.name        water 
_pdbx_entity_nonpoly.comp_id     HOH 
# 
loop_
_entity_poly_seq.entity_id 
_entity_poly_seq.num 
_entity_poly_seq.mon_id 
_entity_poly_seq.hetero 
1 1   VAL n 
1 2   VAL n 
1 3   VAL n 
1 4   GLU n 
1 5   ILE n 
1 6   GLY n 
1 7   LYS n 
1 8   VAL n 
1 9   THR n 
1 10  GLY n 
1 11  SER n 
1 12  VAL n 
1 13  GLY n 
1 14  THR n 
1 15  THR n 
1 16  VAL n 
1 17  GLU n 
1 18  ILE n 
1 19  PRO n 
1 20  VAL n 
1 21  TYR n 
1 22  PHE n 
1 23  ARG n 
1 24  GLY n 
1 25  VAL n 
1 26  PRO n 
1 27  SER n 
1 28  LYS n 
1 29  GLY n 
1 30  ILE n 
1 31  ALA n 
1 32  ASN n 
1 33  CYS n 
1 34  ASP n 
1 35  PHE n 
1 36  VAL n 
1 37  PHE n 
1 38  ARG n 
1 39  TYR n 
1 40  ASP n 
1 41  PRO n 
1 42  ASN n 
1 43  VAL n 
1 44  LEU n 
1 45  GLU n 
1 46  ILE n 
1 47  ILE n 
1 48  GLY n 
1 49  ILE n 
1 50  ASP n 
1 51  PRO n 
1 52  GLY n 
1 53  ASP n 
1 54  ILE n 
1 55  ILE n 
1 56  VAL n 
1 57  ASP n 
1 58  PRO n 
1 59  ASN n 
1 60  PRO n 
1 61  THR n 
1 62  LYS n 
1 63  SER n 
1 64  PHE n 
1 65  ASP n 
1 66  THR n 
1 67  ALA n 
1 68  ILE n 
1 69  TYR n 
1 70  PRO n 
1 71  ASP n 
1 72  ARG n 
1 73  LYS n 
1 74  ILE n 
1 75  ILE n 
1 76  VAL n 
1 77  PHE n 
1 78  LEU n 
1 79  PHE n 
1 80  ALA n 
1 81  GLU n 
1 82  ASP n 
1 83  SER n 
1 84  GLY n 
1 85  THR n 
1 86  GLY n 
1 87  ALA n 
1 88  TYR n 
1 89  ALA n 
1 90  ILE n 
1 91  THR n 
1 92  LYS n 
1 93  ASP n 
1 94  GLY n 
1 95  VAL n 
1 96  PHE n 
1 97  ALA n 
1 98  LYS n 
1 99  ILE n 
1 100 ARG n 
1 101 ALA n 
1 102 THR n 
1 103 VAL n 
1 104 LYS n 
1 105 SER n 
1 106 SER n 
1 107 ALA n 
1 108 PRO n 
1 109 GLY n 
1 110 TYR n 
1 111 ILE n 
1 112 THR n 
1 113 PHE n 
1 114 ASP n 
1 115 GLU n 
1 116 VAL n 
1 117 GLY n 
1 118 GLY n 
1 119 PHE n 
1 120 ALA n 
1 121 ASP n 
1 122 ASN n 
1 123 ASP n 
1 124 LEU n 
1 125 VAL n 
1 126 GLU n 
1 127 GLN n 
1 128 LYS n 
1 129 VAL n 
1 130 SER n 
1 131 PHE n 
1 132 ILE n 
1 133 ASP n 
1 134 GLY n 
1 135 GLY n 
1 136 VAL n 
1 137 ASN n 
1 138 VAL n 
# 
_entity_src_gen.entity_id                          1 
_entity_src_gen.pdbx_src_id                        1 
_entity_src_gen.pdbx_alt_source_flag               sample 
_entity_src_gen.pdbx_seq_type                      ? 
_entity_src_gen.pdbx_beg_seq_num                   ? 
_entity_src_gen.pdbx_end_seq_num                   ? 
_entity_src_gen.gene_src_common_name               ? 
_entity_src_gen.gene_src_genus                     Clostridium 
_entity_src_gen.pdbx_gene_src_gene                 'CIPA (CIPB)' 
_entity_src_gen.gene_src_species                   ? 
_entity_src_gen.gene_src_strain                    YS 
_entity_src_gen.gene_src_tissue                    ? 
_entity_src_gen.gene_src_tissue_fraction           ? 
_entity_src_gen.gene_src_details                   ? 
_entity_src_gen.pdbx_gene_src_fragment             ? 
_entity_src_gen.pdbx_gene_src_scientific_name      'Clostridium thermocellum' 
_entity_src_gen.pdbx_gene_src_ncbi_taxonomy_id     1515 
_entity_src_gen.pdbx_gene_src_variant              ? 
_entity_src_gen.pdbx_gene_src_cell_line            ? 
_entity_src_gen.pdbx_gene_src_atcc                 27405 
_entity_src_gen.pdbx_gene_src_organ                ? 
_entity_src_gen.pdbx_gene_src_organelle            CELLULOSOME 
_entity_src_gen.pdbx_gene_src_cell                 ? 
_entity_src_gen.pdbx_gene_src_cellular_location    'EXOCELLULAR PROTUBERANCE' 
_entity_src_gen.host_org_common_name               ? 
_entity_src_gen.pdbx_host_org_scientific_name      'Escherichia coli' 
_entity_src_gen.pdbx_host_org_ncbi_taxonomy_id     562 
_entity_src_gen.host_org_genus                     Escherichia 
_entity_src_gen.pdbx_host_org_gene                 6XHIS-COH2 
_entity_src_gen.pdbx_host_org_organ                ? 
_entity_src_gen.host_org_species                   ? 
_entity_src_gen.pdbx_host_org_tissue               ? 
_entity_src_gen.pdbx_host_org_tissue_fraction      ? 
_entity_src_gen.pdbx_host_org_strain               'XL-1 BLUE' 
_entity_src_gen.pdbx_host_org_variant              ? 
_entity_src_gen.pdbx_host_org_cell_line            ? 
_entity_src_gen.pdbx_host_org_atcc                 ? 
_entity_src_gen.pdbx_host_org_culture_collection   ? 
_entity_src_gen.pdbx_host_org_cell                 ? 
_entity_src_gen.pdbx_host_org_organelle            ? 
_entity_src_gen.pdbx_host_org_cellular_location    CYTOPLASM 
_entity_src_gen.pdbx_host_org_vector_type          PLASMID 
_entity_src_gen.pdbx_host_org_vector               PQE-30 
_entity_src_gen.host_org_details                   ? 
_entity_src_gen.expression_system_id               ? 
_entity_src_gen.plasmid_name                       PQE-COH2/PREP4 
_entity_src_gen.plasmid_details                    ? 
_entity_src_gen.pdbx_description                   ? 
# 
loop_
_chem_comp.id 
_chem_comp.type 
_chem_comp.mon_nstd_flag 
_chem_comp.name 
_chem_comp.pdbx_synonyms 
_chem_comp.formula 
_chem_comp.formula_weight 
ALA 'L-peptide linking' y ALANINE         ? 'C3 H7 N O2'     89.093  
ARG 'L-peptide linking' y ARGININE        ? 'C6 H15 N4 O2 1' 175.209 
ASN 'L-peptide linking' y ASPARAGINE      ? 'C4 H8 N2 O3'    132.118 
ASP 'L-peptide linking' y 'ASPARTIC ACID' ? 'C4 H7 N O4'     133.103 
CYS 'L-peptide linking' y CYSTEINE        ? 'C3 H7 N O2 S'   121.158 
GLN 'L-peptide linking' y GLUTAMINE       ? 'C5 H10 N2 O3'   146.144 
GLU 'L-peptide linking' y 'GLUTAMIC ACID' ? 'C5 H9 N O4'     147.129 
GLY 'peptide linking'   y GLYCINE         ? 'C2 H5 N O2'     75.067  
HOH non-polymer         . WATER           ? 'H2 O'           18.015  
ILE 'L-peptide linking' y ISOLEUCINE      ? 'C6 H13 N O2'    131.173 
LEU 'L-peptide linking' y LEUCINE         ? 'C6 H13 N O2'    131.173 
LYS 'L-peptide linking' y LYSINE          ? 'C6 H15 N2 O2 1' 147.195 
PHE 'L-peptide linking' y PHENYLALANINE   ? 'C9 H11 N O2'    165.189 
PRO 'L-peptide linking' y PROLINE         ? 'C5 H9 N O2'     115.130 
SER 'L-peptide linking' y SERINE          ? 'C3 H7 N O3'     105.093 
THR 'L-peptide linking' y THREONINE       ? 'C4 H9 N O3'     119.119 
TYR 'L-peptide linking' y TYROSINE        ? 'C9 H11 N O3'    181.189 
VAL 'L-peptide linking' y VALINE          ? 'C5 H11 N O2'    117.146 
# 
loop_
_pdbx_poly_seq_scheme.asym_id 
_pdbx_poly_seq_scheme.entity_id 
_pdbx_poly_seq_scheme.seq_id 
_pdbx_poly_seq_scheme.mon_id 
_pdbx_poly_seq_scheme.ndb_seq_num 
_pdbx_poly_seq_scheme.pdb_seq_num 
_pdbx_poly_seq_scheme.auth_seq_num 
_pdbx_poly_seq_scheme.pdb_mon_id 
_pdbx_poly_seq_scheme.auth_mon_id 
_pdbx_poly_seq_scheme.pdb_strand_id 
_pdbx_poly_seq_scheme.pdb_ins_code 
_pdbx_poly_seq_scheme.hetero 
A 1 1   VAL 1   1   1   VAL VAL A . n 
A 1 2   VAL 2   2   2   VAL VAL A . n 
A 1 3   VAL 3   3   3   VAL VAL A . n 
A 1 4   GLU 4   4   4   GLU GLU A . n 
A 1 5   ILE 5   5   5   ILE ILE A . n 
A 1 6   GLY 6   6   6   GLY GLY A . n 
A 1 7   LYS 7   7   7   LYS LYS A . n 
A 1 8   VAL 8   8   8   VAL VAL A . n 
A 1 9   THR 9   9   9   THR THR A . n 
A 1 10  GLY 10  10  10  GLY GLY A . n 
A 1 11  SER 11  11  11  SER SER A . n 
A 1 12  VAL 12  12  12  VAL VAL A . n 
A 1 13  GLY 13  13  13  GLY GLY A . n 
A 1 14  THR 14  14  14  THR THR A . n 
A 1 15  THR 15  15  15  THR THR A . n 
A 1 16  VAL 16  16  16  VAL VAL A . n 
A 1 17  GLU 17  17  17  GLU GLU A . n 
A 1 18  ILE 18  18  18  ILE ILE A . n 
A 1 19  PRO 19  19  19  PRO PRO A . n 
A 1 20  VAL 20  20  20  VAL VAL A . n 
A 1 21  TYR 21  21  21  TYR TYR A . n 
A 1 22  PHE 22  22  22  PHE PHE A . n 
A 1 23  ARG 23  23  23  ARG ARG A . n 
A 1 24  GLY 24  24  24  GLY GLY A . n 
A 1 25  VAL 25  25  25  VAL VAL A . n 
A 1 26  PRO 26  26  26  PRO PRO A . n 
A 1 27  SER 27  27  27  SER SER A . n 
A 1 28  LYS 28  28  28  LYS LYS A . n 
A 1 29  GLY 29  29  29  GLY GLY A . n 
A 1 30  ILE 30  30  30  ILE ILE A . n 
A 1 31  ALA 31  31  31  ALA ALA A . n 
A 1 32  ASN 32  32  32  ASN ASN A . n 
A 1 33  CYS 33  33  33  CYS CYS A . n 
A 1 34  ASP 34  34  34  ASP ASP A . n 
A 1 35  PHE 35  35  35  PHE PHE A . n 
A 1 36  VAL 36  36  36  VAL VAL A . n 
A 1 37  PHE 37  37  37  PHE PHE A . n 
A 1 38  ARG 38  38  38  ARG ARG A . n 
A 1 39  TYR 39  39  39  TYR TYR A . n 
A 1 40  ASP 40  40  40  ASP ASP A . n 
A 1 41  PRO 41  41  41  PRO PRO A . n 
A 1 42  ASN 42  42  42  ASN ASN A . n 
A 1 43  VAL 43  43  43  VAL VAL A . n 
A 1 44  LEU 44  44  44  LEU LEU A . n 
A 1 45  GLU 45  45  45  GLU GLU A . n 
A 1 46  ILE 46  46  46  ILE ILE A . n 
A 1 47  ILE 47  47  47  ILE ILE A . n 
A 1 48  GLY 48  48  48  GLY GLY A . n 
A 1 49  ILE 49  49  49  ILE ILE A . n 
A 1 50  ASP 50  50  50  ASP ASP A . n 
A 1 51  PRO 51  51  51  PRO PRO A . n 
A 1 52  GLY 52  52  52  GLY GLY A . n 
A 1 53  ASP 53  53  53  ASP ASP A . n 
A 1 54  ILE 54  54  54  ILE ILE A . n 
A 1 55  ILE 55  55  55  ILE ILE A . n 
A 1 56  VAL 56  56  56  VAL VAL A . n 
A 1 57  ASP 57  57  57  ASP ASP A . n 
A 1 58  PRO 58  58  58  PRO PRO A . n 
A 1 59  ASN 59  59  59  ASN ASN A . n 
A 1 60  PRO 60  60  60  PRO PRO A . n 
A 1 61  THR 61  61  61  THR THR A . n 
A 1 62  LYS 62  62  62  LYS LYS A . n 
A 1 63  SER 63  63  63  SER SER A . n 
A 1 64  PHE 64  64  64  PHE PHE A . n 
A 1 65  ASP 65  65  65  ASP ASP A . n 
A 1 66  THR 66  66  66  THR THR A . n 
A 1 67  ALA 67  67  67  ALA ALA A . n 
A 1 68  ILE 68  68  68  ILE ILE A . n 
A 1 69  TYR 69  69  69  TYR TYR A . n 
A 1 70  PRO 70  70  70  PRO PRO A . n 
A 1 71  ASP 71  71  71  ASP ASP A . n 
A 1 72  ARG 72  72  72  ARG ARG A . n 
A 1 73  LYS 73  73  73  LYS LYS A . n 
A 1 74  ILE 74  74  74  ILE ILE A . n 
A 1 75  ILE 75  75  75  ILE ILE A . n 
A 1 76  VAL 76  76  76  VAL VAL A . n 
A 1 77  PHE 77  77  77  PHE PHE A . n 
A 1 78  LEU 78  78  78  LEU LEU A . n 
A 1 79  PHE 79  79  79  PHE PHE A . n 
A 1 80  ALA 80  80  80  ALA ALA A . n 
A 1 81  GLU 81  81  81  GLU GLU A . n 
A 1 82  ASP 82  82  82  ASP ASP A . n 
A 1 83  SER 83  83  83  SER SER A . n 
A 1 84  GLY 84  84  84  GLY GLY A . n 
A 1 85  THR 85  85  85  THR THR A . n 
A 1 86  GLY 86  86  86  GLY GLY A . n 
A 1 87  ALA 87  87  87  ALA ALA A . n 
A 1 88  TYR 88  88  88  TYR TYR A . n 
A 1 89  ALA 89  89  89  ALA ALA A . n 
A 1 90  ILE 90  90  90  ILE ILE A . n 
A 1 91  THR 91  91  91  THR THR A . n 
A 1 92  LYS 92  92  92  LYS LYS A . n 
A 1 93  ASP 93  93  93  ASP ASP A . n 
A 1 94  GLY 94  94  94  GLY GLY A . n 
A 1 95  VAL 95  95  95  VAL VAL A . n 
A 1 96  PHE 96  96  96  PHE PHE A . n 
A 1 97  ALA 97  97  97  ALA ALA A . n 
A 1 98  LYS 98  98  98  LYS LYS A . n 
A 1 99  ILE 99  99  99  ILE ILE A . n 
A 1 100 ARG 100 100 100 ARG ARG A . n 
A 1 101 ALA 101 101 101 ALA ALA A . n 
A 1 102 THR 102 102 102 THR THR A . n 
A 1 103 VAL 103 103 103 VAL VAL A . n 
A 1 104 LYS 104 104 104 LYS LYS A . n 
A 1 105 SER 105 105 105 SER SER A . n 
A 1 106 SER 106 106 106 SER SER A . n 
A 1 107 ALA 107 107 107 ALA ALA A . n 
A 1 108 PRO 108 108 108 PRO PRO A . n 
A 1 109 GLY 109 109 109 GLY GLY A . n 
A 1 110 TYR 110 110 110 TYR TYR A . n 
A 1 111 ILE 111 111 111 ILE ILE A . n 
A 1 112 THR 112 112 112 THR THR A . n 
A 1 113 PHE 113 113 113 PHE PHE A . n 
A 1 114 ASP 114 114 114 ASP ASP A . n 
A 1 115 GLU 115 115 115 GLU GLU A . n 
A 1 116 VAL 116 116 116 VAL VAL A . n 
A 1 117 GLY 117 117 117 GLY GLY A . n 
A 1 118 GLY 118 118 118 GLY GLY A . n 
A 1 119 PHE 119 119 119 PHE PHE A . n 
A 1 120 ALA 120 120 120 ALA ALA A . n 
A 1 121 ASP 121 121 121 ASP ASP A . n 
A 1 122 ASN 122 122 122 ASN ASN A . n 
A 1 123 ASP 123 123 123 ASP ASP A . n 
A 1 124 LEU 124 124 124 LEU LEU A . n 
A 1 125 VAL 125 125 125 VAL VAL A . n 
A 1 126 GLU 126 126 126 GLU GLU A . n 
A 1 127 GLN 127 127 127 GLN GLN A . n 
A 1 128 LYS 128 128 128 LYS LYS A . n 
A 1 129 VAL 129 129 129 VAL VAL A . n 
A 1 130 SER 130 130 130 SER SER A . n 
A 1 131 PHE 131 131 131 PHE PHE A . n 
A 1 132 ILE 132 132 132 ILE ILE A . n 
A 1 133 ASP 133 133 133 ASP ASP A . n 
A 1 134 GLY 134 134 134 GLY GLY A . n 
A 1 135 GLY 135 135 135 GLY GLY A . n 
A 1 136 VAL 136 136 136 VAL VAL A . n 
A 1 137 ASN 137 137 137 ASN ASN A . n 
A 1 138 VAL 138 138 138 VAL VAL A . n 
# 
loop_
_pdbx_nonpoly_scheme.asym_id 
_pdbx_nonpoly_scheme.entity_id 
_pdbx_nonpoly_scheme.mon_id 
_pdbx_nonpoly_scheme.ndb_seq_num 
_pdbx_nonpoly_scheme.pdb_seq_num 
_pdbx_nonpoly_scheme.auth_seq_num 
_pdbx_nonpoly_scheme.pdb_mon_id 
_pdbx_nonpoly_scheme.auth_mon_id 
_pdbx_nonpoly_scheme.pdb_strand_id 
_pdbx_nonpoly_scheme.pdb_ins_code 
B 2 HOH 1  201 201 HOH HOH A . 
B 2 HOH 2  202 202 HOH HOH A . 
B 2 HOH 3  203 203 HOH HOH A . 
B 2 HOH 4  204 204 HOH HOH A . 
B 2 HOH 5  205 205 HOH HOH A . 
B 2 HOH 6  206 206 HOH HOH A . 
B 2 HOH 7  207 207 HOH HOH A . 
B 2 HOH 8  208 208 HOH HOH A . 
B 2 HOH 9  209 209 HOH HOH A . 
B 2 HOH 10 210 210 HOH HOH A . 
B 2 HOH 11 211 211 HOH HOH A . 
B 2 HOH 12 212 212 HOH HOH A . 
B 2 HOH 13 213 213 HOH HOH A . 
B 2 HOH 14 214 214 HOH HOH A . 
B 2 HOH 15 215 215 HOH HOH A . 
B 2 HOH 16 216 216 HOH HOH A . 
B 2 HOH 17 217 217 HOH HOH A . 
B 2 HOH 18 218 218 HOH HOH A . 
B 2 HOH 19 219 219 HOH HOH A . 
B 2 HOH 20 220 220 HOH HOH A . 
B 2 HOH 21 221 221 HOH HOH A . 
B 2 HOH 22 222 222 HOH HOH A . 
B 2 HOH 23 223 223 HOH HOH A . 
B 2 HOH 24 224 224 HOH HOH A . 
# 
loop_
_software.name 
_software.classification 
_software.version 
_software.citation_id 
_software.pdbx_ordinal 
MLPHARE   phasing          .   ? 1 
X-PLOR    refinement       3.1 ? 2 
DENZO     'data reduction' .   ? 3 
SCALEPACK 'data scaling'   .   ? 4 
# 
_cell.entry_id           1ANU 
_cell.length_a           79.509 
_cell.length_b           47.862 
_cell.length_c           51.130 
_cell.angle_alpha        90.00 
_cell.angle_beta         126.77 
_cell.angle_gamma        90.00 
_cell.Z_PDB              4 
_cell.pdbx_unique_axis   ? 
# 
_symmetry.entry_id                         1ANU 
_symmetry.space_group_name_H-M             'C 1 2 1' 
_symmetry.pdbx_full_space_group_name_H-M   ? 
_symmetry.cell_setting                     ? 
_symmetry.Int_Tables_number                5 
# 
_exptl.entry_id          1ANU 
_exptl.method            'X-RAY DIFFRACTION' 
_exptl.crystals_number   3 
# 
_exptl_crystal.id                    1 
_exptl_crystal.density_meas          ? 
_exptl_crystal.density_Matthews      2.6 
_exptl_crystal.density_percent_sol   51. 
_exptl_crystal.description           ? 
# 
_exptl_crystal_grow.crystal_id      1 
_exptl_crystal_grow.method          ? 
_exptl_crystal_grow.temp            ? 
_exptl_crystal_grow.temp_details    ? 
_exptl_crystal_grow.pH              8.6 
_exptl_crystal_grow.pdbx_pH_range   ? 
_exptl_crystal_grow.pdbx_details    '28% PEG 6000, 750 MM LICL, 100 MM TRIS-HCL, PH 8.6' 
# 
_diffrn.id                     1 
_diffrn.ambient_temp           293 
_diffrn.ambient_temp_details   ? 
_diffrn.crystal_id             1 
# 
_diffrn_detector.diffrn_id              1 
_diffrn_detector.detector               'IMAGE PLATE' 
_diffrn_detector.type                   RIGAKU 
_diffrn_detector.pdbx_collection_date   1996-05 
_diffrn_detector.details                MIRRORS 
# 
_diffrn_radiation.diffrn_id                        1 
_diffrn_radiation.wavelength_id                    1 
_diffrn_radiation.pdbx_monochromatic_or_laue_m_l   M 
_diffrn_radiation.monochromator                    'NI FILTER' 
_diffrn_radiation.pdbx_diffrn_protocol             ? 
_diffrn_radiation.pdbx_scattering_type             x-ray 
# 
_diffrn_radiation_wavelength.id           1 
_diffrn_radiation_wavelength.wavelength   1.5418 
_diffrn_radiation_wavelength.wt           1.0 
# 
_diffrn_source.diffrn_id                   1 
_diffrn_source.source                      'ROTATING ANODE' 
_diffrn_source.type                        'RIGAKU FR-C' 
_diffrn_source.pdbx_synchrotron_site       ? 
_diffrn_source.pdbx_synchrotron_beamline   ? 
_diffrn_source.pdbx_wavelength             1.5418 
_diffrn_source.pdbx_wavelength_list        ? 
# 
_reflns.entry_id                     1ANU 
_reflns.observed_criterion_sigma_I   -3. 
_reflns.observed_criterion_sigma_F   ? 
_reflns.d_resolution_low             30.0 
_reflns.d_resolution_high            2.15 
_reflns.number_obs                   8276 
_reflns.number_all                   ? 
_reflns.percent_possible_obs         97.4 
_reflns.pdbx_Rmerge_I_obs            0.0710000 
_reflns.pdbx_Rsym_value              0.0710000 
_reflns.pdbx_netI_over_sigmaI        31.25 
_reflns.B_iso_Wilson_estimate        ? 
_reflns.pdbx_redundancy              5.2 
_reflns.pdbx_diffrn_id               1 
_reflns.pdbx_ordinal                 1 
# 
_reflns_shell.d_res_high             2.15 
_reflns_shell.d_res_low              2.19 
_reflns_shell.percent_possible_all   84. 
_reflns_shell.Rmerge_I_obs           0.2830000 
_reflns_shell.pdbx_Rsym_value        0.2830000 
_reflns_shell.meanI_over_sigI_obs    3.5 
_reflns_shell.pdbx_redundancy        2.5 
_reflns_shell.pdbx_diffrn_id         ? 
_reflns_shell.pdbx_ordinal           1 
# 
_refine.entry_id                                 1ANU 
_refine.ls_number_reflns_obs                     ? 
_refine.ls_number_reflns_all                     ? 
_refine.pdbx_ls_sigma_I                          ? 
_refine.pdbx_ls_sigma_F                          ? 
_refine.pdbx_data_cutoff_high_absF               ? 
_refine.pdbx_data_cutoff_low_absF                ? 
_refine.pdbx_data_cutoff_high_rms_absF           ? 
_refine.ls_d_res_low                             30.0 
_refine.ls_d_res_high                            2.15 
_refine.ls_percent_reflns_obs                    ? 
_refine.ls_R_factor_obs                          0.1970000 
_refine.ls_R_factor_all                          ? 
_refine.ls_R_factor_R_work                       0.1970000 
_refine.ls_R_factor_R_free                       0.2190000 
_refine.ls_R_factor_R_free_error                 ? 
_refine.ls_R_factor_R_free_error_details         ? 
_refine.ls_percent_reflns_R_free                 ? 
_refine.ls_number_reflns_R_free                  ? 
_refine.ls_number_parameters                     ? 
_refine.ls_number_restraints                     ? 
_refine.occupancy_min                            ? 
_refine.occupancy_max                            ? 
_refine.B_iso_mean                               ? 
_refine.aniso_B[1][1]                            ? 
_refine.aniso_B[2][2]                            ? 
_refine.aniso_B[3][3]                            ? 
_refine.aniso_B[1][2]                            ? 
_refine.aniso_B[1][3]                            ? 
_refine.aniso_B[2][3]                            ? 
_refine.solvent_model_details                    ? 
_refine.solvent_model_param_ksol                 ? 
_refine.solvent_model_param_bsol                 ? 
_refine.pdbx_ls_cross_valid_method               ? 
_refine.details                                  ? 
_refine.pdbx_starting_model                      ? 
_refine.pdbx_method_to_determine_struct          MIR 
_refine.pdbx_isotropic_thermal_model             ? 
_refine.pdbx_stereochemistry_target_values       ? 
_refine.pdbx_stereochem_target_val_spec_case     ? 
_refine.pdbx_R_Free_selection_details            ? 
_refine.pdbx_overall_ESU_R                       ? 
_refine.pdbx_overall_ESU_R_Free                  ? 
_refine.overall_SU_ML                            ? 
_refine.overall_SU_B                             ? 
_refine.pdbx_refine_id                           'X-RAY DIFFRACTION' 
_refine.pdbx_diffrn_id                           1 
_refine.pdbx_TLS_residual_ADP_flag               ? 
_refine.correlation_coeff_Fo_to_Fc               ? 
_refine.correlation_coeff_Fo_to_Fc_free          ? 
_refine.pdbx_solvent_vdw_probe_radii             ? 
_refine.pdbx_solvent_ion_probe_radii             ? 
_refine.pdbx_solvent_shrinkage_radii             ? 
_refine.pdbx_overall_phase_error                 ? 
_refine.overall_SU_R_Cruickshank_DPI             ? 
_refine.pdbx_overall_SU_R_free_Cruickshank_DPI   ? 
_refine.pdbx_overall_SU_R_Blow_DPI               ? 
_refine.pdbx_overall_SU_R_free_Blow_DPI          ? 
# 
_refine_hist.pdbx_refine_id                   'X-RAY DIFFRACTION' 
_refine_hist.cycle_id                         LAST 
_refine_hist.pdbx_number_atoms_protein        1324 
_refine_hist.pdbx_number_atoms_nucleic_acid   0 
_refine_hist.pdbx_number_atoms_ligand         0 
_refine_hist.number_atoms_solvent             24 
_refine_hist.number_atoms_total               1348 
_refine_hist.d_res_high                       2.15 
_refine_hist.d_res_low                        30.0 
# 
loop_
_refine_ls_restr.type 
_refine_ls_restr.dev_ideal 
_refine_ls_restr.dev_ideal_target 
_refine_ls_restr.weight 
_refine_ls_restr.number 
_refine_ls_restr.pdbx_refine_id 
_refine_ls_restr.pdbx_restraint_function 
x_bond_d                0.007 ? ? ? 'X-RAY DIFFRACTION' ? 
x_bond_d_na             ?     ? ? ? 'X-RAY DIFFRACTION' ? 
x_bond_d_prot           ?     ? ? ? 'X-RAY DIFFRACTION' ? 
x_angle_d               ?     ? ? ? 'X-RAY DIFFRACTION' ? 
x_angle_d_na            ?     ? ? ? 'X-RAY DIFFRACTION' ? 
x_angle_d_prot          ?     ? ? ? 'X-RAY DIFFRACTION' ? 
x_angle_deg             1.467 ? ? ? 'X-RAY DIFFRACTION' ? 
x_angle_deg_na          ?     ? ? ? 'X-RAY DIFFRACTION' ? 
x_angle_deg_prot        ?     ? ? ? 'X-RAY DIFFRACTION' ? 
x_dihedral_angle_d      26.34 ? ? ? 'X-RAY DIFFRACTION' ? 
x_dihedral_angle_d_na   ?     ? ? ? 'X-RAY DIFFRACTION' ? 
x_dihedral_angle_d_prot ?     ? ? ? 'X-RAY DIFFRACTION' ? 
x_improper_angle_d      1.056 ? ? ? 'X-RAY DIFFRACTION' ? 
x_improper_angle_d_na   ?     ? ? ? 'X-RAY DIFFRACTION' ? 
x_improper_angle_d_prot ?     ? ? ? 'X-RAY DIFFRACTION' ? 
x_mcbond_it             ?     ? ? ? 'X-RAY DIFFRACTION' ? 
x_mcangle_it            ?     ? ? ? 'X-RAY DIFFRACTION' ? 
x_scbond_it             ?     ? ? ? 'X-RAY DIFFRACTION' ? 
x_scangle_it            ?     ? ? ? 'X-RAY DIFFRACTION' ? 
# 
_refine_ls_shell.pdbx_total_number_of_bins_used   ? 
_refine_ls_shell.d_res_high                       2.15 
_refine_ls_shell.d_res_low                        ? 
_refine_ls_shell.number_reflns_R_work             ? 
_refine_ls_shell.R_factor_R_work                  0.3510000 
_refine_ls_shell.percent_reflns_obs               ? 
_refine_ls_shell.R_factor_R_free                  0.3690000 
_refine_ls_shell.R_factor_R_free_error            ? 
_refine_ls_shell.percent_reflns_R_free            ? 
_refine_ls_shell.number_reflns_R_free             ? 
_refine_ls_shell.pdbx_refine_id                   'X-RAY DIFFRACTION' 
_refine_ls_shell.number_reflns_all                ? 
_refine_ls_shell.R_factor_all                     ? 
# 
_struct.entry_id                  1ANU 
_struct.title                     'COHESIN-2 DOMAIN OF THE CELLULOSOME FROM CLOSTRIDIUM THERMOCELLUM' 
_struct.pdbx_model_details        ? 
_struct.pdbx_CASP_flag            ? 
_struct.pdbx_model_type_details   ? 
# 
_struct_keywords.entry_id        1ANU 
_struct_keywords.pdbx_keywords   COHESIN 
_struct_keywords.text            'COHESIN, SCAFFOLDING, CELLULOSE DIGESTION, BETA SANDWICH, THERMOPHILE' 
# 
loop_
_struct_asym.id 
_struct_asym.pdbx_blank_PDB_chainid_flag 
_struct_asym.pdbx_modified 
_struct_asym.entity_id 
_struct_asym.details 
A N N 1 ? 
B N N 2 ? 
# 
_struct_ref.id                         1 
_struct_ref.db_name                    UNP 
_struct_ref.db_code                    CIPA_CLOTM 
_struct_ref.entity_id                  1 
_struct_ref.pdbx_db_accession          Q06851 
_struct_ref.pdbx_align_begin           1 
_struct_ref.pdbx_seq_one_letter_code   
;MRKVISMLLVVAMLTTIFAAMIPQTVSAATMTVEIGKVTAAVGSKVEIPITLKGVPSKGMANCDFVLGYDPNVLEVTEVK
PGSIIKDPDPSKSFDSAIYPDRKMIVFLFAEDSGRGTYAITQDGVFATIVATVKSAAAAPITLLEVGAFADNDLVEISTT
FVAGGVNLGSSVPTTQPNVPSDGVVVEIGKVTGSVGTTVEIPVYFRGVPSKGIANCDFVFRYDPNVLEIIGIDPGDIIVD
PNPTKSFDTAIYPDRKIIVFLFAEDSGTGAYAITKDGVFAKIRATVKSSAPGYITFDEVGGFADNDLVEQKVSFIDGGVN
VGNATPTKGATPTNTATPTKSATATPTRPSVPTNTPTNTPANTPVSGNLKVEFYNSNPSDTTNSINPQFKVTNTGSSAID
LSKLTLRYYYTVDGQKDQTFWCDHAAIIGSNGSYNGITSNVKGTFVKMSSSTNNADTYLEISFTGGTLEPGAHVQIQGRF
AKNDWSNYTQSNDYSFKSASQFVEWDQVTAYLNGVLVWGKEPGGSVVPSTQPVTTPPATTKPPATTKPPATTIPPSDDPN
AIKIKVDTVNAKPGDTVNIPVRFSGIPSKGIANCDFVYSYDPNVLEIIEIKPGELIVDPNPDKSFDTAVYPDRKIIVFLF
AEDSGTGAYAITKDGVFATIVAKVKSGAPNGLSVIKFVEVGGFANNDLVEQRTQFFDGGVNVGDTTVPTTPTTPVTTPTD
DSNAVRIKVDTVNAKPGDTVRIPVRFSGIPSKGIANCDFVYSYDPNVLEIIEIEPGDIIVDPNPDKSFDTAVYPDRKIIV
FLFAEDSGTGAYAITKDGVFATIVAKVKSGAPNGLSVIKFVEVGGFANNDLVEQKTQFFDGGVNVGDTTEPATPTTPVTT
PTTTDDLDAVRIKVDTVNAKPGDTVRIPVRFSGIPSKGIANCDFVYSYDPNVLEIIEIEPGDIIVDPNPDKSFDTAVYPD
RKIIVFLFAEDSGTGAYAITKDGVFATIVAKVKSGAPNGLSVIKFVEVGGFANNDLVEQKTQFFDGGVNVGDTTEPATPT
TPVTTPTTTDDLDAVRIKVDTVNAKPGDTVRIPVRFSGIPSKGIANCDFVYSYDPNVLEIIEIEPGDIIVDPNPDKSFDT
AVYPDRKIIVFLFAEDSGTGAYAITKDGVFATIVAKVKEGAPNGLSVIKFVEVGGFANNDLVEQKTQFFDGGVNVGDTTE
PATPTTPVTTPTTTDDLDAVRIKVDTVNAKPGDTVRIPVRFSGIPSKGIANCDFVYSYDPNVLEIIEIEPGELIVDPNPT
KSFDTAVYPDRKMIVFLFAEDSGTGAYAITEDGVFATIVAKVKSGAPNGLSVIKFVEVGGFANNDLVEQKTQFFDGGVNV
GDTTEPATPTTPVTTPTTTDDLDAVRIKVDTVNAKPGDTVRIPVRFSGIPSKGIANCDFVYSYDPNVLEIIEIEPGDIIV
DPNPDKSFDTAVYPDRKIIVFLFAEDSGTGAYAITKDGVFATIVAKVKEGAPNGLSVIKFVEVGGFANNDLVEQKTQFFD
GGVNVGDTTVPTTSPTTTPPEPTITPNKLTLKIGRAEGRPGDTVEIPVNLYGVPQKGIASGDFVVSYDPNVLEIIEIEPG
ELIVDPNPTKSFDTAVYPDRKMIVFLFAEDSGTGAYAITEDGVFATIVAKVKEGAPEGFSAIEISEFGAFADNDLVEVET
DLINGGVLVTNKPVIEGYKVSGYILPDFSFDATVAPLVKAGFKVEIVGTELYAVTDANGYFEITGVPANASGYTLKISRA
TYLDRVIANVVVTGDTSVSTSQAPIMMWVGDIVKDNSINLLDVAEVIRCFNATKGSANYVEELDINRNGAINMQDIMIVH
KHFGATSSDYDAQ
;
_struct_ref.pdbx_db_isoform            ? 
# 
_struct_ref_seq.align_id                      1 
_struct_ref_seq.ref_id                        1 
_struct_ref_seq.pdbx_PDB_id_code              1ANU 
_struct_ref_seq.pdbx_strand_id                A 
_struct_ref_seq.seq_align_beg                 1 
_struct_ref_seq.pdbx_seq_align_beg_ins_code   ? 
_struct_ref_seq.seq_align_end                 138 
_struct_ref_seq.pdbx_seq_align_end_ins_code   ? 
_struct_ref_seq.pdbx_db_accession             Q06851 
_struct_ref_seq.db_align_beg                  184 
_struct_ref_seq.pdbx_db_align_beg_ins_code    ? 
_struct_ref_seq.db_align_end                  321 
_struct_ref_seq.pdbx_db_align_end_ins_code    ? 
_struct_ref_seq.pdbx_auth_seq_align_beg       1 
_struct_ref_seq.pdbx_auth_seq_align_end       138 
# 
_pdbx_struct_assembly.id                   1 
_pdbx_struct_assembly.details              author_defined_assembly 
_pdbx_struct_assembly.method_details       ? 
_pdbx_struct_assembly.oligomeric_details   dimeric 
_pdbx_struct_assembly.oligomeric_count     2 
# 
_pdbx_struct_assembly_gen.assembly_id       1 
_pdbx_struct_assembly_gen.oper_expression   1,2 
_pdbx_struct_assembly_gen.asym_id_list      A,B 
# 
loop_
_pdbx_struct_oper_list.id 
_pdbx_struct_oper_list.type 
_pdbx_struct_oper_list.name 
_pdbx_struct_oper_list.symmetry_operation 
_pdbx_struct_oper_list.matrix[1][1] 
_pdbx_struct_oper_list.matrix[1][2] 
_pdbx_struct_oper_list.matrix[1][3] 
_pdbx_struct_oper_list.vector[1] 
_pdbx_struct_oper_list.matrix[2][1] 
_pdbx_struct_oper_list.matrix[2][2] 
_pdbx_struct_oper_list.matrix[2][3] 
_pdbx_struct_oper_list.vector[2] 
_pdbx_struct_oper_list.matrix[3][1] 
_pdbx_struct_oper_list.matrix[3][2] 
_pdbx_struct_oper_list.matrix[3][3] 
_pdbx_struct_oper_list.vector[3] 
1 'identity operation'         1_555 x,y,z       1.0000000000 0.0000000000 0.0000000000 0.0000000000   0.0000000000 1.0000000000  0.0000000000 0.0000000000 0.0000000000 0.0000000000 1.0000000000  0.0000000000  
2 'crystal symmetry operation' 2_656 -x+1,y,-z+1 0.1358035436 0.0337662893 0.9901602069 -15.7465791288 0.0337662893 -0.9989961624 0.0294364604 6.1681819692 0.9901602069 0.0294364604 -0.1368073811 17.8524077557 
# 
_struct_biol.id   1 
# 
_struct_conf.conf_type_id            HELX_P 
_struct_conf.id                      HELX_P1 
_struct_conf.pdbx_PDB_helix_id       1 
_struct_conf.beg_label_comp_id       PRO 
_struct_conf.beg_label_asym_id       A 
_struct_conf.beg_label_seq_id        60 
_struct_conf.pdbx_beg_PDB_ins_code   ? 
_struct_conf.end_label_comp_id       SER 
_struct_conf.end_label_asym_id       A 
_struct_conf.end_label_seq_id        63 
_struct_conf.pdbx_end_PDB_ins_code   ? 
_struct_conf.beg_auth_comp_id        PRO 
_struct_conf.beg_auth_asym_id        A 
_struct_conf.beg_auth_seq_id         60 
_struct_conf.end_auth_comp_id        SER 
_struct_conf.end_auth_asym_id        A 
_struct_conf.end_auth_seq_id         63 
_struct_conf.pdbx_PDB_helix_class    1 
_struct_conf.details                 ? 
_struct_conf.pdbx_PDB_helix_length   4 
# 
_struct_conf_type.id          HELX_P 
_struct_conf_type.criteria    ? 
_struct_conf_type.reference   ? 
# 
loop_
_struct_sheet.id 
_struct_sheet.type 
_struct_sheet.number_strands 
_struct_sheet.details 
A ? 5 ? 
B ? 4 ? 
C ? 2 ? 
D ? 2 ? 
# 
loop_
_struct_sheet_order.sheet_id 
_struct_sheet_order.range_id_1 
_struct_sheet_order.range_id_2 
_struct_sheet_order.offset 
_struct_sheet_order.sense 
A 1 2 ? parallel      
A 2 3 ? anti-parallel 
A 3 4 ? anti-parallel 
A 4 5 ? anti-parallel 
B 1 2 ? anti-parallel 
B 2 3 ? anti-parallel 
B 3 4 ? anti-parallel 
C 1 2 ? anti-parallel 
D 1 2 ? anti-parallel 
# 
loop_
_struct_sheet_range.sheet_id 
_struct_sheet_range.id 
_struct_sheet_range.beg_label_comp_id 
_struct_sheet_range.beg_label_asym_id 
_struct_sheet_range.beg_label_seq_id 
_struct_sheet_range.pdbx_beg_PDB_ins_code 
_struct_sheet_range.end_label_comp_id 
_struct_sheet_range.end_label_asym_id 
_struct_sheet_range.end_label_seq_id 
_struct_sheet_range.pdbx_end_PDB_ins_code 
_struct_sheet_range.beg_auth_comp_id 
_struct_sheet_range.beg_auth_asym_id 
_struct_sheet_range.beg_auth_seq_id 
_struct_sheet_range.end_auth_comp_id 
_struct_sheet_range.end_auth_asym_id 
_struct_sheet_range.end_auth_seq_id 
A 1 SER A 130 ? ILE A 132 ? SER A 130 ILE A 132 
A 2 VAL A 2   ? ILE A 5   ? VAL A 2   ILE A 5   
A 3 THR A 15  ? ARG A 23  ? THR A 15  ARG A 23  
A 4 GLY A 94  ? VAL A 103 ? GLY A 94  VAL A 103 
A 5 LEU A 44  ? PRO A 51  ? LEU A 44  PRO A 51  
B 1 PHE A 64  ? TYR A 69  ? PHE A 64  TYR A 69  
B 2 ILE A 74  ? ALA A 80  ? ILE A 74  ALA A 80  
B 3 ILE A 30  ? ARG A 38  ? ILE A 30  ARG A 38  
B 4 PHE A 119 ? ASP A 121 ? PHE A 119 ASP A 121 
C 1 GLY A 109 ? ILE A 111 ? GLY A 109 ILE A 111 
C 2 GLY A 134 ? VAL A 136 ? GLY A 134 VAL A 136 
D 1 PHE A 35  ? ARG A 38  ? PHE A 35  ARG A 38  
D 2 THR A 112 ? VAL A 116 ? THR A 112 VAL A 116 
# 
loop_
_pdbx_struct_sheet_hbond.sheet_id 
_pdbx_struct_sheet_hbond.range_id_1 
_pdbx_struct_sheet_hbond.range_id_2 
_pdbx_struct_sheet_hbond.range_1_label_atom_id 
_pdbx_struct_sheet_hbond.range_1_label_comp_id 
_pdbx_struct_sheet_hbond.range_1_label_asym_id 
_pdbx_struct_sheet_hbond.range_1_label_seq_id 
_pdbx_struct_sheet_hbond.range_1_PDB_ins_code 
_pdbx_struct_sheet_hbond.range_1_auth_atom_id 
_pdbx_struct_sheet_hbond.range_1_auth_comp_id 
_pdbx_struct_sheet_hbond.range_1_auth_asym_id 
_pdbx_struct_sheet_hbond.range_1_auth_seq_id 
_pdbx_struct_sheet_hbond.range_2_label_atom_id 
_pdbx_struct_sheet_hbond.range_2_label_comp_id 
_pdbx_struct_sheet_hbond.range_2_label_asym_id 
_pdbx_struct_sheet_hbond.range_2_label_seq_id 
_pdbx_struct_sheet_hbond.range_2_PDB_ins_code 
_pdbx_struct_sheet_hbond.range_2_auth_atom_id 
_pdbx_struct_sheet_hbond.range_2_auth_comp_id 
_pdbx_struct_sheet_hbond.range_2_auth_asym_id 
_pdbx_struct_sheet_hbond.range_2_auth_seq_id 
A 1 2 O SER A 130 ? O SER A 130 N VAL A 3   ? N VAL A 3   
A 2 3 O VAL A 2   ? O VAL A 2   N ARG A 23  ? N ARG A 23  
A 3 4 O VAL A 16  ? O VAL A 16  N ALA A 101 ? N ALA A 101 
A 4 5 O LYS A 98  ? O LYS A 98  N ASP A 50  ? N ASP A 50  
B 1 2 O ASP A 65  ? O ASP A 65  N LEU A 78  ? N LEU A 78  
B 2 3 O ILE A 75  ? O ILE A 75  N PHE A 37  ? N PHE A 37  
B 3 4 O ALA A 31  ? O ALA A 31  N ALA A 120 ? N ALA A 120 
C 1 2 O GLY A 109 ? O GLY A 109 N VAL A 136 ? N VAL A 136 
D 1 2 O VAL A 36  ? O VAL A 36  N GLU A 115 ? N GLU A 115 
# 
loop_
_pdbx_validate_torsion.id 
_pdbx_validate_torsion.PDB_model_num 
_pdbx_validate_torsion.auth_comp_id 
_pdbx_validate_torsion.auth_asym_id 
_pdbx_validate_torsion.auth_seq_id 
_pdbx_validate_torsion.PDB_ins_code 
_pdbx_validate_torsion.label_alt_id 
_pdbx_validate_torsion.phi 
_pdbx_validate_torsion.psi 
1 1 GLU A 81  ? ? -41.63  106.93 
2 1 PHE A 119 ? ? -171.20 88.42  
# 
loop_
_chem_comp_atom.comp_id 
_chem_comp_atom.atom_id 
_chem_comp_atom.type_symbol 
_chem_comp_atom.pdbx_aromatic_flag 
_chem_comp_atom.pdbx_stereo_config 
_chem_comp_atom.pdbx_ordinal 
ALA N    N N N 1   
ALA CA   C N S 2   
ALA C    C N N 3   
ALA O    O N N 4   
ALA CB   C N N 5   
ALA OXT  O N N 6   
ALA H    H N N 7   
ALA H2   H N N 8   
ALA HA   H N N 9   
ALA HB1  H N N 10  
ALA HB2  H N N 11  
ALA HB3  H N N 12  
ALA HXT  H N N 13  
ARG N    N N N 14  
ARG CA   C N S 15  
ARG C    C N N 16  
ARG O    O N N 17  
ARG CB   C N N 18  
ARG CG   C N N 19  
ARG CD   C N N 20  
ARG NE   N N N 21  
ARG CZ   C N N 22  
ARG NH1  N N N 23  
ARG NH2  N N N 24  
ARG OXT  O N N 25  
ARG H    H N N 26  
ARG H2   H N N 27  
ARG HA   H N N 28  
ARG HB2  H N N 29  
ARG HB3  H N N 30  
ARG HG2  H N N 31  
ARG HG3  H N N 32  
ARG HD2  H N N 33  
ARG HD3  H N N 34  
ARG HE   H N N 35  
ARG HH11 H N N 36  
ARG HH12 H N N 37  
ARG HH21 H N N 38  
ARG HH22 H N N 39  
ARG HXT  H N N 40  
ASN N    N N N 41  
ASN CA   C N S 42  
ASN C    C N N 43  
ASN O    O N N 44  
ASN CB   C N N 45  
ASN CG   C N N 46  
ASN OD1  O N N 47  
ASN ND2  N N N 48  
ASN OXT  O N N 49  
ASN H    H N N 50  
ASN H2   H N N 51  
ASN HA   H N N 52  
ASN HB2  H N N 53  
ASN HB3  H N N 54  
ASN HD21 H N N 55  
ASN HD22 H N N 56  
ASN HXT  H N N 57  
ASP N    N N N 58  
ASP CA   C N S 59  
ASP C    C N N 60  
ASP O    O N N 61  
ASP CB   C N N 62  
ASP CG   C N N 63  
ASP OD1  O N N 64  
ASP OD2  O N N 65  
ASP OXT  O N N 66  
ASP H    H N N 67  
ASP H2   H N N 68  
ASP HA   H N N 69  
ASP HB2  H N N 70  
ASP HB3  H N N 71  
ASP HD2  H N N 72  
ASP HXT  H N N 73  
CYS N    N N N 74  
CYS CA   C N R 75  
CYS C    C N N 76  
CYS O    O N N 77  
CYS CB   C N N 78  
CYS SG   S N N 79  
CYS OXT  O N N 80  
CYS H    H N N 81  
CYS H2   H N N 82  
CYS HA   H N N 83  
CYS HB2  H N N 84  
CYS HB3  H N N 85  
CYS HG   H N N 86  
CYS HXT  H N N 87  
GLN N    N N N 88  
GLN CA   C N S 89  
GLN C    C N N 90  
GLN O    O N N 91  
GLN CB   C N N 92  
GLN CG   C N N 93  
GLN CD   C N N 94  
GLN OE1  O N N 95  
GLN NE2  N N N 96  
GLN OXT  O N N 97  
GLN H    H N N 98  
GLN H2   H N N 99  
GLN HA   H N N 100 
GLN HB2  H N N 101 
GLN HB3  H N N 102 
GLN HG2  H N N 103 
GLN HG3  H N N 104 
GLN HE21 H N N 105 
GLN HE22 H N N 106 
GLN HXT  H N N 107 
GLU N    N N N 108 
GLU CA   C N S 109 
GLU C    C N N 110 
GLU O    O N N 111 
GLU CB   C N N 112 
GLU CG   C N N 113 
GLU CD   C N N 114 
GLU OE1  O N N 115 
GLU OE2  O N N 116 
GLU OXT  O N N 117 
GLU H    H N N 118 
GLU H2   H N N 119 
GLU HA   H N N 120 
GLU HB2  H N N 121 
GLU HB3  H N N 122 
GLU HG2  H N N 123 
GLU HG3  H N N 124 
GLU HE2  H N N 125 
GLU HXT  H N N 126 
GLY N    N N N 127 
GLY CA   C N N 128 
GLY C    C N N 129 
GLY O    O N N 130 
GLY OXT  O N N 131 
GLY H    H N N 132 
GLY H2   H N N 133 
GLY HA2  H N N 134 
GLY HA3  H N N 135 
GLY HXT  H N N 136 
HOH O    O N N 137 
HOH H1   H N N 138 
HOH H2   H N N 139 
ILE N    N N N 140 
ILE CA   C N S 141 
ILE C    C N N 142 
ILE O    O N N 143 
ILE CB   C N S 144 
ILE CG1  C N N 145 
ILE CG2  C N N 146 
ILE CD1  C N N 147 
ILE OXT  O N N 148 
ILE H    H N N 149 
ILE H2   H N N 150 
ILE HA   H N N 151 
ILE HB   H N N 152 
ILE HG12 H N N 153 
ILE HG13 H N N 154 
ILE HG21 H N N 155 
ILE HG22 H N N 156 
ILE HG23 H N N 157 
ILE HD11 H N N 158 
ILE HD12 H N N 159 
ILE HD13 H N N 160 
ILE HXT  H N N 161 
LEU N    N N N 162 
LEU CA   C N S 163 
LEU C    C N N 164 
LEU O    O N N 165 
LEU CB   C N N 166 
LEU CG   C N N 167 
LEU CD1  C N N 168 
LEU CD2  C N N 169 
LEU OXT  O N N 170 
LEU H    H N N 171 
LEU H2   H N N 172 
LEU HA   H N N 173 
LEU HB2  H N N 174 
LEU HB3  H N N 175 
LEU HG   H N N 176 
LEU HD11 H N N 177 
LEU HD12 H N N 178 
LEU HD13 H N N 179 
LEU HD21 H N N 180 
LEU HD22 H N N 181 
LEU HD23 H N N 182 
LEU HXT  H N N 183 
LYS N    N N N 184 
LYS CA   C N S 185 
LYS C    C N N 186 
LYS O    O N N 187 
LYS CB   C N N 188 
LYS CG   C N N 189 
LYS CD   C N N 190 
LYS CE   C N N 191 
LYS NZ   N N N 192 
LYS OXT  O N N 193 
LYS H    H N N 194 
LYS H2   H N N 195 
LYS HA   H N N 196 
LYS HB2  H N N 197 
LYS HB3  H N N 198 
LYS HG2  H N N 199 
LYS HG3  H N N 200 
LYS HD2  H N N 201 
LYS HD3  H N N 202 
LYS HE2  H N N 203 
LYS HE3  H N N 204 
LYS HZ1  H N N 205 
LYS HZ2  H N N 206 
LYS HZ3  H N N 207 
LYS HXT  H N N 208 
PHE N    N N N 209 
PHE CA   C N S 210 
PHE C    C N N 211 
PHE O    O N N 212 
PHE CB   C N N 213 
PHE CG   C Y N 214 
PHE CD1  C Y N 215 
PHE CD2  C Y N 216 
PHE CE1  C Y N 217 
PHE CE2  C Y N 218 
PHE CZ   C Y N 219 
PHE OXT  O N N 220 
PHE H    H N N 221 
PHE H2   H N N 222 
PHE HA   H N N 223 
PHE HB2  H N N 224 
PHE HB3  H N N 225 
PHE HD1  H N N 226 
PHE HD2  H N N 227 
PHE HE1  H N N 228 
PHE HE2  H N N 229 
PHE HZ   H N N 230 
PHE HXT  H N N 231 
PRO N    N N N 232 
PRO CA   C N S 233 
PRO C    C N N 234 
PRO O    O N N 235 
PRO CB   C N N 236 
PRO CG   C N N 237 
PRO CD   C N N 238 
PRO OXT  O N N 239 
PRO H    H N N 240 
PRO HA   H N N 241 
PRO HB2  H N N 242 
PRO HB3  H N N 243 
PRO HG2  H N N 244 
PRO HG3  H N N 245 
PRO HD2  H N N 246 
PRO HD3  H N N 247 
PRO HXT  H N N 248 
SER N    N N N 249 
SER CA   C N S 250 
SER C    C N N 251 
SER O    O N N 252 
SER CB   C N N 253 
SER OG   O N N 254 
SER OXT  O N N 255 
SER H    H N N 256 
SER H2   H N N 257 
SER HA   H N N 258 
SER HB2  H N N 259 
SER HB3  H N N 260 
SER HG   H N N 261 
SER HXT  H N N 262 
THR N    N N N 263 
THR CA   C N S 264 
THR C    C N N 265 
THR O    O N N 266 
THR CB   C N R 267 
THR OG1  O N N 268 
THR CG2  C N N 269 
THR OXT  O N N 270 
THR H    H N N 271 
THR H2   H N N 272 
THR HA   H N N 273 
THR HB   H N N 274 
THR HG1  H N N 275 
THR HG21 H N N 276 
THR HG22 H N N 277 
THR HG23 H N N 278 
THR HXT  H N N 279 
TYR N    N N N 280 
TYR CA   C N S 281 
TYR C    C N N 282 
TYR O    O N N 283 
TYR CB   C N N 284 
TYR CG   C Y N 285 
TYR CD1  C Y N 286 
TYR CD2  C Y N 287 
TYR CE1  C Y N 288 
TYR CE2  C Y N 289 
TYR CZ   C Y N 290 
TYR OH   O N N 291 
TYR OXT  O N N 292 
TYR H    H N N 293 
TYR H2   H N N 294 
TYR HA   H N N 295 
TYR HB2  H N N 296 
TYR HB3  H N N 297 
TYR HD1  H N N 298 
TYR HD2  H N N 299 
TYR HE1  H N N 300 
TYR HE2  H N N 301 
TYR HH   H N N 302 
TYR HXT  H N N 303 
VAL N    N N N 304 
VAL CA   C N S 305 
VAL C    C N N 306 
VAL O    O N N 307 
VAL CB   C N N 308 
VAL CG1  C N N 309 
VAL CG2  C N N 310 
VAL OXT  O N N 311 
VAL H    H N N 312 
VAL H2   H N N 313 
VAL HA   H N N 314 
VAL HB   H N N 315 
VAL HG11 H N N 316 
VAL HG12 H N N 317 
VAL HG13 H N N 318 
VAL HG21 H N N 319 
VAL HG22 H N N 320 
VAL HG23 H N N 321 
VAL HXT  H N N 322 
# 
loop_
_chem_comp_bond.comp_id 
_chem_comp_bond.atom_id_1 
_chem_comp_bond.atom_id_2 
_chem_comp_bond.value_order 
_chem_comp_bond.pdbx_aromatic_flag 
_chem_comp_bond.pdbx_stereo_config 
_chem_comp_bond.pdbx_ordinal 
ALA N   CA   sing N N 1   
ALA N   H    sing N N 2   
ALA N   H2   sing N N 3   
ALA CA  C    sing N N 4   
ALA CA  CB   sing N N 5   
ALA CA  HA   sing N N 6   
ALA C   O    doub N N 7   
ALA C   OXT  sing N N 8   
ALA CB  HB1  sing N N 9   
ALA CB  HB2  sing N N 10  
ALA CB  HB3  sing N N 11  
ALA OXT HXT  sing N N 12  
ARG N   CA   sing N N 13  
ARG N   H    sing N N 14  
ARG N   H2   sing N N 15  
ARG CA  C    sing N N 16  
ARG CA  CB   sing N N 17  
ARG CA  HA   sing N N 18  
ARG C   O    doub N N 19  
ARG C   OXT  sing N N 20  
ARG CB  CG   sing N N 21  
ARG CB  HB2  sing N N 22  
ARG CB  HB3  sing N N 23  
ARG CG  CD   sing N N 24  
ARG CG  HG2  sing N N 25  
ARG CG  HG3  sing N N 26  
ARG CD  NE   sing N N 27  
ARG CD  HD2  sing N N 28  
ARG CD  HD3  sing N N 29  
ARG NE  CZ   sing N N 30  
ARG NE  HE   sing N N 31  
ARG CZ  NH1  sing N N 32  
ARG CZ  NH2  doub N N 33  
ARG NH1 HH11 sing N N 34  
ARG NH1 HH12 sing N N 35  
ARG NH2 HH21 sing N N 36  
ARG NH2 HH22 sing N N 37  
ARG OXT HXT  sing N N 38  
ASN N   CA   sing N N 39  
ASN N   H    sing N N 40  
ASN N   H2   sing N N 41  
ASN CA  C    sing N N 42  
ASN CA  CB   sing N N 43  
ASN CA  HA   sing N N 44  
ASN C   O    doub N N 45  
ASN C   OXT  sing N N 46  
ASN CB  CG   sing N N 47  
ASN CB  HB2  sing N N 48  
ASN CB  HB3  sing N N 49  
ASN CG  OD1  doub N N 50  
ASN CG  ND2  sing N N 51  
ASN ND2 HD21 sing N N 52  
ASN ND2 HD22 sing N N 53  
ASN OXT HXT  sing N N 54  
ASP N   CA   sing N N 55  
ASP N   H    sing N N 56  
ASP N   H2   sing N N 57  
ASP CA  C    sing N N 58  
ASP CA  CB   sing N N 59  
ASP CA  HA   sing N N 60  
ASP C   O    doub N N 61  
ASP C   OXT  sing N N 62  
ASP CB  CG   sing N N 63  
ASP CB  HB2  sing N N 64  
ASP CB  HB3  sing N N 65  
ASP CG  OD1  doub N N 66  
ASP CG  OD2  sing N N 67  
ASP OD2 HD2  sing N N 68  
ASP OXT HXT  sing N N 69  
CYS N   CA   sing N N 70  
CYS N   H    sing N N 71  
CYS N   H2   sing N N 72  
CYS CA  C    sing N N 73  
CYS CA  CB   sing N N 74  
CYS CA  HA   sing N N 75  
CYS C   O    doub N N 76  
CYS C   OXT  sing N N 77  
CYS CB  SG   sing N N 78  
CYS CB  HB2  sing N N 79  
CYS CB  HB3  sing N N 80  
CYS SG  HG   sing N N 81  
CYS OXT HXT  sing N N 82  
GLN N   CA   sing N N 83  
GLN N   H    sing N N 84  
GLN N   H2   sing N N 85  
GLN CA  C    sing N N 86  
GLN CA  CB   sing N N 87  
GLN CA  HA   sing N N 88  
GLN C   O    doub N N 89  
GLN C   OXT  sing N N 90  
GLN CB  CG   sing N N 91  
GLN CB  HB2  sing N N 92  
GLN CB  HB3  sing N N 93  
GLN CG  CD   sing N N 94  
GLN CG  HG2  sing N N 95  
GLN CG  HG3  sing N N 96  
GLN CD  OE1  doub N N 97  
GLN CD  NE2  sing N N 98  
GLN NE2 HE21 sing N N 99  
GLN NE2 HE22 sing N N 100 
GLN OXT HXT  sing N N 101 
GLU N   CA   sing N N 102 
GLU N   H    sing N N 103 
GLU N   H2   sing N N 104 
GLU CA  C    sing N N 105 
GLU CA  CB   sing N N 106 
GLU CA  HA   sing N N 107 
GLU C   O    doub N N 108 
GLU C   OXT  sing N N 109 
GLU CB  CG   sing N N 110 
GLU CB  HB2  sing N N 111 
GLU CB  HB3  sing N N 112 
GLU CG  CD   sing N N 113 
GLU CG  HG2  sing N N 114 
GLU CG  HG3  sing N N 115 
GLU CD  OE1  doub N N 116 
GLU CD  OE2  sing N N 117 
GLU OE2 HE2  sing N N 118 
GLU OXT HXT  sing N N 119 
GLY N   CA   sing N N 120 
GLY N   H    sing N N 121 
GLY N   H2   sing N N 122 
GLY CA  C    sing N N 123 
GLY CA  HA2  sing N N 124 
GLY CA  HA3  sing N N 125 
GLY C   O    doub N N 126 
GLY C   OXT  sing N N 127 
GLY OXT HXT  sing N N 128 
HOH O   H1   sing N N 129 
HOH O   H2   sing N N 130 
ILE N   CA   sing N N 131 
ILE N   H    sing N N 132 
ILE N   H2   sing N N 133 
ILE CA  C    sing N N 134 
ILE CA  CB   sing N N 135 
ILE CA  HA   sing N N 136 
ILE C   O    doub N N 137 
ILE C   OXT  sing N N 138 
ILE CB  CG1  sing N N 139 
ILE CB  CG2  sing N N 140 
ILE CB  HB   sing N N 141 
ILE CG1 CD1  sing N N 142 
ILE CG1 HG12 sing N N 143 
ILE CG1 HG13 sing N N 144 
ILE CG2 HG21 sing N N 145 
ILE CG2 HG22 sing N N 146 
ILE CG2 HG23 sing N N 147 
ILE CD1 HD11 sing N N 148 
ILE CD1 HD12 sing N N 149 
ILE CD1 HD13 sing N N 150 
ILE OXT HXT  sing N N 151 
LEU N   CA   sing N N 152 
LEU N   H    sing N N 153 
LEU N   H2   sing N N 154 
LEU CA  C    sing N N 155 
LEU CA  CB   sing N N 156 
LEU CA  HA   sing N N 157 
LEU C   O    doub N N 158 
LEU C   OXT  sing N N 159 
LEU CB  CG   sing N N 160 
LEU CB  HB2  sing N N 161 
LEU CB  HB3  sing N N 162 
LEU CG  CD1  sing N N 163 
LEU CG  CD2  sing N N 164 
LEU CG  HG   sing N N 165 
LEU CD1 HD11 sing N N 166 
LEU CD1 HD12 sing N N 167 
LEU CD1 HD13 sing N N 168 
LEU CD2 HD21 sing N N 169 
LEU CD2 HD22 sing N N 170 
LEU CD2 HD23 sing N N 171 
LEU OXT HXT  sing N N 172 
LYS N   CA   sing N N 173 
LYS N   H    sing N N 174 
LYS N   H2   sing N N 175 
LYS CA  C    sing N N 176 
LYS CA  CB   sing N N 177 
LYS CA  HA   sing N N 178 
LYS C   O    doub N N 179 
LYS C   OXT  sing N N 180 
LYS CB  CG   sing N N 181 
LYS CB  HB2  sing N N 182 
LYS CB  HB3  sing N N 183 
LYS CG  CD   sing N N 184 
LYS CG  HG2  sing N N 185 
LYS CG  HG3  sing N N 186 
LYS CD  CE   sing N N 187 
LYS CD  HD2  sing N N 188 
LYS CD  HD3  sing N N 189 
LYS CE  NZ   sing N N 190 
LYS CE  HE2  sing N N 191 
LYS CE  HE3  sing N N 192 
LYS NZ  HZ1  sing N N 193 
LYS NZ  HZ2  sing N N 194 
LYS NZ  HZ3  sing N N 195 
LYS OXT HXT  sing N N 196 
PHE N   CA   sing N N 197 
PHE N   H    sing N N 198 
PHE N   H2   sing N N 199 
PHE CA  C    sing N N 200 
PHE CA  CB   sing N N 201 
PHE CA  HA   sing N N 202 
PHE C   O    doub N N 203 
PHE C   OXT  sing N N 204 
PHE CB  CG   sing N N 205 
PHE CB  HB2  sing N N 206 
PHE CB  HB3  sing N N 207 
PHE CG  CD1  doub Y N 208 
PHE CG  CD2  sing Y N 209 
PHE CD1 CE1  sing Y N 210 
PHE CD1 HD1  sing N N 211 
PHE CD2 CE2  doub Y N 212 
PHE CD2 HD2  sing N N 213 
PHE CE1 CZ   doub Y N 214 
PHE CE1 HE1  sing N N 215 
PHE CE2 CZ   sing Y N 216 
PHE CE2 HE2  sing N N 217 
PHE CZ  HZ   sing N N 218 
PHE OXT HXT  sing N N 219 
PRO N   CA   sing N N 220 
PRO N   CD   sing N N 221 
PRO N   H    sing N N 222 
PRO CA  C    sing N N 223 
PRO CA  CB   sing N N 224 
PRO CA  HA   sing N N 225 
PRO C   O    doub N N 226 
PRO C   OXT  sing N N 227 
PRO CB  CG   sing N N 228 
PRO CB  HB2  sing N N 229 
PRO CB  HB3  sing N N 230 
PRO CG  CD   sing N N 231 
PRO CG  HG2  sing N N 232 
PRO CG  HG3  sing N N 233 
PRO CD  HD2  sing N N 234 
PRO CD  HD3  sing N N 235 
PRO OXT HXT  sing N N 236 
SER N   CA   sing N N 237 
SER N   H    sing N N 238 
SER N   H2   sing N N 239 
SER CA  C    sing N N 240 
SER CA  CB   sing N N 241 
SER CA  HA   sing N N 242 
SER C   O    doub N N 243 
SER C   OXT  sing N N 244 
SER CB  OG   sing N N 245 
SER CB  HB2  sing N N 246 
SER CB  HB3  sing N N 247 
SER OG  HG   sing N N 248 
SER OXT HXT  sing N N 249 
THR N   CA   sing N N 250 
THR N   H    sing N N 251 
THR N   H2   sing N N 252 
THR CA  C    sing N N 253 
THR CA  CB   sing N N 254 
THR CA  HA   sing N N 255 
THR C   O    doub N N 256 
THR C   OXT  sing N N 257 
THR CB  OG1  sing N N 258 
THR CB  CG2  sing N N 259 
THR CB  HB   sing N N 260 
THR OG1 HG1  sing N N 261 
THR CG2 HG21 sing N N 262 
THR CG2 HG22 sing N N 263 
THR CG2 HG23 sing N N 264 
THR OXT HXT  sing N N 265 
TYR N   CA   sing N N 266 
TYR N   H    sing N N 267 
TYR N   H2   sing N N 268 
TYR CA  C    sing N N 269 
TYR CA  CB   sing N N 270 
TYR CA  HA   sing N N 271 
TYR C   O    doub N N 272 
TYR C   OXT  sing N N 273 
TYR CB  CG   sing N N 274 
TYR CB  HB2  sing N N 275 
TYR CB  HB3  sing N N 276 
TYR CG  CD1  doub Y N 277 
TYR CG  CD2  sing Y N 278 
TYR CD1 CE1  sing Y N 279 
TYR CD1 HD1  sing N N 280 
TYR CD2 CE2  doub Y N 281 
TYR CD2 HD2  sing N N 282 
TYR CE1 CZ   doub Y N 283 
TYR CE1 HE1  sing N N 284 
TYR CE2 CZ   sing Y N 285 
TYR CE2 HE2  sing N N 286 
TYR CZ  OH   sing N N 287 
TYR OH  HH   sing N N 288 
TYR OXT HXT  sing N N 289 
VAL N   CA   sing N N 290 
VAL N   H    sing N N 291 
VAL N   H2   sing N N 292 
VAL CA  C    sing N N 293 
VAL CA  CB   sing N N 294 
VAL CA  HA   sing N N 295 
VAL C   O    doub N N 296 
VAL C   OXT  sing N N 297 
VAL CB  CG1  sing N N 298 
VAL CB  CG2  sing N N 299 
VAL CB  HB   sing N N 300 
VAL CG1 HG11 sing N N 301 
VAL CG1 HG12 sing N N 302 
VAL CG1 HG13 sing N N 303 
VAL CG2 HG21 sing N N 304 
VAL CG2 HG22 sing N N 305 
VAL CG2 HG23 sing N N 306 
VAL OXT HXT  sing N N 307 
# 
_atom_sites.entry_id                    1ANU 
_atom_sites.fract_transf_matrix[1][1]   -0.00116212 
_atom_sites.fract_transf_matrix[1][2]   -0.01554670 
_atom_sites.fract_transf_matrix[1][3]   0.00186322 
_atom_sites.fract_transf_matrix[2][1]   -0.01574481 
_atom_sites.fract_transf_matrix[2][2]   -0.00046808 
_atom_sites.fract_transf_matrix[2][3]   -0.01372586 
_atom_sites.fract_transf_matrix[3][1]   0.01169270 
_atom_sites.fract_transf_matrix[3][2]   -0.01717237 
_atom_sites.fract_transf_matrix[3][3]   -0.01282698 
_atom_sites.fract_transf_vector[1]      0.522168 
_atom_sites.fract_transf_vector[2]      0.867051 
_atom_sites.fract_transf_vector[3]      0.759526 
# 
loop_
_atom_type.symbol 
C 
N 
O 
S 
# 
loop_
_atom_site.group_PDB 
_atom_site.id 
_atom_site.type_symbol 
_atom_site.label_atom_id 
_atom_site.label_alt_id 
_atom_site.label_comp_id 
_atom_site.label_asym_id 
_atom_site.label_entity_id 
_atom_site.label_seq_id 
_atom_site.pdbx_PDB_ins_code 
_atom_site.Cartn_x 
_atom_site.Cartn_y 
_atom_site.Cartn_z 
_atom_site.occupancy 
_atom_site.B_iso_or_equiv 
_atom_site.pdbx_formal_charge 
_atom_site.auth_seq_id 
_atom_site.auth_comp_id 
_atom_site.auth_asym_id 
_atom_site.auth_atom_id 
_atom_site.pdbx_PDB_model_num 
ATOM   1    N N   . VAL A 1 1   ? 5.789   12.591  -6.490  1.00 38.78 ? 1   VAL A N   1 
ATOM   2    C CA  . VAL A 1 1   ? 5.615   11.258  -5.835  1.00 43.40 ? 1   VAL A CA  1 
ATOM   3    C C   . VAL A 1 1   ? 4.553   10.466  -6.584  1.00 45.56 ? 1   VAL A C   1 
ATOM   4    O O   . VAL A 1 1   ? 3.501   11.008  -6.927  1.00 46.57 ? 1   VAL A O   1 
ATOM   5    C CB  . VAL A 1 1   ? 5.160   11.381  -4.362  1.00 41.29 ? 1   VAL A CB  1 
ATOM   6    C CG1 . VAL A 1 1   ? 5.129   10.010  -3.707  1.00 36.71 ? 1   VAL A CG1 1 
ATOM   7    C CG2 . VAL A 1 1   ? 6.081   12.303  -3.592  1.00 47.36 ? 1   VAL A CG2 1 
ATOM   8    N N   . VAL A 1 2   ? 4.840   9.193   -6.841  1.00 42.76 ? 2   VAL A N   1 
ATOM   9    C CA  . VAL A 1 2   ? 3.923   8.309   -7.551  1.00 39.25 ? 2   VAL A CA  1 
ATOM   10   C C   . VAL A 1 2   ? 3.777   7.022   -6.754  1.00 39.72 ? 2   VAL A C   1 
ATOM   11   O O   . VAL A 1 2   ? 4.770   6.473   -6.268  1.00 43.95 ? 2   VAL A O   1 
ATOM   12   C CB  . VAL A 1 2   ? 4.457   7.945   -8.961  1.00 38.30 ? 2   VAL A CB  1 
ATOM   13   C CG1 . VAL A 1 2   ? 3.500   6.983   -9.668  1.00 38.73 ? 2   VAL A CG1 1 
ATOM   14   C CG2 . VAL A 1 2   ? 4.655   9.198   -9.792  1.00 38.34 ? 2   VAL A CG2 1 
ATOM   15   N N   . VAL A 1 3   ? 2.538   6.580   -6.576  1.00 35.81 ? 3   VAL A N   1 
ATOM   16   C CA  . VAL A 1 3   ? 2.245   5.342   -5.865  1.00 35.28 ? 3   VAL A CA  1 
ATOM   17   C C   . VAL A 1 3   ? 1.656   4.385   -6.908  1.00 37.41 ? 3   VAL A C   1 
ATOM   18   O O   . VAL A 1 3   ? 0.645   4.702   -7.550  1.00 32.71 ? 3   VAL A O   1 
ATOM   19   C CB  . VAL A 1 3   ? 1.224   5.565   -4.719  1.00 33.82 ? 3   VAL A CB  1 
ATOM   20   C CG1 . VAL A 1 3   ? 0.885   4.250   -4.038  1.00 29.02 ? 3   VAL A CG1 1 
ATOM   21   C CG2 . VAL A 1 3   ? 1.780   6.545   -3.706  1.00 31.48 ? 3   VAL A CG2 1 
ATOM   22   N N   . GLU A 1 4   ? 2.299   3.234   -7.100  1.00 34.97 ? 4   GLU A N   1 
ATOM   23   C CA  . GLU A 1 4   ? 1.829   2.265   -8.080  1.00 31.52 ? 4   GLU A CA  1 
ATOM   24   C C   . GLU A 1 4   ? 1.509   0.887   -7.522  1.00 28.71 ? 4   GLU A C   1 
ATOM   25   O O   . GLU A 1 4   ? 2.338   0.258   -6.865  1.00 29.39 ? 4   GLU A O   1 
ATOM   26   C CB  . GLU A 1 4   ? 2.837   2.123   -9.227  1.00 36.46 ? 4   GLU A CB  1 
ATOM   27   C CG  . GLU A 1 4   ? 2.390   1.089   -10.276 1.00 60.17 ? 4   GLU A CG  1 
ATOM   28   C CD  . GLU A 1 4   ? 3.326   0.945   -11.469 1.00 64.76 ? 4   GLU A CD  1 
ATOM   29   O OE1 . GLU A 1 4   ? 4.421   1.542   -11.466 1.00 72.13 ? 4   GLU A OE1 1 
ATOM   30   O OE2 . GLU A 1 4   ? 2.954   0.224   -12.421 1.00 69.01 ? 4   GLU A OE2 1 
ATOM   31   N N   . ILE A 1 5   ? 0.295   0.423   -7.775  1.00 28.31 ? 5   ILE A N   1 
ATOM   32   C CA  . ILE A 1 5   ? -0.106  -0.903  -7.336  1.00 34.62 ? 5   ILE A CA  1 
ATOM   33   C C   . ILE A 1 5   ? 0.361   -1.818  -8.469  1.00 37.79 ? 5   ILE A C   1 
ATOM   34   O O   . ILE A 1 5   ? 0.032   -1.587  -9.637  1.00 33.87 ? 5   ILE A O   1 
ATOM   35   C CB  . ILE A 1 5   ? -1.635  -1.008  -7.179  1.00 39.04 ? 5   ILE A CB  1 
ATOM   36   C CG1 . ILE A 1 5   ? -2.143  0.082   -6.228  1.00 38.55 ? 5   ILE A CG1 1 
ATOM   37   C CG2 . ILE A 1 5   ? -2.017  -2.391  -6.664  1.00 36.21 ? 5   ILE A CG2 1 
ATOM   38   C CD1 . ILE A 1 5   ? -3.653  0.261   -6.238  1.00 37.43 ? 5   ILE A CD1 1 
ATOM   39   N N   . GLY A 1 6   ? 1.161   -2.822  -8.130  1.00 39.67 ? 6   GLY A N   1 
ATOM   40   C CA  . GLY A 1 6   ? 1.679   -3.729  -9.142  1.00 40.70 ? 6   GLY A CA  1 
ATOM   41   C C   . GLY A 1 6   ? 0.677   -4.662  -9.798  1.00 38.28 ? 6   GLY A C   1 
ATOM   42   O O   . GLY A 1 6   ? -0.398  -4.931  -9.253  1.00 36.38 ? 6   GLY A O   1 
ATOM   43   N N   . LYS A 1 7   ? 1.043   -5.162  -10.974 1.00 39.27 ? 7   LYS A N   1 
ATOM   44   C CA  . LYS A 1 7   ? 0.209   -6.095  -11.734 1.00 42.14 ? 7   LYS A CA  1 
ATOM   45   C C   . LYS A 1 7   ? 0.876   -7.473  -11.730 1.00 36.51 ? 7   LYS A C   1 
ATOM   46   O O   . LYS A 1 7   ? 2.011   -7.613  -12.172 1.00 40.54 ? 7   LYS A O   1 
ATOM   47   C CB  . LYS A 1 7   ? 0.040   -5.587  -13.167 1.00 42.77 ? 7   LYS A CB  1 
ATOM   48   C CG  . LYS A 1 7   ? -0.673  -4.246  -13.246 1.00 49.99 ? 7   LYS A CG  1 
ATOM   49   C CD  . LYS A 1 7   ? -0.135  -3.398  -14.373 1.00 61.90 ? 7   LYS A CD  1 
ATOM   50   C CE  . LYS A 1 7   ? -0.702  -1.991  -14.311 1.00 68.04 ? 7   LYS A CE  1 
ATOM   51   N NZ  . LYS A 1 7   ? 0.094   -1.054  -15.155 1.00 78.15 ? 7   LYS A NZ  1 
ATOM   52   N N   . VAL A 1 8   ? 0.198   -8.469  -11.171 1.00 31.83 ? 8   VAL A N   1 
ATOM   53   C CA  . VAL A 1 8   ? 0.731   -9.824  -11.109 1.00 34.03 ? 8   VAL A CA  1 
ATOM   54   C C   . VAL A 1 8   ? -0.266  -10.821 -11.701 1.00 38.14 ? 8   VAL A C   1 
ATOM   55   O O   . VAL A 1 8   ? -1.388  -10.453 -12.054 1.00 38.79 ? 8   VAL A O   1 
ATOM   56   C CB  . VAL A 1 8   ? 1.093   -10.257 -9.652  1.00 31.69 ? 8   VAL A CB  1 
ATOM   57   C CG1 . VAL A 1 8   ? 2.134   -9.315  -9.057  1.00 37.89 ? 8   VAL A CG1 1 
ATOM   58   C CG2 . VAL A 1 8   ? -0.155  -10.338 -8.768  1.00 25.55 ? 8   VAL A CG2 1 
ATOM   59   N N   . THR A 1 9   ? 0.145   -12.082 -11.797 1.00 40.65 ? 9   THR A N   1 
ATOM   60   C CA  . THR A 1 9   ? -0.687  -13.149 -12.348 1.00 37.63 ? 9   THR A CA  1 
ATOM   61   C C   . THR A 1 9   ? -0.694  -14.337 -11.387 1.00 33.49 ? 9   THR A C   1 
ATOM   62   O O   . THR A 1 9   ? 0.270   -14.537 -10.649 1.00 43.26 ? 9   THR A O   1 
ATOM   63   C CB  . THR A 1 9   ? -0.139  -13.598 -13.721 1.00 41.00 ? 9   THR A CB  1 
ATOM   64   O OG1 . THR A 1 9   ? 1.266   -13.858 -13.610 1.00 44.09 ? 9   THR A OG1 1 
ATOM   65   C CG2 . THR A 1 9   ? -0.345  -12.509 -14.765 1.00 39.31 ? 9   THR A CG2 1 
ATOM   66   N N   . GLY A 1 10  ? -1.769  -15.118 -11.381 1.00 33.88 ? 10  GLY A N   1 
ATOM   67   C CA  . GLY A 1 10  ? -1.836  -16.262 -10.484 1.00 32.98 ? 10  GLY A CA  1 
ATOM   68   C C   . GLY A 1 10  ? -3.000  -17.180 -10.798 1.00 35.70 ? 10  GLY A C   1 
ATOM   69   O O   . GLY A 1 10  ? -3.987  -16.744 -11.389 1.00 37.23 ? 10  GLY A O   1 
ATOM   70   N N   . SER A 1 11  ? -2.905  -18.440 -10.384 1.00 36.53 ? 11  SER A N   1 
ATOM   71   C CA  . SER A 1 11  ? -3.961  -19.413 -10.647 1.00 35.84 ? 11  SER A CA  1 
ATOM   72   C C   . SER A 1 11  ? -4.934  -19.569 -9.494  1.00 35.89 ? 11  SER A C   1 
ATOM   73   O O   . SER A 1 11  ? -4.565  -19.412 -8.323  1.00 33.17 ? 11  SER A O   1 
ATOM   74   C CB  . SER A 1 11  ? -3.364  -20.792 -10.969 1.00 40.25 ? 11  SER A CB  1 
ATOM   75   O OG  . SER A 1 11  ? -2.537  -20.746 -12.116 1.00 48.06 ? 11  SER A OG  1 
ATOM   76   N N   . VAL A 1 12  ? -6.166  -19.932 -9.842  1.00 31.52 ? 12  VAL A N   1 
ATOM   77   C CA  . VAL A 1 12  ? -7.227  -20.157 -8.872  1.00 32.87 ? 12  VAL A CA  1 
ATOM   78   C C   . VAL A 1 12  ? -6.726  -21.172 -7.849  1.00 36.10 ? 12  VAL A C   1 
ATOM   79   O O   . VAL A 1 12  ? -6.124  -22.190 -8.213  1.00 38.05 ? 12  VAL A O   1 
ATOM   80   C CB  . VAL A 1 12  ? -8.506  -20.698 -9.573  1.00 32.96 ? 12  VAL A CB  1 
ATOM   81   C CG1 . VAL A 1 12  ? -9.558  -21.122 -8.549  1.00 35.69 ? 12  VAL A CG1 1 
ATOM   82   C CG2 . VAL A 1 12  ? -9.079  -19.640 -10.503 1.00 34.42 ? 12  VAL A CG2 1 
ATOM   83   N N   . GLY A 1 13  ? -6.937  -20.867 -6.575  1.00 34.21 ? 13  GLY A N   1 
ATOM   84   C CA  . GLY A 1 13  ? -6.505  -21.755 -5.514  1.00 35.40 ? 13  GLY A CA  1 
ATOM   85   C C   . GLY A 1 13  ? -5.150  -21.413 -4.917  1.00 34.36 ? 13  GLY A C   1 
ATOM   86   O O   . GLY A 1 13  ? -4.841  -21.878 -3.819  1.00 38.78 ? 13  GLY A O   1 
ATOM   87   N N   . THR A 1 14  ? -4.339  -20.619 -5.618  1.00 34.97 ? 14  THR A N   1 
ATOM   88   C CA  . THR A 1 14  ? -3.024  -20.251 -5.091  1.00 38.39 ? 14  THR A CA  1 
ATOM   89   C C   . THR A 1 14  ? -3.003  -18.874 -4.412  1.00 39.17 ? 14  THR A C   1 
ATOM   90   O O   . THR A 1 14  ? -3.916  -18.061 -4.580  1.00 34.06 ? 14  THR A O   1 
ATOM   91   C CB  . THR A 1 14  ? -1.905  -20.341 -6.169  1.00 36.69 ? 14  THR A CB  1 
ATOM   92   O OG1 . THR A 1 14  ? -2.008  -19.253 -7.092  1.00 36.35 ? 14  THR A OG1 1 
ATOM   93   C CG2 . THR A 1 14  ? -2.017  -21.654 -6.939  1.00 40.04 ? 14  THR A CG2 1 
ATOM   94   N N   . THR A 1 15  ? -1.949  -18.623 -3.646  1.00 39.08 ? 15  THR A N   1 
ATOM   95   C CA  . THR A 1 15  ? -1.786  -17.372 -2.918  1.00 32.76 ? 15  THR A CA  1 
ATOM   96   C C   . THR A 1 15  ? -0.712  -16.528 -3.591  1.00 36.75 ? 15  THR A C   1 
ATOM   97   O O   . THR A 1 15  ? 0.371   -17.032 -3.884  1.00 41.37 ? 15  THR A O   1 
ATOM   98   C CB  . THR A 1 15  ? -1.403  -17.664 -1.453  1.00 30.39 ? 15  THR A CB  1 
ATOM   99   O OG1 . THR A 1 15  ? -2.445  -18.436 -0.837  1.00 27.90 ? 15  THR A OG1 1 
ATOM   100  C CG2 . THR A 1 15  ? -1.200  -16.371 -0.671  1.00 35.11 ? 15  THR A CG2 1 
ATOM   101  N N   . VAL A 1 16  ? -1.035  -15.268 -3.882  1.00 35.42 ? 16  VAL A N   1 
ATOM   102  C CA  . VAL A 1 16  ? -0.094  -14.347 -4.528  1.00 36.20 ? 16  VAL A CA  1 
ATOM   103  C C   . VAL A 1 16  ? 0.221   -13.130 -3.658  1.00 31.27 ? 16  VAL A C   1 
ATOM   104  O O   . VAL A 1 16  ? -0.430  -12.899 -2.637  1.00 30.24 ? 16  VAL A O   1 
ATOM   105  C CB  . VAL A 1 16  ? -0.631  -13.832 -5.896  1.00 38.00 ? 16  VAL A CB  1 
ATOM   106  C CG1 . VAL A 1 16  ? -0.748  -14.978 -6.888  1.00 39.33 ? 16  VAL A CG1 1 
ATOM   107  C CG2 . VAL A 1 16  ? -1.976  -13.140 -5.712  1.00 38.95 ? 16  VAL A CG2 1 
ATOM   108  N N   . GLU A 1 17  ? 1.222   -12.364 -4.080  1.00 28.59 ? 17  GLU A N   1 
ATOM   109  C CA  . GLU A 1 17  ? 1.642   -11.153 -3.384  1.00 33.58 ? 17  GLU A CA  1 
ATOM   110  C C   . GLU A 1 17  ? 1.631   -9.989  -4.358  1.00 32.79 ? 17  GLU A C   1 
ATOM   111  O O   . GLU A 1 17  ? 2.296   -10.033 -5.393  1.00 37.20 ? 17  GLU A O   1 
ATOM   112  C CB  . GLU A 1 17  ? 3.062   -11.288 -2.830  1.00 33.41 ? 17  GLU A CB  1 
ATOM   113  C CG  . GLU A 1 17  ? 3.189   -12.149 -1.591  1.00 42.11 ? 17  GLU A CG  1 
ATOM   114  C CD  . GLU A 1 17  ? 4.559   -12.042 -0.932  1.00 48.49 ? 17  GLU A CD  1 
ATOM   115  O OE1 . GLU A 1 17  ? 5.453   -11.350 -1.483  1.00 46.78 ? 17  GLU A OE1 1 
ATOM   116  O OE2 . GLU A 1 17  ? 4.739   -12.649 0.147   1.00 53.08 ? 17  GLU A OE2 1 
ATOM   117  N N   . ILE A 1 18  ? 0.861   -8.958  -4.045  1.00 32.58 ? 18  ILE A N   1 
ATOM   118  C CA  . ILE A 1 18  ? 0.809   -7.786  -4.903  1.00 27.84 ? 18  ILE A CA  1 
ATOM   119  C C   . ILE A 1 18  ? 1.590   -6.677  -4.188  1.00 33.46 ? 18  ILE A C   1 
ATOM   120  O O   . ILE A 1 18  ? 1.280   -6.334  -3.046  1.00 38.00 ? 18  ILE A O   1 
ATOM   121  C CB  . ILE A 1 18  ? -0.643  -7.314  -5.148  1.00 22.94 ? 18  ILE A CB  1 
ATOM   122  C CG1 . ILE A 1 18  ? -1.502  -8.455  -5.689  1.00 23.48 ? 18  ILE A CG1 1 
ATOM   123  C CG2 . ILE A 1 18  ? -0.660  -6.189  -6.166  1.00 25.01 ? 18  ILE A CG2 1 
ATOM   124  C CD1 . ILE A 1 18  ? -2.395  -9.090  -4.663  1.00 21.09 ? 18  ILE A CD1 1 
ATOM   125  N N   . PRO A 1 19  ? 2.669   -6.181  -4.809  1.00 35.18 ? 19  PRO A N   1 
ATOM   126  C CA  . PRO A 1 19  ? 3.470   -5.117  -4.198  1.00 35.76 ? 19  PRO A CA  1 
ATOM   127  C C   . PRO A 1 19  ? 2.939   -3.712  -4.509  1.00 37.55 ? 19  PRO A C   1 
ATOM   128  O O   . PRO A 1 19  ? 2.337   -3.486  -5.568  1.00 37.82 ? 19  PRO A O   1 
ATOM   129  C CB  . PRO A 1 19  ? 4.843   -5.329  -4.835  1.00 37.88 ? 19  PRO A CB  1 
ATOM   130  C CG  . PRO A 1 19  ? 4.483   -5.761  -6.231  1.00 32.71 ? 19  PRO A CG  1 
ATOM   131  C CD  . PRO A 1 19  ? 3.346   -6.740  -5.995  1.00 35.31 ? 19  PRO A CD  1 
ATOM   132  N N   . VAL A 1 20  ? 3.157   -2.779  -3.585  1.00 34.15 ? 20  VAL A N   1 
ATOM   133  C CA  . VAL A 1 20  ? 2.748   -1.379  -3.773  1.00 24.75 ? 20  VAL A CA  1 
ATOM   134  C C   . VAL A 1 20  ? 4.045   -0.572  -3.801  1.00 22.19 ? 20  VAL A C   1 
ATOM   135  O O   . VAL A 1 20  ? 4.819   -0.605  -2.842  1.00 30.48 ? 20  VAL A O   1 
ATOM   136  C CB  . VAL A 1 20  ? 1.847   -0.878  -2.608  1.00 24.57 ? 20  VAL A CB  1 
ATOM   137  C CG1 . VAL A 1 20  ? 1.354   0.534   -2.889  1.00 26.84 ? 20  VAL A CG1 1 
ATOM   138  C CG2 . VAL A 1 20  ? 0.658   -1.804  -2.413  1.00 14.96 ? 20  VAL A CG2 1 
ATOM   139  N N   . TYR A 1 21  ? 4.303   0.115   -4.904  1.00 22.30 ? 21  TYR A N   1 
ATOM   140  C CA  . TYR A 1 21  ? 5.528   0.900   -5.053  1.00 30.53 ? 21  TYR A CA  1 
ATOM   141  C C   . TYR A 1 21  ? 5.388   2.390   -4.791  1.00 33.62 ? 21  TYR A C   1 
ATOM   142  O O   . TYR A 1 21  ? 4.351   2.988   -5.073  1.00 34.97 ? 21  TYR A O   1 
ATOM   143  C CB  . TYR A 1 21  ? 6.097   0.742   -6.474  1.00 33.71 ? 21  TYR A CB  1 
ATOM   144  C CG  . TYR A 1 21  ? 6.441   -0.673  -6.878  1.00 30.90 ? 21  TYR A CG  1 
ATOM   145  C CD1 . TYR A 1 21  ? 7.607   -1.285  -6.424  1.00 33.11 ? 21  TYR A CD1 1 
ATOM   146  C CD2 . TYR A 1 21  ? 5.589   -1.406  -7.705  1.00 32.62 ? 21  TYR A CD2 1 
ATOM   147  C CE1 . TYR A 1 21  ? 7.918   -2.593  -6.781  1.00 38.75 ? 21  TYR A CE1 1 
ATOM   148  C CE2 . TYR A 1 21  ? 5.887   -2.714  -8.069  1.00 39.06 ? 21  TYR A CE2 1 
ATOM   149  C CZ  . TYR A 1 21  ? 7.052   -3.303  -7.603  1.00 40.01 ? 21  TYR A CZ  1 
ATOM   150  O OH  . TYR A 1 21  ? 7.345   -4.602  -7.948  1.00 40.32 ? 21  TYR A OH  1 
ATOM   151  N N   . PHE A 1 22  ? 6.464   2.983   -4.282  1.00 36.91 ? 22  PHE A N   1 
ATOM   152  C CA  . PHE A 1 22  ? 6.542   4.421   -4.030  1.00 38.23 ? 22  PHE A CA  1 
ATOM   153  C C   . PHE A 1 22  ? 7.733   4.890   -4.866  1.00 39.57 ? 22  PHE A C   1 
ATOM   154  O O   . PHE A 1 22  ? 8.816   4.299   -4.795  1.00 38.83 ? 22  PHE A O   1 
ATOM   155  C CB  . PHE A 1 22  ? 6.832   4.732   -2.552  1.00 37.05 ? 22  PHE A CB  1 
ATOM   156  C CG  . PHE A 1 22  ? 5.599   4.948   -1.701  1.00 37.58 ? 22  PHE A CG  1 
ATOM   157  C CD1 . PHE A 1 22  ? 4.395   4.312   -1.989  1.00 36.57 ? 22  PHE A CD1 1 
ATOM   158  C CD2 . PHE A 1 22  ? 5.664   5.759   -0.572  1.00 36.61 ? 22  PHE A CD2 1 
ATOM   159  C CE1 . PHE A 1 22  ? 3.279   4.477   -1.159  1.00 36.60 ? 22  PHE A CE1 1 
ATOM   160  C CE2 . PHE A 1 22  ? 4.553   5.928   0.262   1.00 36.07 ? 22  PHE A CE2 1 
ATOM   161  C CZ  . PHE A 1 22  ? 3.361   5.286   -0.032  1.00 29.48 ? 22  PHE A CZ  1 
ATOM   162  N N   . ARG A 1 23  ? 7.530   5.910   -5.689  1.00 38.41 ? 23  ARG A N   1 
ATOM   163  C CA  . ARG A 1 23  ? 8.608   6.437   -6.508  1.00 40.51 ? 23  ARG A CA  1 
ATOM   164  C C   . ARG A 1 23  ? 8.560   7.955   -6.544  1.00 45.07 ? 23  ARG A C   1 
ATOM   165  O O   . ARG A 1 23  ? 7.484   8.549   -6.491  1.00 48.50 ? 23  ARG A O   1 
ATOM   166  C CB  . ARG A 1 23  ? 8.546   5.866   -7.917  1.00 46.79 ? 23  ARG A CB  1 
ATOM   167  C CG  . ARG A 1 23  ? 8.823   4.378   -7.969  1.00 62.06 ? 23  ARG A CG  1 
ATOM   168  C CD  . ARG A 1 23  ? 8.959   3.925   -9.387  1.00 69.70 ? 23  ARG A CD  1 
ATOM   169  N NE  . ARG A 1 23  ? 7.829   4.386   -10.184 1.00 78.66 ? 23  ARG A NE  1 
ATOM   170  C CZ  . ARG A 1 23  ? 6.831   3.603   -10.576 1.00 82.39 ? 23  ARG A CZ  1 
ATOM   171  N NH1 . ARG A 1 23  ? 6.830   2.315   -10.245 1.00 81.05 ? 23  ARG A NH1 1 
ATOM   172  N NH2 . ARG A 1 23  ? 5.829   4.116   -11.281 1.00 79.93 ? 23  ARG A NH2 1 
ATOM   173  N N   . GLY A 1 24  ? 9.731   8.577   -6.633  1.00 43.40 ? 24  GLY A N   1 
ATOM   174  C CA  . GLY A 1 24  ? 9.805   10.025  -6.650  1.00 45.09 ? 24  GLY A CA  1 
ATOM   175  C C   . GLY A 1 24  ? 9.724   10.601  -5.244  1.00 48.65 ? 24  GLY A C   1 
ATOM   176  O O   . GLY A 1 24  ? 9.251   11.730  -5.057  1.00 50.28 ? 24  GLY A O   1 
ATOM   177  N N   . VAL A 1 25  ? 10.130  9.801   -4.256  1.00 46.08 ? 25  VAL A N   1 
ATOM   178  C CA  . VAL A 1 25  ? 10.133  10.196  -2.848  1.00 48.66 ? 25  VAL A CA  1 
ATOM   179  C C   . VAL A 1 25  ? 11.049  11.414  -2.668  1.00 58.12 ? 25  VAL A C   1 
ATOM   180  O O   . VAL A 1 25  ? 12.191  11.410  -3.137  1.00 62.07 ? 25  VAL A O   1 
ATOM   181  C CB  . VAL A 1 25  ? 10.648  9.031   -1.955  1.00 44.70 ? 25  VAL A CB  1 
ATOM   182  C CG1 . VAL A 1 25  ? 10.684  9.439   -0.486  1.00 41.92 ? 25  VAL A CG1 1 
ATOM   183  C CG2 . VAL A 1 25  ? 9.773   7.806   -2.134  1.00 39.21 ? 25  VAL A CG2 1 
ATOM   184  N N   . PRO A 1 26  ? 10.553  12.482  -2.011  1.00 64.01 ? 26  PRO A N   1 
ATOM   185  C CA  . PRO A 1 26  ? 11.351  13.695  -1.790  1.00 66.25 ? 26  PRO A CA  1 
ATOM   186  C C   . PRO A 1 26  ? 12.481  13.509  -0.782  1.00 68.05 ? 26  PRO A C   1 
ATOM   187  O O   . PRO A 1 26  ? 12.439  12.613  0.060   1.00 63.69 ? 26  PRO A O   1 
ATOM   188  C CB  . PRO A 1 26  ? 10.313  14.689  -1.272  1.00 65.71 ? 26  PRO A CB  1 
ATOM   189  C CG  . PRO A 1 26  ? 9.387   13.809  -0.494  1.00 66.61 ? 26  PRO A CG  1 
ATOM   190  C CD  . PRO A 1 26  ? 9.205   12.636  -1.434  1.00 63.59 ? 26  PRO A CD  1 
ATOM   191  N N   . SER A 1 27  ? 13.459  14.408  -0.846  1.00 74.50 ? 27  SER A N   1 
ATOM   192  C CA  . SER A 1 27  ? 14.621  14.393  0.039   1.00 77.89 ? 27  SER A CA  1 
ATOM   193  C C   . SER A 1 27  ? 14.279  14.383  1.538   1.00 78.49 ? 27  SER A C   1 
ATOM   194  O O   . SER A 1 27  ? 14.861  13.608  2.302   1.00 76.48 ? 27  SER A O   1 
ATOM   195  C CB  . SER A 1 27  ? 15.508  15.592  -0.293  1.00 79.44 ? 27  SER A CB  1 
ATOM   196  O OG  . SER A 1 27  ? 14.707  16.727  -0.597  1.00 82.99 ? 27  SER A OG  1 
ATOM   197  N N   . LYS A 1 28  ? 13.340  15.243  1.947   1.00 78.51 ? 28  LYS A N   1 
ATOM   198  C CA  . LYS A 1 28  ? 12.913  15.337  3.350   1.00 75.58 ? 28  LYS A CA  1 
ATOM   199  C C   . LYS A 1 28  ? 12.261  14.046  3.825   1.00 72.94 ? 28  LYS A C   1 
ATOM   200  O O   . LYS A 1 28  ? 12.160  13.802  5.030   1.00 73.19 ? 28  LYS A O   1 
ATOM   201  C CB  . LYS A 1 28  ? 11.903  16.475  3.558   1.00 76.67 ? 28  LYS A CB  1 
ATOM   202  C CG  . LYS A 1 28  ? 12.320  17.830  3.029   1.00 83.96 ? 28  LYS A CG  1 
ATOM   203  C CD  . LYS A 1 28  ? 11.816  18.043  1.607   1.00 87.44 ? 28  LYS A CD  1 
ATOM   204  C CE  . LYS A 1 28  ? 12.272  19.385  1.061   1.00 88.20 ? 28  LYS A CE  1 
ATOM   205  N NZ  . LYS A 1 28  ? 13.759  19.476  1.019   1.00 87.89 ? 28  LYS A NZ  1 
ATOM   206  N N   . GLY A 1 29  ? 11.775  13.252  2.876   1.00 68.54 ? 29  GLY A N   1 
ATOM   207  C CA  . GLY A 1 29  ? 11.122  12.000  3.203   1.00 62.58 ? 29  GLY A CA  1 
ATOM   208  C C   . GLY A 1 29  ? 9.625   12.165  3.375   1.00 57.40 ? 29  GLY A C   1 
ATOM   209  O O   . GLY A 1 29  ? 9.086   13.254  3.183   1.00 59.17 ? 29  GLY A O   1 
ATOM   210  N N   . ILE A 1 30  ? 8.951   11.067  3.694   1.00 49.08 ? 30  ILE A N   1 
ATOM   211  C CA  . ILE A 1 30  ? 7.513   11.052  3.909   1.00 39.26 ? 30  ILE A CA  1 
ATOM   212  C C   . ILE A 1 30  ? 7.333   10.649  5.365   1.00 38.73 ? 30  ILE A C   1 
ATOM   213  O O   . ILE A 1 30  ? 7.764   9.573   5.774   1.00 40.04 ? 30  ILE A O   1 
ATOM   214  C CB  . ILE A 1 30  ? 6.822   10.015  2.981   1.00 39.41 ? 30  ILE A CB  1 
ATOM   215  C CG1 . ILE A 1 30  ? 7.052   10.382  1.513   1.00 34.98 ? 30  ILE A CG1 1 
ATOM   216  C CG2 . ILE A 1 30  ? 5.325   9.930   3.273   1.00 40.62 ? 30  ILE A CG2 1 
ATOM   217  C CD1 . ILE A 1 30  ? 6.599   11.783  1.150   1.00 42.92 ? 30  ILE A CD1 1 
ATOM   218  N N   . ALA A 1 31  ? 6.726   11.529  6.152   1.00 35.32 ? 31  ALA A N   1 
ATOM   219  C CA  . ALA A 1 31  ? 6.518   11.266  7.567   1.00 27.87 ? 31  ALA A CA  1 
ATOM   220  C C   . ALA A 1 31  ? 5.218   10.536  7.841   1.00 30.82 ? 31  ALA A C   1 
ATOM   221  O O   . ALA A 1 31  ? 5.100   9.813   8.835   1.00 32.18 ? 31  ALA A O   1 
ATOM   222  C CB  . ALA A 1 31  ? 6.561   12.570  8.348   1.00 37.66 ? 31  ALA A CB  1 
ATOM   223  N N   . ASN A 1 32  ? 4.216   10.767  7.001   1.00 34.01 ? 32  ASN A N   1 
ATOM   224  C CA  . ASN A 1 32  ? 2.919   10.112  7.176   1.00 38.36 ? 32  ASN A CA  1 
ATOM   225  C C   . ASN A 1 32  ? 2.062   10.197  5.923   1.00 34.20 ? 32  ASN A C   1 
ATOM   226  O O   . ASN A 1 32  ? 2.278   11.055  5.060   1.00 35.77 ? 32  ASN A O   1 
ATOM   227  C CB  . ASN A 1 32  ? 2.157   10.683  8.381   1.00 44.64 ? 32  ASN A CB  1 
ATOM   228  C CG  . ASN A 1 32  ? 1.911   12.175  8.267   1.00 54.96 ? 32  ASN A CG  1 
ATOM   229  O OD1 . ASN A 1 32  ? 1.031   12.616  7.524   1.00 60.13 ? 32  ASN A OD1 1 
ATOM   230  N ND2 . ASN A 1 32  ? 2.685   12.964  9.010   1.00 57.82 ? 32  ASN A ND2 1 
ATOM   231  N N   . CYS A 1 33  ? 1.118   9.270   5.819   1.00 34.51 ? 33  CYS A N   1 
ATOM   232  C CA  . CYS A 1 33  ? 0.218   9.196   4.680   1.00 33.84 ? 33  CYS A CA  1 
ATOM   233  C C   . CYS A 1 33  ? -0.853  8.148   4.937   1.00 31.88 ? 33  CYS A C   1 
ATOM   234  O O   . CYS A 1 33  ? -0.661  7.235   5.751   1.00 30.52 ? 33  CYS A O   1 
ATOM   235  C CB  . CYS A 1 33  ? 0.997   8.854   3.383   1.00 36.16 ? 33  CYS A CB  1 
ATOM   236  S SG  . CYS A 1 33  ? 1.905   7.237   3.241   1.00 38.93 ? 33  CYS A SG  1 
ATOM   237  N N   . ASP A 1 34  ? -1.996  8.298   4.275   1.00 24.93 ? 34  ASP A N   1 
ATOM   238  C CA  . ASP A 1 34  ? -3.080  7.339   4.413   1.00 24.96 ? 34  ASP A CA  1 
ATOM   239  C C   . ASP A 1 34  ? -3.914  7.406   3.143   1.00 26.00 ? 34  ASP A C   1 
ATOM   240  O O   . ASP A 1 34  ? -4.005  8.464   2.511   1.00 27.00 ? 34  ASP A O   1 
ATOM   241  C CB  . ASP A 1 34  ? -3.925  7.613   5.665   1.00 28.13 ? 34  ASP A CB  1 
ATOM   242  C CG  . ASP A 1 34  ? -4.660  8.933   5.595   1.00 37.38 ? 34  ASP A CG  1 
ATOM   243  O OD1 . ASP A 1 34  ? -4.020  9.982   5.809   1.00 35.03 ? 34  ASP A OD1 1 
ATOM   244  O OD2 . ASP A 1 34  ? -5.873  8.919   5.301   1.00 37.46 ? 34  ASP A OD2 1 
ATOM   245  N N   . PHE A 1 35  ? -4.442  6.260   2.724   1.00 26.81 ? 35  PHE A N   1 
ATOM   246  C CA  . PHE A 1 35  ? -5.251  6.171   1.514   1.00 25.10 ? 35  PHE A CA  1 
ATOM   247  C C   . PHE A 1 35  ? -6.078  4.890   1.496   1.00 26.94 ? 35  PHE A C   1 
ATOM   248  O O   . PHE A 1 35  ? -5.851  3.975   2.298   1.00 21.71 ? 35  PHE A O   1 
ATOM   249  C CB  . PHE A 1 35  ? -4.386  6.305   0.247   1.00 25.75 ? 35  PHE A CB  1 
ATOM   250  C CG  . PHE A 1 35  ? -3.064  5.571   0.311   1.00 37.81 ? 35  PHE A CG  1 
ATOM   251  C CD1 . PHE A 1 35  ? -2.992  4.197   0.063   1.00 33.62 ? 35  PHE A CD1 1 
ATOM   252  C CD2 . PHE A 1 35  ? -1.881  6.261   0.596   1.00 30.74 ? 35  PHE A CD2 1 
ATOM   253  C CE1 . PHE A 1 35  ? -1.764  3.530   0.095   1.00 30.69 ? 35  PHE A CE1 1 
ATOM   254  C CE2 . PHE A 1 35  ? -0.651  5.600   0.631   1.00 32.68 ? 35  PHE A CE2 1 
ATOM   255  C CZ  . PHE A 1 35  ? -0.593  4.234   0.380   1.00 29.13 ? 35  PHE A CZ  1 
ATOM   256  N N   . VAL A 1 36  ? -7.064  4.847   0.610   1.00 27.09 ? 36  VAL A N   1 
ATOM   257  C CA  . VAL A 1 36  ? -7.952  3.700   0.504   1.00 27.13 ? 36  VAL A CA  1 
ATOM   258  C C   . VAL A 1 36  ? -7.905  3.085   -0.889  1.00 22.33 ? 36  VAL A C   1 
ATOM   259  O O   . VAL A 1 36  ? -7.780  3.801   -1.883  1.00 20.85 ? 36  VAL A O   1 
ATOM   260  C CB  . VAL A 1 36  ? -9.410  4.122   0.797   1.00 30.77 ? 36  VAL A CB  1 
ATOM   261  C CG1 . VAL A 1 36  ? -10.327 2.912   0.832   1.00 33.20 ? 36  VAL A CG1 1 
ATOM   262  C CG2 . VAL A 1 36  ? -9.478  4.874   2.097   1.00 31.34 ? 36  VAL A CG2 1 
ATOM   263  N N   . PHE A 1 37  ? -7.995  1.761   -0.951  1.00 24.76 ? 37  PHE A N   1 
ATOM   264  C CA  . PHE A 1 37  ? -8.001  1.039   -2.221  1.00 24.49 ? 37  PHE A CA  1 
ATOM   265  C C   . PHE A 1 37  ? -9.277  0.211   -2.268  1.00 22.50 ? 37  PHE A C   1 
ATOM   266  O O   . PHE A 1 37  ? -9.782  -0.233  -1.226  1.00 20.55 ? 37  PHE A O   1 
ATOM   267  C CB  . PHE A 1 37  ? -6.810  0.072   -2.339  1.00 29.79 ? 37  PHE A CB  1 
ATOM   268  C CG  . PHE A 1 37  ? -5.485  0.733   -2.616  1.00 31.77 ? 37  PHE A CG  1 
ATOM   269  C CD1 . PHE A 1 37  ? -5.404  2.067   -2.996  1.00 33.36 ? 37  PHE A CD1 1 
ATOM   270  C CD2 . PHE A 1 37  ? -4.306  0.008   -2.474  1.00 32.46 ? 37  PHE A CD2 1 
ATOM   271  C CE1 . PHE A 1 37  ? -4.170  2.675   -3.226  1.00 26.87 ? 37  PHE A CE1 1 
ATOM   272  C CE2 . PHE A 1 37  ? -3.068  0.605   -2.703  1.00 31.62 ? 37  PHE A CE2 1 
ATOM   273  C CZ  . PHE A 1 37  ? -3.003  1.942   -3.078  1.00 30.04 ? 37  PHE A CZ  1 
ATOM   274  N N   . ARG A 1 38  ? -9.784  -0.001  -3.478  1.00 27.19 ? 38  ARG A N   1 
ATOM   275  C CA  . ARG A 1 38  ? -10.981 -0.809  -3.696  1.00 30.84 ? 38  ARG A CA  1 
ATOM   276  C C   . ARG A 1 38  ? -10.574 -2.159  -4.297  1.00 25.01 ? 38  ARG A C   1 
ATOM   277  O O   . ARG A 1 38  ? -9.617  -2.231  -5.067  1.00 26.18 ? 38  ARG A O   1 
ATOM   278  C CB  . ARG A 1 38  ? -11.931 -0.093  -4.665  1.00 40.14 ? 38  ARG A CB  1 
ATOM   279  C CG  . ARG A 1 38  ? -13.126 0.564   -3.989  1.00 60.77 ? 38  ARG A CG  1 
ATOM   280  C CD  . ARG A 1 38  ? -14.060 1.231   -4.994  1.00 70.99 ? 38  ARG A CD  1 
ATOM   281  N NE  . ARG A 1 38  ? -14.739 0.288   -5.886  1.00 82.98 ? 38  ARG A NE  1 
ATOM   282  C CZ  . ARG A 1 38  ? -15.823 -0.420  -5.568  1.00 88.28 ? 38  ARG A CZ  1 
ATOM   283  N NH1 . ARG A 1 38  ? -16.373 -0.319  -4.362  1.00 84.74 ? 38  ARG A NH1 1 
ATOM   284  N NH2 . ARG A 1 38  ? -16.393 -1.199  -6.482  1.00 90.29 ? 38  ARG A NH2 1 
ATOM   285  N N   . TYR A 1 39  ? -11.275 -3.227  -3.931  1.00 25.50 ? 39  TYR A N   1 
ATOM   286  C CA  . TYR A 1 39  ? -10.991 -4.551  -4.487  1.00 27.03 ? 39  TYR A CA  1 
ATOM   287  C C   . TYR A 1 39  ? -12.288 -5.379  -4.522  1.00 33.16 ? 39  TYR A C   1 
ATOM   288  O O   . TYR A 1 39  ? -13.337 -4.932  -4.033  1.00 32.75 ? 39  TYR A O   1 
ATOM   289  C CB  . TYR A 1 39  ? -9.882  -5.267  -3.686  1.00 18.42 ? 39  TYR A CB  1 
ATOM   290  C CG  . TYR A 1 39  ? -10.326 -5.921  -2.389  1.00 20.63 ? 39  TYR A CG  1 
ATOM   291  C CD1 . TYR A 1 39  ? -10.679 -5.157  -1.274  1.00 19.62 ? 39  TYR A CD1 1 
ATOM   292  C CD2 . TYR A 1 39  ? -10.392 -7.310  -2.276  1.00 17.11 ? 39  TYR A CD2 1 
ATOM   293  C CE1 . TYR A 1 39  ? -11.088 -5.765  -0.083  1.00 15.62 ? 39  TYR A CE1 1 
ATOM   294  C CE2 . TYR A 1 39  ? -10.799 -7.922  -1.094  1.00 15.22 ? 39  TYR A CE2 1 
ATOM   295  C CZ  . TYR A 1 39  ? -11.145 -7.144  -0.005  1.00 18.15 ? 39  TYR A CZ  1 
ATOM   296  O OH  . TYR A 1 39  ? -11.567 -7.753  1.152   1.00 19.65 ? 39  TYR A OH  1 
ATOM   297  N N   . ASP A 1 40  ? -12.225 -6.573  -5.111  1.00 35.27 ? 40  ASP A N   1 
ATOM   298  C CA  . ASP A 1 40  ? -13.392 -7.449  -5.199  1.00 29.27 ? 40  ASP A CA  1 
ATOM   299  C C   . ASP A 1 40  ? -13.155 -8.713  -4.369  1.00 29.22 ? 40  ASP A C   1 
ATOM   300  O O   . ASP A 1 40  ? -12.406 -9.596  -4.771  1.00 30.57 ? 40  ASP A O   1 
ATOM   301  C CB  . ASP A 1 40  ? -13.659 -7.819  -6.664  1.00 35.58 ? 40  ASP A CB  1 
ATOM   302  C CG  . ASP A 1 40  ? -15.055 -8.408  -6.890  1.00 33.80 ? 40  ASP A CG  1 
ATOM   303  O OD1 . ASP A 1 40  ? -15.629 -9.061  -5.985  1.00 32.59 ? 40  ASP A OD1 1 
ATOM   304  O OD2 . ASP A 1 40  ? -15.583 -8.217  -8.003  1.00 45.60 ? 40  ASP A OD2 1 
ATOM   305  N N   . PRO A 1 41  ? -13.841 -8.839  -3.224  1.00 32.48 ? 41  PRO A N   1 
ATOM   306  C CA  . PRO A 1 41  ? -13.689 -10.005 -2.353  1.00 32.03 ? 41  PRO A CA  1 
ATOM   307  C C   . PRO A 1 41  ? -14.161 -11.325 -2.948  1.00 32.36 ? 41  PRO A C   1 
ATOM   308  O O   . PRO A 1 41  ? -14.021 -12.370 -2.318  1.00 34.83 ? 41  PRO A O   1 
ATOM   309  C CB  . PRO A 1 41  ? -14.518 -9.620  -1.124  1.00 33.95 ? 41  PRO A CB  1 
ATOM   310  C CG  . PRO A 1 41  ? -15.584 -8.747  -1.702  1.00 30.55 ? 41  PRO A CG  1 
ATOM   311  C CD  . PRO A 1 41  ? -14.793 -7.877  -2.641  1.00 28.75 ? 41  PRO A CD  1 
ATOM   312  N N   . ASN A 1 42  ? -14.770 -11.277 -4.130  1.00 36.05 ? 42  ASN A N   1 
ATOM   313  C CA  . ASN A 1 42  ? -15.245 -12.500 -4.780  1.00 38.40 ? 42  ASN A CA  1 
ATOM   314  C C   . ASN A 1 42  ? -14.144 -13.106 -5.627  1.00 38.08 ? 42  ASN A C   1 
ATOM   315  O O   . ASN A 1 42  ? -14.130 -14.303 -5.882  1.00 43.24 ? 42  ASN A O   1 
ATOM   316  C CB  . ASN A 1 42  ? -16.471 -12.225 -5.646  1.00 41.80 ? 42  ASN A CB  1 
ATOM   317  C CG  . ASN A 1 42  ? -17.682 -11.857 -4.825  1.00 52.59 ? 42  ASN A CG  1 
ATOM   318  O OD1 . ASN A 1 42  ? -18.120 -12.620 -3.960  1.00 48.91 ? 42  ASN A OD1 1 
ATOM   319  N ND2 . ASN A 1 42  ? -18.220 -10.670 -5.071  1.00 57.02 ? 42  ASN A ND2 1 
ATOM   320  N N   . VAL A 1 43  ? -13.237 -12.253 -6.085  1.00 33.20 ? 43  VAL A N   1 
ATOM   321  C CA  . VAL A 1 43  ? -12.110 -12.683 -6.888  1.00 30.13 ? 43  VAL A CA  1 
ATOM   322  C C   . VAL A 1 43  ? -10.894 -12.911 -5.988  1.00 33.79 ? 43  VAL A C   1 
ATOM   323  O O   . VAL A 1 43  ? -10.240 -13.947 -6.074  1.00 32.31 ? 43  VAL A O   1 
ATOM   324  C CB  . VAL A 1 43  ? -11.767 -11.621 -7.945  1.00 29.66 ? 43  VAL A CB  1 
ATOM   325  C CG1 . VAL A 1 43  ? -10.553 -12.050 -8.771  1.00 22.97 ? 43  VAL A CG1 1 
ATOM   326  C CG2 . VAL A 1 43  ? -12.976 -11.368 -8.828  1.00 30.04 ? 43  VAL A CG2 1 
ATOM   327  N N   . LEU A 1 44  ? -10.626 -11.960 -5.096  1.00 28.18 ? 44  LEU A N   1 
ATOM   328  C CA  . LEU A 1 44  ? -9.475  -12.042 -4.206  1.00 30.39 ? 44  LEU A CA  1 
ATOM   329  C C   . LEU A 1 44  ? -9.838  -12.041 -2.732  1.00 34.64 ? 44  LEU A C   1 
ATOM   330  O O   . LEU A 1 44  ? -10.639 -11.213 -2.286  1.00 38.77 ? 44  LEU A O   1 
ATOM   331  C CB  . LEU A 1 44  ? -8.544  -10.852 -4.442  1.00 25.72 ? 44  LEU A CB  1 
ATOM   332  C CG  . LEU A 1 44  ? -8.014  -10.531 -5.835  1.00 27.08 ? 44  LEU A CG  1 
ATOM   333  C CD1 . LEU A 1 44  ? -7.241  -9.208  -5.795  1.00 21.09 ? 44  LEU A CD1 1 
ATOM   334  C CD2 . LEU A 1 44  ? -7.138  -11.662 -6.318  1.00 26.76 ? 44  LEU A CD2 1 
ATOM   335  N N   . GLU A 1 45  ? -9.246  -12.965 -1.978  1.00 32.68 ? 45  GLU A N   1 
ATOM   336  C CA  . GLU A 1 45  ? -9.455  -13.011 -0.534  1.00 32.06 ? 45  GLU A CA  1 
ATOM   337  C C   . GLU A 1 45  ? -8.139  -12.549 0.103   1.00 34.21 ? 45  GLU A C   1 
ATOM   338  O O   . GLU A 1 45  ? -7.107  -13.214 -0.044  1.00 32.99 ? 45  GLU A O   1 
ATOM   339  C CB  . GLU A 1 45  ? -9.813  -14.414 -0.054  1.00 28.11 ? 45  GLU A CB  1 
ATOM   340  C CG  . GLU A 1 45  ? -10.007 -14.488 1.449   1.00 34.25 ? 45  GLU A CG  1 
ATOM   341  C CD  . GLU A 1 45  ? -10.656 -15.776 1.892   1.00 50.15 ? 45  GLU A CD  1 
ATOM   342  O OE1 . GLU A 1 45  ? -11.906 -15.830 1.905   1.00 55.42 ? 45  GLU A OE1 1 
ATOM   343  O OE2 . GLU A 1 45  ? -9.922  -16.733 2.222   1.00 55.14 ? 45  GLU A OE2 1 
ATOM   344  N N   . ILE A 1 46  ? -8.163  -11.380 0.746   1.00 34.64 ? 46  ILE A N   1 
ATOM   345  C CA  . ILE A 1 46  ? -6.963  -10.824 1.377   1.00 34.71 ? 46  ILE A CA  1 
ATOM   346  C C   . ILE A 1 46  ? -6.645  -11.559 2.678   1.00 38.10 ? 46  ILE A C   1 
ATOM   347  O O   . ILE A 1 46  ? -7.447  -11.554 3.617   1.00 40.85 ? 46  ILE A O   1 
ATOM   348  C CB  . ILE A 1 46  ? -7.110  -9.313  1.675   1.00 27.59 ? 46  ILE A CB  1 
ATOM   349  C CG1 . ILE A 1 46  ? -7.691  -8.571  0.468   1.00 24.51 ? 46  ILE A CG1 1 
ATOM   350  C CG2 . ILE A 1 46  ? -5.761  -8.723  2.039   1.00 24.09 ? 46  ILE A CG2 1 
ATOM   351  C CD1 . ILE A 1 46  ? -6.837  -8.576  -0.766  1.00 23.18 ? 46  ILE A CD1 1 
ATOM   352  N N   . ILE A 1 47  ? -5.492  -12.223 2.705   1.00 38.74 ? 47  ILE A N   1 
ATOM   353  C CA  . ILE A 1 47  ? -5.044  -12.984 3.869   1.00 36.25 ? 47  ILE A CA  1 
ATOM   354  C C   . ILE A 1 47  ? -4.269  -12.087 4.840   1.00 30.96 ? 47  ILE A C   1 
ATOM   355  O O   . ILE A 1 47  ? -4.328  -12.285 6.048   1.00 33.03 ? 47  ILE A O   1 
ATOM   356  C CB  . ILE A 1 47  ? -4.143  -14.180 3.433   1.00 41.79 ? 47  ILE A CB  1 
ATOM   357  C CG1 . ILE A 1 47  ? -4.870  -15.038 2.401   1.00 39.39 ? 47  ILE A CG1 1 
ATOM   358  C CG2 . ILE A 1 47  ? -3.784  -15.049 4.627   1.00 44.07 ? 47  ILE A CG2 1 
ATOM   359  C CD1 . ILE A 1 47  ? -6.192  -15.574 2.892   1.00 36.33 ? 47  ILE A CD1 1 
ATOM   360  N N   . GLY A 1 48  ? -3.542  -11.110 4.307   1.00 25.54 ? 48  GLY A N   1 
ATOM   361  C CA  . GLY A 1 48  ? -2.776  -10.213 5.149   1.00 22.19 ? 48  GLY A CA  1 
ATOM   362  C C   . GLY A 1 48  ? -2.023  -9.202  4.317   1.00 24.78 ? 48  GLY A C   1 
ATOM   363  O O   . GLY A 1 48  ? -1.902  -9.383  3.107   1.00 22.11 ? 48  GLY A O   1 
ATOM   364  N N   . ILE A 1 49  ? -1.549  -8.125  4.950   1.00 23.47 ? 49  ILE A N   1 
ATOM   365  C CA  . ILE A 1 49  ? -0.792  -7.071  4.266   1.00 23.62 ? 49  ILE A CA  1 
ATOM   366  C C   . ILE A 1 49  ? 0.450   -6.778  5.104   1.00 25.40 ? 49  ILE A C   1 
ATOM   367  O O   . ILE A 1 49  ? 0.328   -6.424  6.274   1.00 28.84 ? 49  ILE A O   1 
ATOM   368  C CB  . ILE A 1 49  ? -1.626  -5.773  4.123   1.00 25.50 ? 49  ILE A CB  1 
ATOM   369  C CG1 . ILE A 1 49  ? -2.952  -6.072  3.407   1.00 25.69 ? 49  ILE A CG1 1 
ATOM   370  C CG2 . ILE A 1 49  ? -0.835  -4.728  3.348   1.00 19.82 ? 49  ILE A CG2 1 
ATOM   371  C CD1 . ILE A 1 49  ? -3.912  -4.903  3.340   1.00 22.83 ? 49  ILE A CD1 1 
ATOM   372  N N   . ASP A 1 50  ? 1.635   -6.932  4.507   1.00 26.84 ? 50  ASP A N   1 
ATOM   373  C CA  . ASP A 1 50  ? 2.908   -6.720  5.208   1.00 26.93 ? 50  ASP A CA  1 
ATOM   374  C C   . ASP A 1 50  ? 3.663   -5.475  4.764   1.00 25.25 ? 50  ASP A C   1 
ATOM   375  O O   . ASP A 1 50  ? 3.638   -5.099  3.587   1.00 28.81 ? 50  ASP A O   1 
ATOM   376  C CB  . ASP A 1 50  ? 3.852   -7.919  5.004   1.00 29.89 ? 50  ASP A CB  1 
ATOM   377  C CG  . ASP A 1 50  ? 3.275   -9.224  5.506   1.00 33.08 ? 50  ASP A CG  1 
ATOM   378  O OD1 . ASP A 1 50  ? 2.534   -9.210  6.509   1.00 32.39 ? 50  ASP A OD1 1 
ATOM   379  O OD2 . ASP A 1 50  ? 3.580   -10.273 4.898   1.00 41.93 ? 50  ASP A OD2 1 
ATOM   380  N N   . PRO A 1 51  ? 4.374   -4.830  5.704   1.00 25.17 ? 51  PRO A N   1 
ATOM   381  C CA  . PRO A 1 51  ? 5.158   -3.621  5.416   1.00 24.22 ? 51  PRO A CA  1 
ATOM   382  C C   . PRO A 1 51  ? 6.336   -3.919  4.493   1.00 25.66 ? 51  PRO A C   1 
ATOM   383  O O   . PRO A 1 51  ? 6.928   -4.989  4.569   1.00 29.68 ? 51  PRO A O   1 
ATOM   384  C CB  . PRO A 1 51  ? 5.634   -3.176  6.804   1.00 22.28 ? 51  PRO A CB  1 
ATOM   385  C CG  . PRO A 1 51  ? 5.615   -4.447  7.612   1.00 24.21 ? 51  PRO A CG  1 
ATOM   386  C CD  . PRO A 1 51  ? 4.362   -5.126  7.147   1.00 22.19 ? 51  PRO A CD  1 
ATOM   387  N N   . GLY A 1 52  ? 6.649   -2.983  3.607   1.00 26.40 ? 52  GLY A N   1 
ATOM   388  C CA  . GLY A 1 52  ? 7.748   -3.164  2.679   1.00 29.02 ? 52  GLY A CA  1 
ATOM   389  C C   . GLY A 1 52  ? 9.088   -2.856  3.312   1.00 39.43 ? 52  GLY A C   1 
ATOM   390  O O   . GLY A 1 52  ? 9.161   -2.444  4.473   1.00 39.30 ? 52  GLY A O   1 
ATOM   391  N N   . ASP A 1 53  ? 10.156  -3.018  2.539   1.00 42.06 ? 53  ASP A N   1 
ATOM   392  C CA  . ASP A 1 53  ? 11.497  -2.766  3.053   1.00 48.53 ? 53  ASP A CA  1 
ATOM   393  C C   . ASP A 1 53  ? 11.874  -1.297  3.195   1.00 45.36 ? 53  ASP A C   1 
ATOM   394  O O   . ASP A 1 53  ? 12.872  -0.986  3.841   1.00 45.73 ? 53  ASP A O   1 
ATOM   395  C CB  . ASP A 1 53  ? 12.569  -3.546  2.267   1.00 56.89 ? 53  ASP A CB  1 
ATOM   396  C CG  . ASP A 1 53  ? 12.346  -3.517  0.764   1.00 65.36 ? 53  ASP A CG  1 
ATOM   397  O OD1 . ASP A 1 53  ? 12.658  -2.487  0.123   1.00 61.86 ? 53  ASP A OD1 1 
ATOM   398  O OD2 . ASP A 1 53  ? 11.866  -4.541  0.227   1.00 69.34 ? 53  ASP A OD2 1 
ATOM   399  N N   . ILE A 1 54  ? 11.096  -0.394  2.597   1.00 42.01 ? 54  ILE A N   1 
ATOM   400  C CA  . ILE A 1 54  ? 11.402  1.029   2.743   1.00 41.29 ? 54  ILE A CA  1 
ATOM   401  C C   . ILE A 1 54  ? 10.983  1.547   4.129   1.00 43.78 ? 54  ILE A C   1 
ATOM   402  O O   . ILE A 1 54  ? 11.369  2.650   4.531   1.00 47.56 ? 54  ILE A O   1 
ATOM   403  C CB  . ILE A 1 54  ? 10.795  1.909   1.623   1.00 36.83 ? 54  ILE A CB  1 
ATOM   404  C CG1 . ILE A 1 54  ? 9.277   1.745   1.547   1.00 35.30 ? 54  ILE A CG1 1 
ATOM   405  C CG2 . ILE A 1 54  ? 11.466  1.599   0.303   1.00 34.88 ? 54  ILE A CG2 1 
ATOM   406  C CD1 . ILE A 1 54  ? 8.639   2.602   0.463   1.00 36.41 ? 54  ILE A CD1 1 
ATOM   407  N N   . ILE A 1 55  ? 10.201  0.750   4.855   1.00 38.14 ? 55  ILE A N   1 
ATOM   408  C CA  . ILE A 1 55  ? 9.761   1.110   6.203   1.00 42.01 ? 55  ILE A CA  1 
ATOM   409  C C   . ILE A 1 55  ? 10.975  0.858   7.122   1.00 48.58 ? 55  ILE A C   1 
ATOM   410  O O   . ILE A 1 55  ? 11.228  -0.278  7.536   1.00 48.75 ? 55  ILE A O   1 
ATOM   411  C CB  . ILE A 1 55  ? 8.550   0.230   6.665   1.00 37.92 ? 55  ILE A CB  1 
ATOM   412  C CG1 . ILE A 1 55  ? 7.380   0.350   5.687   1.00 37.57 ? 55  ILE A CG1 1 
ATOM   413  C CG2 . ILE A 1 55  ? 8.087   0.628   8.055   1.00 40.99 ? 55  ILE A CG2 1 
ATOM   414  C CD1 . ILE A 1 55  ? 6.889   1.750   5.479   1.00 39.99 ? 55  ILE A CD1 1 
ATOM   415  N N   . VAL A 1 56  ? 11.732  1.918   7.403   1.00 51.21 ? 56  VAL A N   1 
ATOM   416  C CA  . VAL A 1 56  ? 12.938  1.855   8.239   1.00 49.77 ? 56  VAL A CA  1 
ATOM   417  C C   . VAL A 1 56  ? 12.733  1.569   9.737   1.00 48.47 ? 56  VAL A C   1 
ATOM   418  O O   . VAL A 1 56  ? 13.674  1.188   10.432  1.00 49.51 ? 56  VAL A O   1 
ATOM   419  C CB  . VAL A 1 56  ? 13.781  3.139   8.057   1.00 54.25 ? 56  VAL A CB  1 
ATOM   420  C CG1 . VAL A 1 56  ? 15.026  3.110   8.934   1.00 63.22 ? 56  VAL A CG1 1 
ATOM   421  C CG2 . VAL A 1 56  ? 14.190  3.283   6.598   1.00 56.25 ? 56  VAL A CG2 1 
ATOM   422  N N   . ASP A 1 57  ? 11.515  1.758   10.236  1.00 48.56 ? 57  ASP A N   1 
ATOM   423  C CA  . ASP A 1 57  ? 11.213  1.493   11.643  1.00 47.58 ? 57  ASP A CA  1 
ATOM   424  C C   . ASP A 1 57  ? 11.631  0.042   11.954  1.00 52.67 ? 57  ASP A C   1 
ATOM   425  O O   . ASP A 1 57  ? 11.164  -0.894  11.305  1.00 55.60 ? 57  ASP A O   1 
ATOM   426  C CB  . ASP A 1 57  ? 9.702   1.684   11.890  1.00 44.84 ? 57  ASP A CB  1 
ATOM   427  C CG  . ASP A 1 57  ? 9.288   1.497   13.364  1.00 48.90 ? 57  ASP A CG  1 
ATOM   428  O OD1 . ASP A 1 57  ? 10.014  0.861   14.154  1.00 52.59 ? 57  ASP A OD1 1 
ATOM   429  O OD2 . ASP A 1 57  ? 8.198   1.982   13.737  1.00 48.94 ? 57  ASP A OD2 1 
ATOM   430  N N   . PRO A 1 58  ? 12.516  -0.153  12.950  1.00 55.20 ? 58  PRO A N   1 
ATOM   431  C CA  . PRO A 1 58  ? 12.991  -1.486  13.348  1.00 54.74 ? 58  PRO A CA  1 
ATOM   432  C C   . PRO A 1 58  ? 11.873  -2.480  13.658  1.00 51.42 ? 58  PRO A C   1 
ATOM   433  O O   . PRO A 1 58  ? 12.079  -3.693  13.632  1.00 49.13 ? 58  PRO A O   1 
ATOM   434  C CB  . PRO A 1 58  ? 13.865  -1.193  14.578  1.00 54.48 ? 58  PRO A CB  1 
ATOM   435  C CG  . PRO A 1 58  ? 13.346  0.131   15.079  1.00 54.85 ? 58  PRO A CG  1 
ATOM   436  C CD  . PRO A 1 58  ? 13.131  0.881   13.797  1.00 55.24 ? 58  PRO A CD  1 
ATOM   437  N N   . ASN A 1 59  ? 10.708  -1.956  14.026  1.00 49.73 ? 59  ASN A N   1 
ATOM   438  C CA  . ASN A 1 59  ? 9.533   -2.774  14.306  1.00 50.42 ? 59  ASN A CA  1 
ATOM   439  C C   . ASN A 1 59  ? 8.439   -2.124  13.457  1.00 52.05 ? 59  ASN A C   1 
ATOM   440  O O   . ASN A 1 59  ? 7.574   -1.405  13.962  1.00 49.80 ? 59  ASN A O   1 
ATOM   441  C CB  . ASN A 1 59  ? 9.175   -2.725  15.796  1.00 44.01 ? 59  ASN A CB  1 
ATOM   442  C CG  . ASN A 1 59  ? 8.181   -3.805  16.203  1.00 48.64 ? 59  ASN A CG  1 
ATOM   443  O OD1 . ASN A 1 59  ? 8.079   -4.143  17.379  1.00 52.07 ? 59  ASN A OD1 1 
ATOM   444  N ND2 . ASN A 1 59  ? 7.448   -4.351  15.240  1.00 49.13 ? 59  ASN A ND2 1 
ATOM   445  N N   . PRO A 1 60  ? 8.451   -2.413  12.140  1.00 51.13 ? 60  PRO A N   1 
ATOM   446  C CA  . PRO A 1 60  ? 7.538   -1.908  11.103  1.00 46.97 ? 60  PRO A CA  1 
ATOM   447  C C   . PRO A 1 60  ? 6.053   -1.838  11.448  1.00 40.70 ? 60  PRO A C   1 
ATOM   448  O O   . PRO A 1 60  ? 5.362   -0.932  11.000  1.00 38.56 ? 60  PRO A O   1 
ATOM   449  C CB  . PRO A 1 60  ? 7.804   -2.856  9.935   1.00 50.11 ? 60  PRO A CB  1 
ATOM   450  C CG  . PRO A 1 60  ? 9.228   -3.235  10.131  1.00 48.59 ? 60  PRO A CG  1 
ATOM   451  C CD  . PRO A 1 60  ? 9.254   -3.517  11.602  1.00 48.36 ? 60  PRO A CD  1 
ATOM   452  N N   . THR A 1 61  ? 5.578   -2.777  12.254  1.00 36.29 ? 61  THR A N   1 
ATOM   453  C CA  . THR A 1 61  ? 4.176   -2.823  12.654  1.00 39.22 ? 61  THR A CA  1 
ATOM   454  C C   . THR A 1 61  ? 3.737   -1.609  13.496  1.00 40.96 ? 61  THR A C   1 
ATOM   455  O O   . THR A 1 61  ? 2.544   -1.343  13.634  1.00 41.62 ? 61  THR A O   1 
ATOM   456  C CB  . THR A 1 61  ? 3.872   -4.129  13.423  1.00 40.19 ? 61  THR A CB  1 
ATOM   457  O OG1 . THR A 1 61  ? 5.110   -4.781  13.763  1.00 53.89 ? 61  THR A OG1 1 
ATOM   458  C CG2 . THR A 1 61  ? 3.049   -5.066  12.573  1.00 45.93 ? 61  THR A CG2 1 
ATOM   459  N N   . LYS A 1 62  ? 4.699   -0.885  14.068  1.00 42.45 ? 62  LYS A N   1 
ATOM   460  C CA  . LYS A 1 62  ? 4.394   0.287   14.892  1.00 40.47 ? 62  LYS A CA  1 
ATOM   461  C C   . LYS A 1 62  ? 4.038   1.491   14.021  1.00 38.50 ? 62  LYS A C   1 
ATOM   462  O O   . LYS A 1 62  ? 3.114   2.239   14.334  1.00 46.49 ? 62  LYS A O   1 
ATOM   463  C CB  . LYS A 1 62  ? 5.575   0.640   15.805  1.00 39.70 ? 62  LYS A CB  1 
ATOM   464  C CG  . LYS A 1 62  ? 6.019   -0.471  16.749  1.00 37.29 ? 62  LYS A CG  1 
ATOM   465  C CD  . LYS A 1 62  ? 4.888   -0.984  17.626  1.00 41.00 ? 62  LYS A CD  1 
ATOM   466  C CE  . LYS A 1 62  ? 4.377   0.066   18.601  1.00 49.05 ? 62  LYS A CE  1 
ATOM   467  N NZ  . LYS A 1 62  ? 3.356   -0.524  19.516  1.00 47.92 ? 62  LYS A NZ  1 
ATOM   468  N N   . SER A 1 63  ? 4.784   1.670   12.937  1.00 30.32 ? 63  SER A N   1 
ATOM   469  C CA  . SER A 1 63  ? 4.567   2.762   12.001  1.00 30.70 ? 63  SER A CA  1 
ATOM   470  C C   . SER A 1 63  ? 3.571   2.434   10.878  1.00 34.67 ? 63  SER A C   1 
ATOM   471  O O   . SER A 1 63  ? 3.019   3.335   10.246  1.00 37.30 ? 63  SER A O   1 
ATOM   472  C CB  . SER A 1 63  ? 5.895   3.149   11.339  1.00 28.94 ? 63  SER A CB  1 
ATOM   473  O OG  . SER A 1 63  ? 6.827   3.664   12.268  1.00 35.35 ? 63  SER A OG  1 
ATOM   474  N N   . PHE A 1 64  ? 3.368   1.150   10.615  1.00 37.10 ? 64  PHE A N   1 
ATOM   475  C CA  . PHE A 1 64  ? 2.507   0.710   9.523   1.00 30.43 ? 64  PHE A CA  1 
ATOM   476  C C   . PHE A 1 64  ? 1.292   -0.048  10.031  1.00 29.87 ? 64  PHE A C   1 
ATOM   477  O O   . PHE A 1 64  ? 1.420   -0.945  10.869  1.00 32.37 ? 64  PHE A O   1 
ATOM   478  C CB  . PHE A 1 64  ? 3.352   -0.172  8.583   1.00 33.31 ? 64  PHE A CB  1 
ATOM   479  C CG  . PHE A 1 64  ? 2.608   -0.732  7.399   1.00 25.82 ? 64  PHE A CG  1 
ATOM   480  C CD1 . PHE A 1 64  ? 1.916   -1.937  7.499   1.00 19.11 ? 64  PHE A CD1 1 
ATOM   481  C CD2 . PHE A 1 64  ? 2.638   -0.075  6.172   1.00 27.43 ? 64  PHE A CD2 1 
ATOM   482  C CE1 . PHE A 1 64  ? 1.264   -2.482  6.390   1.00 28.30 ? 64  PHE A CE1 1 
ATOM   483  C CE2 . PHE A 1 64  ? 1.987   -0.613  5.054   1.00 27.48 ? 64  PHE A CE2 1 
ATOM   484  C CZ  . PHE A 1 64  ? 1.301   -1.817  5.163   1.00 19.29 ? 64  PHE A CZ  1 
ATOM   485  N N   . ASP A 1 65  ? 0.118   0.325   9.523   1.00 29.10 ? 65  ASP A N   1 
ATOM   486  C CA  . ASP A 1 65  ? -1.143  -0.314  9.891   1.00 30.69 ? 65  ASP A CA  1 
ATOM   487  C C   . ASP A 1 65  ? -2.086  -0.367  8.700   1.00 26.77 ? 65  ASP A C   1 
ATOM   488  O O   . ASP A 1 65  ? -1.976  0.455   7.778   1.00 25.62 ? 65  ASP A O   1 
ATOM   489  C CB  . ASP A 1 65  ? -1.829  0.452   11.023  1.00 41.82 ? 65  ASP A CB  1 
ATOM   490  C CG  . ASP A 1 65  ? -1.396  -0.022  12.386  1.00 56.96 ? 65  ASP A CG  1 
ATOM   491  O OD1 . ASP A 1 65  ? -1.875  -1.098  12.809  1.00 66.31 ? 65  ASP A OD1 1 
ATOM   492  O OD2 . ASP A 1 65  ? -0.583  0.680   13.030  1.00 67.39 ? 65  ASP A OD2 1 
ATOM   493  N N   . THR A 1 66  ? -2.970  -1.366  8.701   1.00 25.64 ? 66  THR A N   1 
ATOM   494  C CA  . THR A 1 66  ? -3.972  -1.542  7.650   1.00 26.64 ? 66  THR A CA  1 
ATOM   495  C C   . THR A 1 66  ? -5.270  -2.076  8.240   1.00 22.52 ? 66  THR A C   1 
ATOM   496  O O   . THR A 1 66  ? -5.281  -2.658  9.323   1.00 24.55 ? 66  THR A O   1 
ATOM   497  C CB  . THR A 1 66  ? -3.524  -2.558  6.556   1.00 27.37 ? 66  THR A CB  1 
ATOM   498  O OG1 . THR A 1 66  ? -3.239  -3.821  7.162   1.00 28.06 ? 66  THR A OG1 1 
ATOM   499  C CG2 . THR A 1 66  ? -2.309  -2.057  5.792   1.00 18.84 ? 66  THR A CG2 1 
ATOM   500  N N   . ALA A 1 67  ? -6.374  -1.812  7.558   1.00 26.75 ? 67  ALA A N   1 
ATOM   501  C CA  . ALA A 1 67  ? -7.675  -2.324  7.983   1.00 26.81 ? 67  ALA A CA  1 
ATOM   502  C C   . ALA A 1 67  ? -8.330  -2.834  6.698   1.00 24.41 ? 67  ALA A C   1 
ATOM   503  O O   . ALA A 1 67  ? -8.197  -2.215  5.636   1.00 27.24 ? 67  ALA A O   1 
ATOM   504  C CB  . ALA A 1 67  ? -8.510  -1.232  8.632   1.00 25.08 ? 67  ALA A CB  1 
ATOM   505  N N   . ILE A 1 68  ? -8.974  -3.991  6.780   1.00 28.60 ? 68  ILE A N   1 
ATOM   506  C CA  . ILE A 1 68  ? -9.606  -4.590  5.611   1.00 28.98 ? 68  ILE A CA  1 
ATOM   507  C C   . ILE A 1 68  ? -11.089 -4.773  5.855   1.00 26.66 ? 68  ILE A C   1 
ATOM   508  O O   . ILE A 1 68  ? -11.488 -5.408  6.830   1.00 23.74 ? 68  ILE A O   1 
ATOM   509  C CB  . ILE A 1 68  ? -8.957  -5.962  5.281   1.00 32.34 ? 68  ILE A CB  1 
ATOM   510  C CG1 . ILE A 1 68  ? -7.488  -5.756  4.884   1.00 33.11 ? 68  ILE A CG1 1 
ATOM   511  C CG2 . ILE A 1 68  ? -9.718  -6.661  4.151   1.00 22.65 ? 68  ILE A CG2 1 
ATOM   512  C CD1 . ILE A 1 68  ? -6.568  -6.885  5.306   1.00 36.20 ? 68  ILE A CD1 1 
ATOM   513  N N   . TYR A 1 69  ? -11.907 -4.223  4.963   1.00 30.83 ? 69  TYR A N   1 
ATOM   514  C CA  . TYR A 1 69  ? -13.354 -4.333  5.096   1.00 29.83 ? 69  TYR A CA  1 
ATOM   515  C C   . TYR A 1 69  ? -13.968 -4.958  3.853   1.00 32.13 ? 69  TYR A C   1 
ATOM   516  O O   . TYR A 1 69  ? -14.281 -4.261  2.887   1.00 37.00 ? 69  TYR A O   1 
ATOM   517  C CB  . TYR A 1 69  ? -13.966 -2.960  5.390   1.00 26.60 ? 69  TYR A CB  1 
ATOM   518  C CG  . TYR A 1 69  ? -13.409 -2.331  6.655   1.00 22.78 ? 69  TYR A CG  1 
ATOM   519  C CD1 . TYR A 1 69  ? -13.767 -2.815  7.920   1.00 21.68 ? 69  TYR A CD1 1 
ATOM   520  C CD2 . TYR A 1 69  ? -12.491 -1.283  6.584   1.00 22.92 ? 69  TYR A CD2 1 
ATOM   521  C CE1 . TYR A 1 69  ? -13.214 -2.272  9.080   1.00 25.70 ? 69  TYR A CE1 1 
ATOM   522  C CE2 . TYR A 1 69  ? -11.934 -0.734  7.735   1.00 23.32 ? 69  TYR A CE2 1 
ATOM   523  C CZ  . TYR A 1 69  ? -12.298 -1.233  8.972   1.00 23.06 ? 69  TYR A CZ  1 
ATOM   524  O OH  . TYR A 1 69  ? -11.732 -0.697  10.094  1.00 25.39 ? 69  TYR A OH  1 
ATOM   525  N N   . PRO A 1 70  ? -14.140 -6.293  3.865   1.00 34.62 ? 70  PRO A N   1 
ATOM   526  C CA  . PRO A 1 70  ? -14.710 -7.098  2.778   1.00 36.33 ? 70  PRO A CA  1 
ATOM   527  C C   . PRO A 1 70  ? -16.069 -6.591  2.275   1.00 37.72 ? 70  PRO A C   1 
ATOM   528  O O   . PRO A 1 70  ? -16.212 -6.298  1.093   1.00 36.84 ? 70  PRO A O   1 
ATOM   529  C CB  . PRO A 1 70  ? -14.833 -8.479  3.414   1.00 38.02 ? 70  PRO A CB  1 
ATOM   530  C CG  . PRO A 1 70  ? -13.692 -8.506  4.374   1.00 35.66 ? 70  PRO A CG  1 
ATOM   531  C CD  . PRO A 1 70  ? -13.790 -7.154  5.010   1.00 30.12 ? 70  PRO A CD  1 
ATOM   532  N N   . ASP A 1 71  ? -17.046 -6.466  3.175   1.00 37.98 ? 71  ASP A N   1 
ATOM   533  C CA  . ASP A 1 71  ? -18.388 -5.991  2.811   1.00 35.47 ? 71  ASP A CA  1 
ATOM   534  C C   . ASP A 1 71  ? -18.358 -4.642  2.105   1.00 35.46 ? 71  ASP A C   1 
ATOM   535  O O   . ASP A 1 71  ? -19.115 -4.411  1.167   1.00 42.81 ? 71  ASP A O   1 
ATOM   536  C CB  . ASP A 1 71  ? -19.289 -5.879  4.042   1.00 36.91 ? 71  ASP A CB  1 
ATOM   537  C CG  . ASP A 1 71  ? -19.523 -7.212  4.730   1.00 51.07 ? 71  ASP A CG  1 
ATOM   538  O OD1 . ASP A 1 71  ? -19.141 -8.270  4.176   1.00 54.08 ? 71  ASP A OD1 1 
ATOM   539  O OD2 . ASP A 1 71  ? -20.101 -7.195  5.840   1.00 56.47 ? 71  ASP A OD2 1 
ATOM   540  N N   . ARG A 1 72  ? -17.488 -3.753  2.570   1.00 36.10 ? 72  ARG A N   1 
ATOM   541  C CA  . ARG A 1 72  ? -17.349 -2.421  1.992   1.00 34.44 ? 72  ARG A CA  1 
ATOM   542  C C   . ARG A 1 72  ? -16.449 -2.468  0.747   1.00 37.43 ? 72  ARG A C   1 
ATOM   543  O O   . ARG A 1 72  ? -16.414 -1.517  -0.043  1.00 38.48 ? 72  ARG A O   1 
ATOM   544  C CB  . ARG A 1 72  ? -16.751 -1.473  3.038   1.00 44.42 ? 72  ARG A CB  1 
ATOM   545  C CG  . ARG A 1 72  ? -17.558 -0.214  3.302   1.00 55.21 ? 72  ARG A CG  1 
ATOM   546  C CD  . ARG A 1 72  ? -17.599 0.701   2.082   1.00 68.17 ? 72  ARG A CD  1 
ATOM   547  N NE  . ARG A 1 72  ? -18.413 1.893   2.317   1.00 78.96 ? 72  ARG A NE  1 
ATOM   548  C CZ  . ARG A 1 72  ? -19.725 1.880   2.555   1.00 82.12 ? 72  ARG A CZ  1 
ATOM   549  N NH1 . ARG A 1 72  ? -20.394 0.733   2.595   1.00 78.27 ? 72  ARG A NH1 1 
ATOM   550  N NH2 . ARG A 1 72  ? -20.368 3.018   2.786   1.00 81.89 ? 72  ARG A NH2 1 
ATOM   551  N N   . LYS A 1 73  ? -15.703 -3.568  0.602   1.00 32.82 ? 73  LYS A N   1 
ATOM   552  C CA  . LYS A 1 73  ? -14.792 -3.778  -0.529  1.00 24.94 ? 73  LYS A CA  1 
ATOM   553  C C   . LYS A 1 73  ? -13.633 -2.797  -0.546  1.00 19.44 ? 73  LYS A C   1 
ATOM   554  O O   . LYS A 1 73  ? -13.211 -2.337  -1.612  1.00 22.88 ? 73  LYS A O   1 
ATOM   555  C CB  . LYS A 1 73  ? -15.557 -3.719  -1.862  1.00 29.85 ? 73  LYS A CB  1 
ATOM   556  C CG  . LYS A 1 73  ? -16.601 -4.820  -2.007  1.00 33.11 ? 73  LYS A CG  1 
ATOM   557  C CD  . LYS A 1 73  ? -17.490 -4.626  -3.216  1.00 40.46 ? 73  LYS A CD  1 
ATOM   558  C CE  . LYS A 1 73  ? -18.507 -5.753  -3.313  1.00 46.60 ? 73  LYS A CE  1 
ATOM   559  N NZ  . LYS A 1 73  ? -19.688 -5.356  -4.123  1.00 57.39 ? 73  LYS A NZ  1 
ATOM   560  N N   . ILE A 1 74  ? -13.100 -2.482  0.633   1.00 21.27 ? 74  ILE A N   1 
ATOM   561  C CA  . ILE A 1 74  ? -11.979 -1.545  0.709   1.00 19.50 ? 74  ILE A CA  1 
ATOM   562  C C   . ILE A 1 74  ? -10.856 -2.015  1.631   1.00 18.16 ? 74  ILE A C   1 
ATOM   563  O O   . ILE A 1 74  ? -11.048 -2.857  2.521   1.00 16.97 ? 74  ILE A O   1 
ATOM   564  C CB  . ILE A 1 74  ? -12.416 -0.086  1.159   1.00 26.84 ? 74  ILE A CB  1 
ATOM   565  C CG1 . ILE A 1 74  ? -13.059 -0.101  2.549   1.00 23.85 ? 74  ILE A CG1 1 
ATOM   566  C CG2 . ILE A 1 74  ? -13.362 0.565   0.138   1.00 26.12 ? 74  ILE A CG2 1 
ATOM   567  C CD1 . ILE A 1 74  ? -13.070 1.257   3.227   1.00 26.29 ? 74  ILE A CD1 1 
ATOM   568  N N   . ILE A 1 75  ? -9.685  -1.437  1.401   1.00 23.05 ? 75  ILE A N   1 
ATOM   569  C CA  . ILE A 1 75  ? -8.483  -1.702  2.181   1.00 28.81 ? 75  ILE A CA  1 
ATOM   570  C C   . ILE A 1 75  ? -7.956  -0.320  2.576   1.00 25.17 ? 75  ILE A C   1 
ATOM   571  O O   . ILE A 1 75  ? -7.824  0.556   1.714   1.00 24.68 ? 75  ILE A O   1 
ATOM   572  C CB  . ILE A 1 75  ? -7.389  -2.376  1.320   1.00 31.87 ? 75  ILE A CB  1 
ATOM   573  C CG1 . ILE A 1 75  ? -7.899  -3.686  0.717   1.00 28.60 ? 75  ILE A CG1 1 
ATOM   574  C CG2 . ILE A 1 75  ? -6.150  -2.628  2.168   1.00 30.01 ? 75  ILE A CG2 1 
ATOM   575  C CD1 . ILE A 1 75  ? -6.985  -4.226  -0.365  1.00 33.19 ? 75  ILE A CD1 1 
ATOM   576  N N   . VAL A 1 76  ? -7.669  -0.119  3.861   1.00 25.61 ? 76  VAL A N   1 
ATOM   577  C CA  . VAL A 1 76  ? -7.160  1.172   4.335   1.00 25.68 ? 76  VAL A CA  1 
ATOM   578  C C   . VAL A 1 76  ? -5.695  1.077   4.768   1.00 20.48 ? 76  VAL A C   1 
ATOM   579  O O   . VAL A 1 76  ? -5.345  0.245   5.603   1.00 22.76 ? 76  VAL A O   1 
ATOM   580  C CB  . VAL A 1 76  ? -7.989  1.719   5.539   1.00 26.14 ? 76  VAL A CB  1 
ATOM   581  C CG1 . VAL A 1 76  ? -7.536  3.143   5.887   1.00 24.92 ? 76  VAL A CG1 1 
ATOM   582  C CG2 . VAL A 1 76  ? -9.480  1.684   5.228   1.00 22.86 ? 76  VAL A CG2 1 
ATOM   583  N N   . PHE A 1 77  ? -4.861  1.950   4.215   1.00 21.26 ? 77  PHE A N   1 
ATOM   584  C CA  . PHE A 1 77  ? -3.442  1.998   4.536   1.00 23.90 ? 77  PHE A CA  1 
ATOM   585  C C   . PHE A 1 77  ? -3.135  3.228   5.392   1.00 31.36 ? 77  PHE A C   1 
ATOM   586  O O   . PHE A 1 77  ? -3.431  4.352   4.978   1.00 27.93 ? 77  PHE A O   1 
ATOM   587  C CB  . PHE A 1 77  ? -2.609  2.109   3.251   1.00 26.97 ? 77  PHE A CB  1 
ATOM   588  C CG  . PHE A 1 77  ? -2.614  0.870   2.405   1.00 33.92 ? 77  PHE A CG  1 
ATOM   589  C CD1 . PHE A 1 77  ? -3.677  0.596   1.551   1.00 29.79 ? 77  PHE A CD1 1 
ATOM   590  C CD2 . PHE A 1 77  ? -1.558  -0.031  2.472   1.00 36.87 ? 77  PHE A CD2 1 
ATOM   591  C CE1 . PHE A 1 77  ? -3.686  -0.553  0.783   1.00 32.31 ? 77  PHE A CE1 1 
ATOM   592  C CE2 . PHE A 1 77  ? -1.559  -1.187  1.705   1.00 34.53 ? 77  PHE A CE2 1 
ATOM   593  C CZ  . PHE A 1 77  ? -2.626  -1.448  0.860   1.00 31.76 ? 77  PHE A CZ  1 
ATOM   594  N N   . LEU A 1 78  ? -2.524  3.030   6.560   1.00 32.00 ? 78  LEU A N   1 
ATOM   595  C CA  . LEU A 1 78  ? -2.146  4.150   7.429   1.00 34.79 ? 78  LEU A CA  1 
ATOM   596  C C   . LEU A 1 78  ? -0.686  4.071   7.846   1.00 29.16 ? 78  LEU A C   1 
ATOM   597  O O   . LEU A 1 78  ? -0.292  3.136   8.537   1.00 32.63 ? 78  LEU A O   1 
ATOM   598  C CB  . LEU A 1 78  ? -2.993  4.207   8.702   1.00 33.91 ? 78  LEU A CB  1 
ATOM   599  C CG  . LEU A 1 78  ? -4.489  4.450   8.591   1.00 41.76 ? 78  LEU A CG  1 
ATOM   600  C CD1 . LEU A 1 78  ? -5.213  3.111   8.709   1.00 43.33 ? 78  LEU A CD1 1 
ATOM   601  C CD2 . LEU A 1 78  ? -4.917  5.392   9.704   1.00 45.72 ? 78  LEU A CD2 1 
ATOM   602  N N   . PHE A 1 79  ? 0.105   5.043   7.407   1.00 31.10 ? 79  PHE A N   1 
ATOM   603  C CA  . PHE A 1 79  ? 1.518   5.118   7.760   1.00 34.38 ? 79  PHE A CA  1 
ATOM   604  C C   . PHE A 1 79  ? 1.785   6.394   8.553   1.00 37.25 ? 79  PHE A C   1 
ATOM   605  O O   . PHE A 1 79  ? 1.536   7.508   8.072   1.00 32.86 ? 79  PHE A O   1 
ATOM   606  C CB  . PHE A 1 79  ? 2.421   5.111   6.523   1.00 32.45 ? 79  PHE A CB  1 
ATOM   607  C CG  . PHE A 1 79  ? 3.868   5.407   6.835   1.00 31.94 ? 79  PHE A CG  1 
ATOM   608  C CD1 . PHE A 1 79  ? 4.639   4.499   7.561   1.00 36.60 ? 79  PHE A CD1 1 
ATOM   609  C CD2 . PHE A 1 79  ? 4.449   6.609   6.437   1.00 31.22 ? 79  PHE A CD2 1 
ATOM   610  C CE1 . PHE A 1 79  ? 5.968   4.784   7.888   1.00 39.69 ? 79  PHE A CE1 1 
ATOM   611  C CE2 . PHE A 1 79  ? 5.776   6.907   6.757   1.00 34.05 ? 79  PHE A CE2 1 
ATOM   612  C CZ  . PHE A 1 79  ? 6.536   5.992   7.485   1.00 38.77 ? 79  PHE A CZ  1 
ATOM   613  N N   . ALA A 1 80  ? 2.329   6.217   9.751   1.00 37.62 ? 80  ALA A N   1 
ATOM   614  C CA  . ALA A 1 80  ? 2.663   7.323   10.635  1.00 37.92 ? 80  ALA A CA  1 
ATOM   615  C C   . ALA A 1 80  ? 4.004   7.026   11.310  1.00 36.53 ? 80  ALA A C   1 
ATOM   616  O O   . ALA A 1 80  ? 4.097   6.171   12.198  1.00 33.63 ? 80  ALA A O   1 
ATOM   617  C CB  . ALA A 1 80  ? 1.563   7.519   11.678  1.00 35.53 ? 80  ALA A CB  1 
ATOM   618  N N   . GLU A 1 81  ? 5.041   7.685   10.802  1.00 37.70 ? 81  GLU A N   1 
ATOM   619  C CA  . GLU A 1 81  ? 6.424   7.595   11.281  1.00 43.21 ? 81  GLU A CA  1 
ATOM   620  C C   . GLU A 1 81  ? 6.417   7.585   12.830  1.00 42.63 ? 81  GLU A C   1 
ATOM   621  O O   . GLU A 1 81  ? 6.225   8.624   13.464  1.00 48.04 ? 81  GLU A O   1 
ATOM   622  C CB  . GLU A 1 81  ? 7.159   8.812   10.693  1.00 45.52 ? 81  GLU A CB  1 
ATOM   623  C CG  . GLU A 1 81  ? 8.634   8.892   10.874  1.00 51.58 ? 81  GLU A CG  1 
ATOM   624  C CD  . GLU A 1 81  ? 9.006   9.277   12.271  1.00 55.10 ? 81  GLU A CD  1 
ATOM   625  O OE1 . GLU A 1 81  ? 8.761   10.437  12.668  1.00 56.37 ? 81  GLU A OE1 1 
ATOM   626  O OE2 . GLU A 1 81  ? 9.516   8.398   12.983  1.00 61.58 ? 81  GLU A OE2 1 
ATOM   627  N N   . ASP A 1 82  ? 6.691   6.418   13.419  1.00 41.69 ? 82  ASP A N   1 
ATOM   628  C CA  . ASP A 1 82  ? 6.635   6.207   14.878  1.00 47.52 ? 82  ASP A CA  1 
ATOM   629  C C   . ASP A 1 82  ? 7.625   6.882   15.831  1.00 50.64 ? 82  ASP A C   1 
ATOM   630  O O   . ASP A 1 82  ? 7.322   7.028   17.014  1.00 50.75 ? 82  ASP A O   1 
ATOM   631  C CB  . ASP A 1 82  ? 6.598   4.703   15.194  1.00 49.66 ? 82  ASP A CB  1 
ATOM   632  C CG  . ASP A 1 82  ? 6.081   4.401   16.599  1.00 53.09 ? 82  ASP A CG  1 
ATOM   633  O OD1 . ASP A 1 82  ? 5.070   5.007   17.016  1.00 59.86 ? 82  ASP A OD1 1 
ATOM   634  O OD2 . ASP A 1 82  ? 6.676   3.545   17.288  1.00 61.04 ? 82  ASP A OD2 1 
ATOM   635  N N   . SER A 1 83  ? 8.807   7.261   15.359  1.00 49.56 ? 83  SER A N   1 
ATOM   636  C CA  . SER A 1 83  ? 9.772   7.900   16.257  1.00 52.75 ? 83  SER A CA  1 
ATOM   637  C C   . SER A 1 83  ? 9.272   9.256   16.755  1.00 59.61 ? 83  SER A C   1 
ATOM   638  O O   . SER A 1 83  ? 9.450   9.598   17.919  1.00 63.42 ? 83  SER A O   1 
ATOM   639  C CB  . SER A 1 83  ? 11.146  8.049   15.591  1.00 44.35 ? 83  SER A CB  1 
ATOM   640  O OG  . SER A 1 83  ? 11.192  9.152   14.698  1.00 37.93 ? 83  SER A OG  1 
ATOM   641  N N   . GLY A 1 84  ? 8.640   10.019  15.864  1.00 62.51 ? 84  GLY A N   1 
ATOM   642  C CA  . GLY A 1 84  ? 8.129   11.329  16.228  1.00 62.15 ? 84  GLY A CA  1 
ATOM   643  C C   . GLY A 1 84  ? 9.161   12.427  16.055  1.00 65.36 ? 84  GLY A C   1 
ATOM   644  O O   . GLY A 1 84  ? 8.950   13.566  16.467  1.00 71.77 ? 84  GLY A O   1 
ATOM   645  N N   . THR A 1 85  ? 10.284  12.092  15.427  1.00 64.06 ? 85  THR A N   1 
ATOM   646  C CA  . THR A 1 85  ? 11.358  13.056  15.194  1.00 62.27 ? 85  THR A CA  1 
ATOM   647  C C   . THR A 1 85  ? 11.663  13.124  13.701  1.00 61.47 ? 85  THR A C   1 
ATOM   648  O O   . THR A 1 85  ? 12.513  13.900  13.263  1.00 59.61 ? 85  THR A O   1 
ATOM   649  C CB  . THR A 1 85  ? 12.649  12.628  15.930  1.00 65.13 ? 85  THR A CB  1 
ATOM   650  O OG1 . THR A 1 85  ? 13.065  11.338  15.455  1.00 69.50 ? 85  THR A OG1 1 
ATOM   651  C CG2 . THR A 1 85  ? 12.415  12.547  17.435  1.00 64.87 ? 85  THR A CG2 1 
ATOM   652  N N   . GLY A 1 86  ? 10.973  12.283  12.934  1.00 60.47 ? 86  GLY A N   1 
ATOM   653  C CA  . GLY A 1 86  ? 11.185  12.216  11.498  1.00 55.70 ? 86  GLY A CA  1 
ATOM   654  C C   . GLY A 1 86  ? 12.254  11.188  11.159  1.00 55.58 ? 86  GLY A C   1 
ATOM   655  O O   . GLY A 1 86  ? 12.659  11.056  10.003  1.00 54.63 ? 86  GLY A O   1 
ATOM   656  N N   . ALA A 1 87  ? 12.680  10.426  12.166  1.00 51.86 ? 87  ALA A N   1 
ATOM   657  C CA  . ALA A 1 87  ? 13.718  9.419   11.987  1.00 55.80 ? 87  ALA A CA  1 
ATOM   658  C C   . ALA A 1 87  ? 13.296  8.276   11.062  1.00 58.67 ? 87  ALA A C   1 
ATOM   659  O O   . ALA A 1 87  ? 14.004  7.943   10.111  1.00 58.50 ? 87  ALA A O   1 
ATOM   660  C CB  . ALA A 1 87  ? 14.152  8.871   13.343  1.00 52.64 ? 87  ALA A CB  1 
ATOM   661  N N   . TYR A 1 88  ? 12.129  7.700   11.334  1.00 56.49 ? 88  TYR A N   1 
ATOM   662  C CA  . TYR A 1 88  ? 11.605  6.585   10.549  1.00 48.52 ? 88  TYR A CA  1 
ATOM   663  C C   . TYR A 1 88  ? 10.825  7.000   9.296   1.00 48.79 ? 88  TYR A C   1 
ATOM   664  O O   . TYR A 1 88  ? 9.916   6.291   8.865   1.00 48.70 ? 88  TYR A O   1 
ATOM   665  C CB  . TYR A 1 88  ? 10.714  5.707   11.428  1.00 41.48 ? 88  TYR A CB  1 
ATOM   666  C CG  . TYR A 1 88  ? 11.371  5.199   12.693  1.00 43.52 ? 88  TYR A CG  1 
ATOM   667  C CD1 . TYR A 1 88  ? 12.759  5.056   12.784  1.00 42.63 ? 88  TYR A CD1 1 
ATOM   668  C CD2 . TYR A 1 88  ? 10.596  4.838   13.800  1.00 47.06 ? 88  TYR A CD2 1 
ATOM   669  C CE1 . TYR A 1 88  ? 13.356  4.563   13.945  1.00 43.37 ? 88  TYR A CE1 1 
ATOM   670  C CE2 . TYR A 1 88  ? 11.180  4.343   14.964  1.00 46.42 ? 88  TYR A CE2 1 
ATOM   671  C CZ  . TYR A 1 88  ? 12.561  4.208   15.029  1.00 49.15 ? 88  TYR A CZ  1 
ATOM   672  O OH  . TYR A 1 88  ? 13.135  3.703   16.175  1.00 54.20 ? 88  TYR A OH  1 
ATOM   673  N N   . ALA A 1 89  ? 11.153  8.155   8.729   1.00 47.15 ? 89  ALA A N   1 
ATOM   674  C CA  . ALA A 1 89  ? 10.465  8.619   7.532   1.00 48.55 ? 89  ALA A CA  1 
ATOM   675  C C   . ALA A 1 89  ? 10.928  7.822   6.313   1.00 52.06 ? 89  ALA A C   1 
ATOM   676  O O   . ALA A 1 89  ? 12.080  7.394   6.235   1.00 58.39 ? 89  ALA A O   1 
ATOM   677  C CB  . ALA A 1 89  ? 10.724  10.096  7.312   1.00 41.14 ? 89  ALA A CB  1 
ATOM   678  N N   . ILE A 1 90  ? 10.018  7.620   5.366   1.00 52.31 ? 90  ILE A N   1 
ATOM   679  C CA  . ILE A 1 90  ? 10.326  6.898   4.140   1.00 46.62 ? 90  ILE A CA  1 
ATOM   680  C C   . ILE A 1 90  ? 11.167  7.845   3.273   1.00 50.18 ? 90  ILE A C   1 
ATOM   681  O O   . ILE A 1 90  ? 10.687  8.895   2.844   1.00 48.93 ? 90  ILE A O   1 
ATOM   682  C CB  . ILE A 1 90  ? 9.019   6.486   3.423   1.00 42.77 ? 90  ILE A CB  1 
ATOM   683  C CG1 . ILE A 1 90  ? 8.291   5.422   4.254   1.00 38.19 ? 90  ILE A CG1 1 
ATOM   684  C CG2 . ILE A 1 90  ? 9.308   5.989   2.014   1.00 50.28 ? 90  ILE A CG2 1 
ATOM   685  C CD1 . ILE A 1 90  ? 6.991   4.926   3.644   1.00 31.16 ? 90  ILE A CD1 1 
ATOM   686  N N   . THR A 1 91  ? 12.422  7.483   3.030   1.00 53.21 ? 91  THR A N   1 
ATOM   687  C CA  . THR A 1 91  ? 13.328  8.340   2.261   1.00 56.72 ? 91  THR A CA  1 
ATOM   688  C C   . THR A 1 91  ? 13.865  7.814   0.922   1.00 57.59 ? 91  THR A C   1 
ATOM   689  O O   . THR A 1 91  ? 14.597  8.523   0.229   1.00 54.48 ? 91  THR A O   1 
ATOM   690  C CB  . THR A 1 91  ? 14.537  8.747   3.135   1.00 55.41 ? 91  THR A CB  1 
ATOM   691  O OG1 . THR A 1 91  ? 14.994  7.602   3.874   1.00 56.40 ? 91  THR A OG1 1 
ATOM   692  C CG2 . THR A 1 91  ? 14.148  9.848   4.117   1.00 56.51 ? 91  THR A CG2 1 
ATOM   693  N N   . LYS A 1 92  ? 13.489  6.594   0.546   1.00 60.37 ? 92  LYS A N   1 
ATOM   694  C CA  . LYS A 1 92  ? 13.974  5.992   -0.698  1.00 58.61 ? 92  LYS A CA  1 
ATOM   695  C C   . LYS A 1 92  ? 12.883  5.246   -1.459  1.00 57.33 ? 92  LYS A C   1 
ATOM   696  O O   . LYS A 1 92  ? 11.970  4.680   -0.850  1.00 56.60 ? 92  LYS A O   1 
ATOM   697  C CB  . LYS A 1 92  ? 15.137  5.033   -0.395  1.00 59.54 ? 92  LYS A CB  1 
ATOM   698  C CG  . LYS A 1 92  ? 14.844  4.037   0.736   1.00 65.67 ? 92  LYS A CG  1 
ATOM   699  C CD  . LYS A 1 92  ? 16.108  3.328   1.230   1.00 71.91 ? 92  LYS A CD  1 
ATOM   700  C CE  . LYS A 1 92  ? 16.429  2.077   0.418   1.00 80.01 ? 92  LYS A CE  1 
ATOM   701  N NZ  . LYS A 1 92  ? 15.494  0.949   0.705   1.00 77.45 ? 92  LYS A NZ  1 
ATOM   702  N N   . ASP A 1 93  ? 12.975  5.272   -2.789  1.00 52.26 ? 93  ASP A N   1 
ATOM   703  C CA  . ASP A 1 93  ? 12.023  4.579   -3.658  1.00 47.09 ? 93  ASP A CA  1 
ATOM   704  C C   . ASP A 1 93  ? 12.095  3.082   -3.392  1.00 46.74 ? 93  ASP A C   1 
ATOM   705  O O   . ASP A 1 93  ? 13.171  2.551   -3.107  1.00 50.56 ? 93  ASP A O   1 
ATOM   706  C CB  . ASP A 1 93  ? 12.354  4.824   -5.136  1.00 44.01 ? 93  ASP A CB  1 
ATOM   707  C CG  . ASP A 1 93  ? 12.045  6.240   -5.590  1.00 49.91 ? 93  ASP A CG  1 
ATOM   708  O OD1 . ASP A 1 93  ? 11.894  7.142   -4.732  1.00 49.75 ? 93  ASP A OD1 1 
ATOM   709  O OD2 . ASP A 1 93  ? 11.956  6.448   -6.822  1.00 47.13 ? 93  ASP A OD2 1 
ATOM   710  N N   . GLY A 1 94  ? 10.956  2.402   -3.495  1.00 48.07 ? 94  GLY A N   1 
ATOM   711  C CA  . GLY A 1 94  ? 10.936  0.969   -3.266  1.00 42.84 ? 94  GLY A CA  1 
ATOM   712  C C   . GLY A 1 94  ? 9.555   0.403   -2.989  1.00 42.47 ? 94  GLY A C   1 
ATOM   713  O O   . GLY A 1 94  ? 8.536   0.987   -3.382  1.00 41.48 ? 94  GLY A O   1 
ATOM   714  N N   . VAL A 1 95  ? 9.529   -0.745  -2.315  1.00 37.07 ? 95  VAL A N   1 
ATOM   715  C CA  . VAL A 1 95  ? 8.286   -1.430  -1.972  1.00 36.43 ? 95  VAL A CA  1 
ATOM   716  C C   . VAL A 1 95  ? 7.742   -0.932  -0.639  1.00 33.75 ? 95  VAL A C   1 
ATOM   717  O O   . VAL A 1 95  ? 8.386   -1.095  0.397   1.00 29.87 ? 95  VAL A O   1 
ATOM   718  C CB  . VAL A 1 95  ? 8.493   -2.973  -1.903  1.00 37.31 ? 95  VAL A CB  1 
ATOM   719  C CG1 . VAL A 1 95  ? 7.255   -3.665  -1.354  1.00 33.67 ? 95  VAL A CG1 1 
ATOM   720  C CG2 . VAL A 1 95  ? 8.798   -3.512  -3.280  1.00 35.17 ? 95  VAL A CG2 1 
ATOM   721  N N   . PHE A 1 96  ? 6.551   -0.337  -0.682  1.00 35.56 ? 96  PHE A N   1 
ATOM   722  C CA  . PHE A 1 96  ? 5.876   0.197   0.497   1.00 27.24 ? 96  PHE A CA  1 
ATOM   723  C C   . PHE A 1 96  ? 5.101   -0.882  1.261   1.00 32.14 ? 96  PHE A C   1 
ATOM   724  O O   . PHE A 1 96  ? 5.108   -0.898  2.500   1.00 30.43 ? 96  PHE A O   1 
ATOM   725  C CB  . PHE A 1 96  ? 4.942   1.345   0.083   1.00 28.78 ? 96  PHE A CB  1 
ATOM   726  C CG  . PHE A 1 96  ? 4.048   1.836   1.191   1.00 32.00 ? 96  PHE A CG  1 
ATOM   727  C CD1 . PHE A 1 96  ? 4.576   2.531   2.276   1.00 34.10 ? 96  PHE A CD1 1 
ATOM   728  C CD2 . PHE A 1 96  ? 2.675   1.588   1.158   1.00 32.29 ? 96  PHE A CD2 1 
ATOM   729  C CE1 . PHE A 1 96  ? 3.753   2.968   3.312   1.00 36.85 ? 96  PHE A CE1 1 
ATOM   730  C CE2 . PHE A 1 96  ? 1.842   2.020   2.189   1.00 29.28 ? 96  PHE A CE2 1 
ATOM   731  C CZ  . PHE A 1 96  ? 2.381   2.710   3.268   1.00 33.21 ? 96  PHE A CZ  1 
ATOM   732  N N   . ALA A 1 97  ? 4.439   -1.781  0.534   1.00 26.80 ? 97  ALA A N   1 
ATOM   733  C CA  . ALA A 1 97  ? 3.667   -2.851  1.163   1.00 27.52 ? 97  ALA A CA  1 
ATOM   734  C C   . ALA A 1 97  ? 3.456   -4.044  0.225   1.00 31.75 ? 97  ALA A C   1 
ATOM   735  O O   . ALA A 1 97  ? 3.660   -3.941  -0.992  1.00 30.45 ? 97  ALA A O   1 
ATOM   736  C CB  . ALA A 1 97  ? 2.321   -2.319  1.632   1.00 19.30 ? 97  ALA A CB  1 
ATOM   737  N N   . LYS A 1 98  ? 3.062   -5.177  0.805   1.00 29.80 ? 98  LYS A N   1 
ATOM   738  C CA  . LYS A 1 98  ? 2.804   -6.398  0.056   1.00 32.29 ? 98  LYS A CA  1 
ATOM   739  C C   . LYS A 1 98  ? 1.489   -7.005  0.518   1.00 29.24 ? 98  LYS A C   1 
ATOM   740  O O   . LYS A 1 98  ? 1.335   -7.380  1.683   1.00 26.21 ? 98  LYS A O   1 
ATOM   741  C CB  . LYS A 1 98  ? 3.937   -7.414  0.243   1.00 40.00 ? 98  LYS A CB  1 
ATOM   742  C CG  . LYS A 1 98  ? 5.220   -7.064  -0.496  1.00 51.13 ? 98  LYS A CG  1 
ATOM   743  C CD  . LYS A 1 98  ? 6.425   -7.034  0.444   1.00 65.91 ? 98  LYS A CD  1 
ATOM   744  C CE  . LYS A 1 98  ? 6.798   -8.424  0.950   1.00 74.29 ? 98  LYS A CE  1 
ATOM   745  N NZ  . LYS A 1 98  ? 7.205   -9.328  -0.170  1.00 79.40 ? 98  LYS A NZ  1 
ATOM   746  N N   . ILE A 1 99  ? 0.537   -7.069  -0.404  1.00 25.22 ? 99  ILE A N   1 
ATOM   747  C CA  . ILE A 1 99  ? -0.782  -7.623  -0.138  1.00 26.78 ? 99  ILE A CA  1 
ATOM   748  C C   . ILE A 1 99  ? -0.749  -9.118  -0.464  1.00 26.31 ? 99  ILE A C   1 
ATOM   749  O O   . ILE A 1 99  ? -0.338  -9.501  -1.555  1.00 29.91 ? 99  ILE A O   1 
ATOM   750  C CB  . ILE A 1 99  ? -1.844  -6.929  -1.043  1.00 23.48 ? 99  ILE A CB  1 
ATOM   751  C CG1 . ILE A 1 99  ? -1.703  -5.405  -0.947  1.00 21.47 ? 99  ILE A CG1 1 
ATOM   752  C CG2 . ILE A 1 99  ? -3.241  -7.348  -0.632  1.00 22.19 ? 99  ILE A CG2 1 
ATOM   753  C CD1 . ILE A 1 99  ? -2.543  -4.625  -1.940  1.00 17.21 ? 99  ILE A CD1 1 
ATOM   754  N N   . ARG A 1 100 ? -1.122  -9.960  0.492   1.00 25.29 ? 100 ARG A N   1 
ATOM   755  C CA  . ARG A 1 100 ? -1.150  -11.396 0.260   1.00 28.46 ? 100 ARG A CA  1 
ATOM   756  C C   . ARG A 1 100 ? -2.598  -11.815 0.104   1.00 32.87 ? 100 ARG A C   1 
ATOM   757  O O   . ARG A 1 100 ? -3.398  -11.661 1.033   1.00 31.06 ? 100 ARG A O   1 
ATOM   758  C CB  . ARG A 1 100 ? -0.477  -12.165 1.398   1.00 33.29 ? 100 ARG A CB  1 
ATOM   759  C CG  . ARG A 1 100 ? 1.049   -11.974 1.427   1.00 47.61 ? 100 ARG A CG  1 
ATOM   760  C CD  . ARG A 1 100 ? 1.749   -12.945 2.362   1.00 43.53 ? 100 ARG A CD  1 
ATOM   761  N NE  . ARG A 1 100 ? 1.159   -12.922 3.693   1.00 41.17 ? 100 ARG A NE  1 
ATOM   762  C CZ  . ARG A 1 100 ? 0.313   -13.843 4.143   1.00 48.07 ? 100 ARG A CZ  1 
ATOM   763  N NH1 . ARG A 1 100 ? -0.034  -14.866 3.369   1.00 49.85 ? 100 ARG A NH1 1 
ATOM   764  N NH2 . ARG A 1 100 ? -0.211  -13.723 5.355   1.00 48.74 ? 100 ARG A NH2 1 
ATOM   765  N N   . ALA A 1 101 ? -2.929  -12.353 -1.071  1.00 31.96 ? 101 ALA A N   1 
ATOM   766  C CA  . ALA A 1 101 ? -4.298  -12.760 -1.383  1.00 30.47 ? 101 ALA A CA  1 
ATOM   767  C C   . ALA A 1 101 ? -4.406  -14.104 -2.091  1.00 25.69 ? 101 ALA A C   1 
ATOM   768  O O   . ALA A 1 101 ? -3.552  -14.461 -2.901  1.00 26.56 ? 101 ALA A O   1 
ATOM   769  C CB  . ALA A 1 101 ? -4.961  -11.685 -2.246  1.00 24.69 ? 101 ALA A CB  1 
ATOM   770  N N   . THR A 1 102 ? -5.473  -14.830 -1.785  1.00 25.33 ? 102 THR A N   1 
ATOM   771  C CA  . THR A 1 102 ? -5.761  -16.123 -2.408  1.00 32.91 ? 102 THR A CA  1 
ATOM   772  C C   . THR A 1 102 ? -6.723  -15.899 -3.595  1.00 30.06 ? 102 THR A C   1 
ATOM   773  O O   . THR A 1 102 ? -7.791  -15.313 -3.418  1.00 31.80 ? 102 THR A O   1 
ATOM   774  C CB  . THR A 1 102 ? -6.441  -17.067 -1.399  1.00 32.79 ? 102 THR A CB  1 
ATOM   775  O OG1 . THR A 1 102 ? -5.609  -17.213 -0.242  1.00 38.49 ? 102 THR A OG1 1 
ATOM   776  C CG2 . THR A 1 102 ? -6.677  -18.429 -2.021  1.00 33.14 ? 102 THR A CG2 1 
ATOM   777  N N   . VAL A 1 103 ? -6.333  -16.331 -4.795  1.00 30.04 ? 103 VAL A N   1 
ATOM   778  C CA  . VAL A 1 103 ? -7.177  -16.176 -5.989  1.00 27.67 ? 103 VAL A CA  1 
ATOM   779  C C   . VAL A 1 103 ? -8.350  -17.162 -5.922  1.00 30.00 ? 103 VAL A C   1 
ATOM   780  O O   . VAL A 1 103 ? -8.143  -18.370 -5.850  1.00 34.92 ? 103 VAL A O   1 
ATOM   781  C CB  . VAL A 1 103 ? -6.380  -16.428 -7.286  1.00 26.12 ? 103 VAL A CB  1 
ATOM   782  C CG1 . VAL A 1 103 ? -7.240  -16.138 -8.498  1.00 22.50 ? 103 VAL A CG1 1 
ATOM   783  C CG2 . VAL A 1 103 ? -5.141  -15.561 -7.323  1.00 22.63 ? 103 VAL A CG2 1 
ATOM   784  N N   . LYS A 1 104 ? -9.578  -16.652 -5.914  1.00 31.85 ? 104 LYS A N   1 
ATOM   785  C CA  . LYS A 1 104 ? -10.764 -17.510 -5.835  1.00 34.18 ? 104 LYS A CA  1 
ATOM   786  C C   . LYS A 1 104 ? -11.468 -17.682 -7.186  1.00 26.63 ? 104 LYS A C   1 
ATOM   787  O O   . LYS A 1 104 ? -12.312 -18.557 -7.345  1.00 29.30 ? 104 LYS A O   1 
ATOM   788  C CB  . LYS A 1 104 ? -11.773 -16.950 -4.820  1.00 39.32 ? 104 LYS A CB  1 
ATOM   789  C CG  . LYS A 1 104 ? -11.185 -16.473 -3.501  1.00 45.33 ? 104 LYS A CG  1 
ATOM   790  C CD  . LYS A 1 104 ? -12.269 -15.842 -2.639  1.00 53.99 ? 104 LYS A CD  1 
ATOM   791  C CE  . LYS A 1 104 ? -13.062 -16.898 -1.903  1.00 63.14 ? 104 LYS A CE  1 
ATOM   792  N NZ  . LYS A 1 104 ? -12.313 -17.366 -0.701  1.00 73.46 ? 104 LYS A NZ  1 
ATOM   793  N N   . SER A 1 105 ? -11.122 -16.842 -8.152  1.00 25.05 ? 105 SER A N   1 
ATOM   794  C CA  . SER A 1 105 ? -11.734 -16.891 -9.471  1.00 29.57 ? 105 SER A CA  1 
ATOM   795  C C   . SER A 1 105 ? -10.730 -16.386 -10.511 1.00 31.47 ? 105 SER A C   1 
ATOM   796  O O   . SER A 1 105 ? -9.780  -15.682 -10.165 1.00 28.73 ? 105 SER A O   1 
ATOM   797  C CB  . SER A 1 105 ? -13.019 -16.041 -9.463  1.00 26.71 ? 105 SER A CB  1 
ATOM   798  O OG  . SER A 1 105 ? -13.302 -15.458 -10.722 1.00 31.35 ? 105 SER A OG  1 
ATOM   799  N N   . SER A 1 106 ? -10.893 -16.816 -11.762 1.00 30.71 ? 106 SER A N   1 
ATOM   800  C CA  . SER A 1 106 ? -10.007 -16.383 -12.838 1.00 30.04 ? 106 SER A CA  1 
ATOM   801  C C   . SER A 1 106 ? -10.449 -15.054 -13.448 1.00 32.59 ? 106 SER A C   1 
ATOM   802  O O   . SER A 1 106 ? -9.884  -14.602 -14.453 1.00 34.01 ? 106 SER A O   1 
ATOM   803  C CB  . SER A 1 106 ? -9.886  -17.462 -13.921 1.00 35.28 ? 106 SER A CB  1 
ATOM   804  O OG  . SER A 1 106 ? -11.151 -18.000 -14.249 1.00 39.37 ? 106 SER A OG  1 
ATOM   805  N N   . ALA A 1 107 ? -11.487 -14.453 -12.864 1.00 30.66 ? 107 ALA A N   1 
ATOM   806  C CA  . ALA A 1 107 ? -11.975 -13.153 -13.321 1.00 34.01 ? 107 ALA A CA  1 
ATOM   807  C C   . ALA A 1 107 ? -10.887 -12.150 -12.932 1.00 35.20 ? 107 ALA A C   1 
ATOM   808  O O   . ALA A 1 107 ? -10.118 -12.400 -11.997 1.00 36.99 ? 107 ALA A O   1 
ATOM   809  C CB  . ALA A 1 107 ? -13.295 -12.806 -12.625 1.00 31.75 ? 107 ALA A CB  1 
ATOM   810  N N   . PRO A 1 108 ? -10.782 -11.021 -13.649 1.00 37.71 ? 108 PRO A N   1 
ATOM   811  C CA  . PRO A 1 108 ? -9.736  -10.063 -13.273 1.00 37.36 ? 108 PRO A CA  1 
ATOM   812  C C   . PRO A 1 108 ? -9.912  -9.568  -11.832 1.00 33.70 ? 108 PRO A C   1 
ATOM   813  O O   . PRO A 1 108 ? -11.034 -9.374  -11.362 1.00 36.93 ? 108 PRO A O   1 
ATOM   814  C CB  . PRO A 1 108 ? -9.929  -8.928  -14.281 1.00 37.88 ? 108 PRO A CB  1 
ATOM   815  C CG  . PRO A 1 108 ? -10.556 -9.611  -15.471 1.00 36.45 ? 108 PRO A CG  1 
ATOM   816  C CD  . PRO A 1 108 ? -11.544 -10.540 -14.816 1.00 34.11 ? 108 PRO A CD  1 
ATOM   817  N N   . GLY A 1 109 ? -8.800  -9.430  -11.120 1.00 34.66 ? 109 GLY A N   1 
ATOM   818  C CA  . GLY A 1 109 ? -8.844  -8.949  -9.747  1.00 33.25 ? 109 GLY A CA  1 
ATOM   819  C C   . GLY A 1 109 ? -8.203  -7.572  -9.676  1.00 28.94 ? 109 GLY A C   1 
ATOM   820  O O   . GLY A 1 109 ? -6.997  -7.447  -9.492  1.00 28.78 ? 109 GLY A O   1 
ATOM   821  N N   . TYR A 1 110 ? -9.005  -6.532  -9.873  1.00 31.88 ? 110 TYR A N   1 
ATOM   822  C CA  . TYR A 1 110 ? -8.509  -5.158  -9.847  1.00 32.76 ? 110 TYR A CA  1 
ATOM   823  C C   . TYR A 1 110 ? -8.317  -4.630  -8.432  1.00 26.90 ? 110 TYR A C   1 
ATOM   824  O O   . TYR A 1 110 ? -9.065  -4.994  -7.521  1.00 25.33 ? 110 TYR A O   1 
ATOM   825  C CB  . TYR A 1 110 ? -9.489  -4.222  -10.570 1.00 36.25 ? 110 TYR A CB  1 
ATOM   826  C CG  . TYR A 1 110 ? -9.728  -4.538  -12.030 1.00 44.75 ? 110 TYR A CG  1 
ATOM   827  C CD1 . TYR A 1 110 ? -8.811  -4.150  -13.007 1.00 49.21 ? 110 TYR A CD1 1 
ATOM   828  C CD2 . TYR A 1 110 ? -10.877 -5.218  -12.438 1.00 48.70 ? 110 TYR A CD2 1 
ATOM   829  C CE1 . TYR A 1 110 ? -9.031  -4.436  -14.361 1.00 52.38 ? 110 TYR A CE1 1 
ATOM   830  C CE2 . TYR A 1 110 ? -11.108 -5.508  -13.785 1.00 51.96 ? 110 TYR A CE2 1 
ATOM   831  C CZ  . TYR A 1 110 ? -10.182 -5.115  -14.741 1.00 55.29 ? 110 TYR A CZ  1 
ATOM   832  O OH  . TYR A 1 110 ? -10.401 -5.408  -16.069 1.00 64.29 ? 110 TYR A OH  1 
ATOM   833  N N   . ILE A 1 111 ? -7.266  -3.839  -8.247  1.00 27.67 ? 111 ILE A N   1 
ATOM   834  C CA  . ILE A 1 111 ? -6.977  -3.174  -6.975  1.00 29.56 ? 111 ILE A CA  1 
ATOM   835  C C   . ILE A 1 111 ? -6.797  -1.731  -7.445  1.00 31.91 ? 111 ILE A C   1 
ATOM   836  O O   . ILE A 1 111 ? -5.787  -1.385  -8.071  1.00 32.47 ? 111 ILE A O   1 
ATOM   837  C CB  . ILE A 1 111 ? -5.669  -3.657  -6.300  1.00 29.47 ? 111 ILE A CB  1 
ATOM   838  C CG1 . ILE A 1 111 ? -5.686  -5.171  -6.087  1.00 24.73 ? 111 ILE A CG1 1 
ATOM   839  C CG2 . ILE A 1 111 ? -5.498  -2.972  -4.951  1.00 28.93 ? 111 ILE A CG2 1 
ATOM   840  C CD1 . ILE A 1 111 ? -6.660  -5.644  -5.055  1.00 33.79 ? 111 ILE A CD1 1 
ATOM   841  N N   . THR A 1 112 ? -7.814  -0.912  -7.214  1.00 31.76 ? 112 THR A N   1 
ATOM   842  C CA  . THR A 1 112 ? -7.799  0.471   -7.664  1.00 33.09 ? 112 THR A CA  1 
ATOM   843  C C   . THR A 1 112 ? -7.692  1.516   -6.566  1.00 32.89 ? 112 THR A C   1 
ATOM   844  O O   . THR A 1 112 ? -8.104  1.287   -5.418  1.00 35.49 ? 112 THR A O   1 
ATOM   845  C CB  . THR A 1 112 ? -9.067  0.775   -8.487  1.00 32.86 ? 112 THR A CB  1 
ATOM   846  O OG1 . THR A 1 112 ? -10.225 0.375   -7.739  1.00 35.52 ? 112 THR A OG1 1 
ATOM   847  C CG2 . THR A 1 112 ? -9.039  0.013   -9.803  1.00 35.93 ? 112 THR A CG2 1 
ATOM   848  N N   . PHE A 1 113 ? -7.132  2.660   -6.929  1.00 32.19 ? 113 PHE A N   1 
ATOM   849  C CA  . PHE A 1 113 ? -6.994  3.765   -6.005  1.00 34.34 ? 113 PHE A CA  1 
ATOM   850  C C   . PHE A 1 113 ? -8.390  4.364   -5.810  1.00 36.44 ? 113 PHE A C   1 
ATOM   851  O O   . PHE A 1 113 ? -9.129  4.564   -6.780  1.00 34.86 ? 113 PHE A O   1 
ATOM   852  C CB  . PHE A 1 113 ? -6.056  4.822   -6.572  1.00 34.37 ? 113 PHE A CB  1 
ATOM   853  C CG  . PHE A 1 113 ? -6.099  6.120   -5.820  1.00 40.41 ? 113 PHE A CG  1 
ATOM   854  C CD1 . PHE A 1 113 ? -5.810  6.163   -4.461  1.00 36.15 ? 113 PHE A CD1 1 
ATOM   855  C CD2 . PHE A 1 113 ? -6.431  7.308   -6.476  1.00 41.10 ? 113 PHE A CD2 1 
ATOM   856  C CE1 . PHE A 1 113 ? -5.851  7.362   -3.766  1.00 36.76 ? 113 PHE A CE1 1 
ATOM   857  C CE2 . PHE A 1 113 ? -6.476  8.514   -5.786  1.00 33.57 ? 113 PHE A CE2 1 
ATOM   858  C CZ  . PHE A 1 113 ? -6.187  8.539   -4.433  1.00 35.60 ? 113 PHE A CZ  1 
ATOM   859  N N   . ASP A 1 114 ? -8.748  4.630   -4.563  1.00 33.40 ? 114 ASP A N   1 
ATOM   860  C CA  . ASP A 1 114 ? -10.051 5.202   -4.251  1.00 35.19 ? 114 ASP A CA  1 
ATOM   861  C C   . ASP A 1 114 ? -9.971  6.649   -3.725  1.00 37.75 ? 114 ASP A C   1 
ATOM   862  O O   . ASP A 1 114 ? -10.593 7.547   -4.298  1.00 38.45 ? 114 ASP A O   1 
ATOM   863  C CB  . ASP A 1 114 ? -10.785 4.292   -3.259  1.00 34.64 ? 114 ASP A CB  1 
ATOM   864  C CG  . ASP A 1 114 ? -12.284 4.529   -3.240  1.00 41.61 ? 114 ASP A CG  1 
ATOM   865  O OD1 . ASP A 1 114 ? -12.815 5.174   -4.169  1.00 46.20 ? 114 ASP A OD1 1 
ATOM   866  O OD2 . ASP A 1 114 ? -12.936 4.051   -2.293  1.00 45.42 ? 114 ASP A OD2 1 
ATOM   867  N N   . GLU A 1 115 ? -9.189  6.888   -2.669  1.00 35.30 ? 115 GLU A N   1 
ATOM   868  C CA  . GLU A 1 115 ? -9.076  8.232   -2.097  1.00 35.93 ? 115 GLU A CA  1 
ATOM   869  C C   . GLU A 1 115 ? -7.823  8.416   -1.239  1.00 33.35 ? 115 GLU A C   1 
ATOM   870  O O   . GLU A 1 115 ? -7.350  7.462   -0.618  1.00 29.24 ? 115 GLU A O   1 
ATOM   871  C CB  . GLU A 1 115 ? -10.314 8.531   -1.248  1.00 37.44 ? 115 GLU A CB  1 
ATOM   872  C CG  . GLU A 1 115 ? -10.468 9.991   -0.851  1.00 39.64 ? 115 GLU A CG  1 
ATOM   873  C CD  . GLU A 1 115 ? -11.762 10.262  -0.102  1.00 46.75 ? 115 GLU A CD  1 
ATOM   874  O OE1 . GLU A 1 115 ? -12.609 9.341   0.003   1.00 46.10 ? 115 GLU A OE1 1 
ATOM   875  O OE2 . GLU A 1 115 ? -11.939 11.406  0.377   1.00 39.73 ? 115 GLU A OE2 1 
ATOM   876  N N   . VAL A 1 116 ? -7.284  9.639   -1.222  1.00 33.75 ? 116 VAL A N   1 
ATOM   877  C CA  . VAL A 1 116 ? -6.092  9.962   -0.424  1.00 36.43 ? 116 VAL A CA  1 
ATOM   878  C C   . VAL A 1 116 ? -6.496  10.723  0.825   1.00 37.27 ? 116 VAL A C   1 
ATOM   879  O O   . VAL A 1 116 ? -7.504  11.421  0.833   1.00 40.79 ? 116 VAL A O   1 
ATOM   880  C CB  . VAL A 1 116 ? -5.112  10.950  -1.117  1.00 34.78 ? 116 VAL A CB  1 
ATOM   881  C CG1 . VAL A 1 116 ? -3.675  10.572  -0.804  1.00 32.39 ? 116 VAL A CG1 1 
ATOM   882  C CG2 . VAL A 1 116 ? -5.361  11.056  -2.595  1.00 34.63 ? 116 VAL A CG2 1 
ATOM   883  N N   . GLY A 1 117 ? -5.681  10.598  1.864   1.00 39.53 ? 117 GLY A N   1 
ATOM   884  C CA  . GLY A 1 117 ? -5.914  11.324  3.095   1.00 30.53 ? 117 GLY A CA  1 
ATOM   885  C C   . GLY A 1 117 ? -4.771  12.316  3.104   1.00 34.64 ? 117 GLY A C   1 
ATOM   886  O O   . GLY A 1 117 ? -4.645  13.151  2.204   1.00 35.46 ? 117 GLY A O   1 
ATOM   887  N N   . GLY A 1 118 ? -3.890  12.182  4.086   1.00 37.60 ? 118 GLY A N   1 
ATOM   888  C CA  . GLY A 1 118 ? -2.742  13.059  4.163   1.00 39.36 ? 118 GLY A CA  1 
ATOM   889  C C   . GLY A 1 118 ? -1.580  12.409  3.437   1.00 42.20 ? 118 GLY A C   1 
ATOM   890  O O   . GLY A 1 118 ? -1.621  11.213  3.136   1.00 40.85 ? 118 GLY A O   1 
ATOM   891  N N   . PHE A 1 119 ? -0.542  13.191  3.169   1.00 40.81 ? 119 PHE A N   1 
ATOM   892  C CA  . PHE A 1 119 ? 0.645   12.708  2.483   1.00 42.45 ? 119 PHE A CA  1 
ATOM   893  C C   . PHE A 1 119 ? 1.646   13.857  2.591   1.00 43.65 ? 119 PHE A C   1 
ATOM   894  O O   . PHE A 1 119 ? 1.719   14.716  1.709   1.00 44.67 ? 119 PHE A O   1 
ATOM   895  C CB  . PHE A 1 119 ? 0.310   12.418  1.014   1.00 46.88 ? 119 PHE A CB  1 
ATOM   896  C CG  . PHE A 1 119 ? 1.085   11.266  0.423   1.00 48.51 ? 119 PHE A CG  1 
ATOM   897  C CD1 . PHE A 1 119 ? 2.440   11.392  0.126   1.00 48.03 ? 119 PHE A CD1 1 
ATOM   898  C CD2 . PHE A 1 119 ? 0.451   10.053  0.154   1.00 45.26 ? 119 PHE A CD2 1 
ATOM   899  C CE1 . PHE A 1 119 ? 3.151   10.328  -0.429  1.00 46.45 ? 119 PHE A CE1 1 
ATOM   900  C CE2 . PHE A 1 119 ? 1.155   8.986   -0.400  1.00 44.05 ? 119 PHE A CE2 1 
ATOM   901  C CZ  . PHE A 1 119 ? 2.506   9.126   -0.692  1.00 43.26 ? 119 PHE A CZ  1 
ATOM   902  N N   . ALA A 1 120 ? 2.422   13.874  3.667   1.00 42.39 ? 120 ALA A N   1 
ATOM   903  C CA  . ALA A 1 120 ? 3.360   14.971  3.878   1.00 45.61 ? 120 ALA A CA  1 
ATOM   904  C C   . ALA A 1 120 ? 4.793   14.580  4.189   1.00 46.06 ? 120 ALA A C   1 
ATOM   905  O O   . ALA A 1 120 ? 5.055   13.500  4.729   1.00 44.53 ? 120 ALA A O   1 
ATOM   906  C CB  . ALA A 1 120 ? 2.833   15.880  4.977   1.00 42.62 ? 120 ALA A CB  1 
ATOM   907  N N   . ASP A 1 121 ? 5.714   15.485  3.866   1.00 48.36 ? 121 ASP A N   1 
ATOM   908  C CA  . ASP A 1 121 ? 7.129   15.269  4.132   1.00 53.33 ? 121 ASP A CA  1 
ATOM   909  C C   . ASP A 1 121 ? 7.444   15.521  5.610   1.00 54.37 ? 121 ASP A C   1 
ATOM   910  O O   . ASP A 1 121 ? 6.536   15.790  6.403   1.00 49.49 ? 121 ASP A O   1 
ATOM   911  C CB  . ASP A 1 121 ? 8.029   16.117  3.200   1.00 53.02 ? 121 ASP A CB  1 
ATOM   912  C CG  . ASP A 1 121 ? 7.860   17.629  3.383   1.00 54.09 ? 121 ASP A CG  1 
ATOM   913  O OD1 . ASP A 1 121 ? 7.291   18.087  4.396   1.00 51.93 ? 121 ASP A OD1 1 
ATOM   914  O OD2 . ASP A 1 121 ? 8.324   18.371  2.492   1.00 54.84 ? 121 ASP A OD2 1 
ATOM   915  N N   . ASN A 1 122 ? 8.725   15.480  5.970   1.00 60.13 ? 122 ASN A N   1 
ATOM   916  C CA  . ASN A 1 122 ? 9.129   15.685  7.359   1.00 63.30 ? 122 ASN A CA  1 
ATOM   917  C C   . ASN A 1 122 ? 8.891   17.076  7.939   1.00 66.44 ? 122 ASN A C   1 
ATOM   918  O O   . ASN A 1 122 ? 8.918   17.256  9.155   1.00 69.12 ? 122 ASN A O   1 
ATOM   919  C CB  . ASN A 1 122 ? 10.577  15.249  7.576   1.00 59.72 ? 122 ASN A CB  1 
ATOM   920  C CG  . ASN A 1 122 ? 10.676  13.888  8.236   1.00 55.10 ? 122 ASN A CG  1 
ATOM   921  O OD1 . ASN A 1 122 ? 9.792   13.491  8.994   1.00 54.54 ? 122 ASN A OD1 1 
ATOM   922  N ND2 . ASN A 1 122 ? 11.743  13.162  7.945   1.00 56.14 ? 122 ASN A ND2 1 
ATOM   923  N N   . ASP A 1 123 ? 8.661   18.058  7.073   1.00 66.37 ? 123 ASP A N   1 
ATOM   924  C CA  . ASP A 1 123 ? 8.385   19.416  7.528   1.00 69.41 ? 123 ASP A CA  1 
ATOM   925  C C   . ASP A 1 123 ? 6.875   19.660  7.528   1.00 70.51 ? 123 ASP A C   1 
ATOM   926  O O   . ASP A 1 123 ? 6.420   20.804  7.560   1.00 71.41 ? 123 ASP A O   1 
ATOM   927  C CB  . ASP A 1 123 ? 9.090   20.438  6.632   1.00 72.41 ? 123 ASP A CB  1 
ATOM   928  C CG  . ASP A 1 123 ? 10.608  20.328  6.699   1.00 77.72 ? 123 ASP A CG  1 
ATOM   929  O OD1 . ASP A 1 123 ? 11.149  20.121  7.811   1.00 75.16 ? 123 ASP A OD1 1 
ATOM   930  O OD2 . ASP A 1 123 ? 11.259  20.456  5.636   1.00 78.26 ? 123 ASP A OD2 1 
ATOM   931  N N   . LEU A 1 124 ? 6.117   18.566  7.467   1.00 69.11 ? 124 LEU A N   1 
ATOM   932  C CA  . LEU A 1 124 ? 4.651   18.580  7.456   1.00 64.67 ? 124 LEU A CA  1 
ATOM   933  C C   . LEU A 1 124 ? 3.985   19.288  6.269   1.00 58.87 ? 124 LEU A C   1 
ATOM   934  O O   . LEU A 1 124 ? 2.819   19.676  6.338   1.00 59.94 ? 124 LEU A O   1 
ATOM   935  C CB  . LEU A 1 124 ? 4.092   19.098  8.791   1.00 67.76 ? 124 LEU A CB  1 
ATOM   936  C CG  . LEU A 1 124 ? 4.361   18.227  10.027  1.00 70.81 ? 124 LEU A CG  1 
ATOM   937  C CD1 . LEU A 1 124 ? 3.620   18.800  11.225  1.00 68.85 ? 124 LEU A CD1 1 
ATOM   938  C CD2 . LEU A 1 124 ? 3.913   16.789  9.774   1.00 72.30 ? 124 LEU A CD2 1 
ATOM   939  N N   . VAL A 1 125 ? 4.716   19.413  5.166   1.00 51.37 ? 125 VAL A N   1 
ATOM   940  C CA  . VAL A 1 125 ? 4.193   20.041  3.952   1.00 54.01 ? 125 VAL A CA  1 
ATOM   941  C C   . VAL A 1 125 ? 3.532   18.947  3.103   1.00 56.11 ? 125 VAL A C   1 
ATOM   942  O O   . VAL A 1 125 ? 4.118   17.877  2.908   1.00 58.12 ? 125 VAL A O   1 
ATOM   943  C CB  . VAL A 1 125 ? 5.337   20.695  3.127   1.00 55.36 ? 125 VAL A CB  1 
ATOM   944  C CG1 . VAL A 1 125 ? 4.793   21.313  1.844   1.00 51.16 ? 125 VAL A CG1 1 
ATOM   945  C CG2 . VAL A 1 125 ? 6.052   21.753  3.958   1.00 56.73 ? 125 VAL A CG2 1 
ATOM   946  N N   . GLU A 1 126 ? 2.318   19.202  2.613   1.00 54.97 ? 126 GLU A N   1 
ATOM   947  C CA  . GLU A 1 126 ? 1.602   18.225  1.793   1.00 48.78 ? 126 GLU A CA  1 
ATOM   948  C C   . GLU A 1 126 ? 2.257   18.059  0.433   1.00 48.33 ? 126 GLU A C   1 
ATOM   949  O O   . GLU A 1 126 ? 2.696   19.031  -0.177  1.00 50.17 ? 126 GLU A O   1 
ATOM   950  C CB  . GLU A 1 126 ? 0.133   18.612  1.638   1.00 44.45 ? 126 GLU A CB  1 
ATOM   951  C CG  . GLU A 1 126 ? -0.685  18.429  2.911   1.00 51.23 ? 126 GLU A CG  1 
ATOM   952  C CD  . GLU A 1 126 ? -0.944  16.965  3.260   1.00 55.70 ? 126 GLU A CD  1 
ATOM   953  O OE1 . GLU A 1 126 ? -1.113  16.141  2.332   1.00 59.45 ? 126 GLU A OE1 1 
ATOM   954  O OE2 . GLU A 1 126 ? -1.007  16.640  4.470   1.00 55.02 ? 126 GLU A OE2 1 
ATOM   955  N N   . GLN A 1 127 ? 2.328   16.815  -0.029  1.00 52.14 ? 127 GLN A N   1 
ATOM   956  C CA  . GLN A 1 127 ? 2.958   16.485  -1.304  1.00 52.71 ? 127 GLN A CA  1 
ATOM   957  C C   . GLN A 1 127 ? 1.961   16.184  -2.421  1.00 50.02 ? 127 GLN A C   1 
ATOM   958  O O   . GLN A 1 127 ? 0.818   15.793  -2.165  1.00 50.12 ? 127 GLN A O   1 
ATOM   959  C CB  . GLN A 1 127 ? 3.881   15.270  -1.128  1.00 52.49 ? 127 GLN A CB  1 
ATOM   960  C CG  . GLN A 1 127 ? 5.023   15.472  -0.152  1.00 52.88 ? 127 GLN A CG  1 
ATOM   961  C CD  . GLN A 1 127 ? 5.981   16.549  -0.612  1.00 57.57 ? 127 GLN A CD  1 
ATOM   962  O OE1 . GLN A 1 127 ? 6.525   16.480  -1.711  1.00 62.93 ? 127 GLN A OE1 1 
ATOM   963  N NE2 . GLN A 1 127 ? 6.180   17.560  0.219   1.00 58.11 ? 127 GLN A NE2 1 
ATOM   964  N N   . LYS A 1 128 ? 2.404   16.389  -3.660  1.00 50.29 ? 128 LYS A N   1 
ATOM   965  C CA  . LYS A 1 128 ? 1.603   16.102  -4.849  1.00 53.00 ? 128 LYS A CA  1 
ATOM   966  C C   . LYS A 1 128 ? 1.810   14.603  -5.135  1.00 55.50 ? 128 LYS A C   1 
ATOM   967  O O   . LYS A 1 128 ? 2.953   14.145  -5.280  1.00 56.03 ? 128 LYS A O   1 
ATOM   968  C CB  . LYS A 1 128 ? 2.109   16.943  -6.026  1.00 56.49 ? 128 LYS A CB  1 
ATOM   969  C CG  . LYS A 1 128 ? 1.521   16.576  -7.382  1.00 63.67 ? 128 LYS A CG  1 
ATOM   970  C CD  . LYS A 1 128 ? 2.276   17.278  -8.510  1.00 73.61 ? 128 LYS A CD  1 
ATOM   971  C CE  . LYS A 1 128 ? 1.790   16.836  -9.886  1.00 75.93 ? 128 LYS A CE  1 
ATOM   972  N NZ  . LYS A 1 128 ? 0.346   17.131  -10.095 1.00 80.84 ? 128 LYS A NZ  1 
ATOM   973  N N   . VAL A 1 129 ? 0.718   13.842  -5.188  1.00 52.85 ? 129 VAL A N   1 
ATOM   974  C CA  . VAL A 1 129 ? 0.799   12.400  -5.426  1.00 48.13 ? 129 VAL A CA  1 
ATOM   975  C C   . VAL A 1 129 ? -0.107  11.962  -6.574  1.00 49.64 ? 129 VAL A C   1 
ATOM   976  O O   . VAL A 1 129 ? -1.180  12.529  -6.777  1.00 52.03 ? 129 VAL A O   1 
ATOM   977  C CB  . VAL A 1 129 ? 0.372   11.594  -4.162  1.00 47.18 ? 129 VAL A CB  1 
ATOM   978  C CG1 . VAL A 1 129 ? 0.837   10.151  -4.268  1.00 45.37 ? 129 VAL A CG1 1 
ATOM   979  C CG2 . VAL A 1 129 ? 0.922   12.225  -2.907  1.00 49.85 ? 129 VAL A CG2 1 
ATOM   980  N N   . SER A 1 130 ? 0.326   10.933  -7.297  1.00 50.64 ? 130 SER A N   1 
ATOM   981  C CA  . SER A 1 130 ? -0.432  10.363  -8.411  1.00 48.59 ? 130 SER A CA  1 
ATOM   982  C C   . SER A 1 130 ? -0.450  8.850   -8.187  1.00 43.10 ? 130 SER A C   1 
ATOM   983  O O   . SER A 1 130 ? 0.570   8.269   -7.816  1.00 41.49 ? 130 SER A O   1 
ATOM   984  C CB  . SER A 1 130 ? 0.253   10.683  -9.738  1.00 50.79 ? 130 SER A CB  1 
ATOM   985  O OG  . SER A 1 130 ? 0.510   12.073  -9.841  1.00 61.51 ? 130 SER A OG  1 
ATOM   986  N N   . PHE A 1 131 ? -1.606  8.221   -8.372  1.00 40.22 ? 131 PHE A N   1 
ATOM   987  C CA  . PHE A 1 131 ? -1.735  6.778   -8.166  1.00 41.95 ? 131 PHE A CA  1 
ATOM   988  C C   . PHE A 1 131 ? -1.986  6.007   -9.466  1.00 41.66 ? 131 PHE A C   1 
ATOM   989  O O   . PHE A 1 131 ? -2.756  6.450   -10.324 1.00 41.95 ? 131 PHE A O   1 
ATOM   990  C CB  . PHE A 1 131 ? -2.878  6.470   -7.181  1.00 39.09 ? 131 PHE A CB  1 
ATOM   991  C CG  . PHE A 1 131 ? -2.613  6.908   -5.758  1.00 39.48 ? 131 PHE A CG  1 
ATOM   992  C CD1 . PHE A 1 131 ? -2.622  8.261   -5.410  1.00 37.18 ? 131 PHE A CD1 1 
ATOM   993  C CD2 . PHE A 1 131 ? -2.403  5.963   -4.756  1.00 36.41 ? 131 PHE A CD2 1 
ATOM   994  C CE1 . PHE A 1 131 ? -2.431  8.666   -4.087  1.00 32.63 ? 131 PHE A CE1 1 
ATOM   995  C CE2 . PHE A 1 131 ? -2.211  6.355   -3.429  1.00 38.11 ? 131 PHE A CE2 1 
ATOM   996  C CZ  . PHE A 1 131 ? -2.226  7.712   -3.094  1.00 32.79 ? 131 PHE A CZ  1 
ATOM   997  N N   . ILE A 1 132 ? -1.337  4.855   -9.603  1.00 35.32 ? 132 ILE A N   1 
ATOM   998  C CA  . ILE A 1 132 ? -1.503  3.995   -10.771 1.00 33.75 ? 132 ILE A CA  1 
ATOM   999  C C   . ILE A 1 132 ? -2.083  2.670   -10.265 1.00 32.38 ? 132 ILE A C   1 
ATOM   1000 O O   . ILE A 1 132 ? -1.562  2.082   -9.308  1.00 35.29 ? 132 ILE A O   1 
ATOM   1001 C CB  . ILE A 1 132 ? -0.160  3.745   -11.486 1.00 37.22 ? 132 ILE A CB  1 
ATOM   1002 C CG1 . ILE A 1 132 ? 0.448   5.073   -11.938 1.00 33.25 ? 132 ILE A CG1 1 
ATOM   1003 C CG2 . ILE A 1 132 ? -0.367  2.824   -12.684 1.00 38.37 ? 132 ILE A CG2 1 
ATOM   1004 C CD1 . ILE A 1 132 ? 1.853   4.948   -12.478 1.00 36.62 ? 132 ILE A CD1 1 
ATOM   1005 N N   . ASP A 1 133 ? -3.175  2.225   -10.881 1.00 29.28 ? 133 ASP A N   1 
ATOM   1006 C CA  . ASP A 1 133 ? -3.855  0.990   -10.486 1.00 32.40 ? 133 ASP A CA  1 
ATOM   1007 C C   . ASP A 1 133 ? -3.167  -0.300  -10.927 1.00 31.92 ? 133 ASP A C   1 
ATOM   1008 O O   . ASP A 1 133 ? -2.323  -0.288  -11.823 1.00 35.35 ? 133 ASP A O   1 
ATOM   1009 C CB  . ASP A 1 133 ? -5.285  0.990   -11.017 1.00 38.54 ? 133 ASP A CB  1 
ATOM   1010 C CG  . ASP A 1 133 ? -6.086  2.171   -10.528 1.00 47.71 ? 133 ASP A CG  1 
ATOM   1011 O OD1 . ASP A 1 133 ? -5.729  2.752   -9.483  1.00 49.56 ? 133 ASP A OD1 1 
ATOM   1012 O OD2 . ASP A 1 133 ? -7.080  2.517   -11.195 1.00 55.32 ? 133 ASP A OD2 1 
ATOM   1013 N N   . GLY A 1 134 ? -3.592  -1.414  -10.332 1.00 29.82 ? 134 GLY A N   1 
ATOM   1014 C CA  . GLY A 1 134 ? -3.028  -2.712  -10.656 1.00 28.26 ? 134 GLY A CA  1 
ATOM   1015 C C   . GLY A 1 134 ? -3.953  -3.837  -10.231 1.00 27.11 ? 134 GLY A C   1 
ATOM   1016 O O   . GLY A 1 134 ? -5.181  -3.677  -10.241 1.00 28.88 ? 134 GLY A O   1 
ATOM   1017 N N   . GLY A 1 135 ? -3.373  -4.980  -9.871  1.00 24.56 ? 135 GLY A N   1 
ATOM   1018 C CA  . GLY A 1 135 ? -4.172  -6.117  -9.449  1.00 25.29 ? 135 GLY A CA  1 
ATOM   1019 C C   . GLY A 1 135 ? -3.636  -7.457  -9.927  1.00 27.09 ? 135 GLY A C   1 
ATOM   1020 O O   . GLY A 1 135 ? -2.495  -7.559  -10.383 1.00 29.01 ? 135 GLY A O   1 
ATOM   1021 N N   . VAL A 1 136 ? -4.474  -8.483  -9.818  1.00 29.66 ? 136 VAL A N   1 
ATOM   1022 C CA  . VAL A 1 136 ? -4.142  -9.849  -10.212 1.00 30.36 ? 136 VAL A CA  1 
ATOM   1023 C C   . VAL A 1 136 ? -4.893  -10.256 -11.490 1.00 34.90 ? 136 VAL A C   1 
ATOM   1024 O O   . VAL A 1 136 ? -6.125  -10.156 -11.563 1.00 31.61 ? 136 VAL A O   1 
ATOM   1025 C CB  . VAL A 1 136 ? -4.520  -10.843 -9.091  1.00 26.84 ? 136 VAL A CB  1 
ATOM   1026 C CG1 . VAL A 1 136 ? -4.213  -12.264 -9.508  1.00 30.99 ? 136 VAL A CG1 1 
ATOM   1027 C CG2 . VAL A 1 136 ? -3.774  -10.502 -7.815  1.00 33.14 ? 136 VAL A CG2 1 
ATOM   1028 N N   . ASN A 1 137 ? -4.147  -10.729 -12.485 1.00 35.44 ? 137 ASN A N   1 
ATOM   1029 C CA  . ASN A 1 137 ? -4.717  -11.171 -13.759 1.00 36.40 ? 137 ASN A CA  1 
ATOM   1030 C C   . ASN A 1 137 ? -5.537  -10.066 -14.424 1.00 39.11 ? 137 ASN A C   1 
ATOM   1031 O O   . ASN A 1 137 ? -6.711  -10.261 -14.750 1.00 36.71 ? 137 ASN A O   1 
ATOM   1032 C CB  . ASN A 1 137 ? -5.594  -12.415 -13.545 1.00 29.71 ? 137 ASN A CB  1 
ATOM   1033 C CG  . ASN A 1 137 ? -4.818  -13.587 -12.972 1.00 24.22 ? 137 ASN A CG  1 
ATOM   1034 O OD1 . ASN A 1 137 ? -3.639  -13.780 -13.278 1.00 27.82 ? 137 ASN A OD1 1 
ATOM   1035 N ND2 . ASN A 1 137 ? -5.475  -14.380 -12.144 1.00 19.27 ? 137 ASN A ND2 1 
ATOM   1036 N N   . VAL A 1 138 ? -4.916  -8.904  -14.601 1.00 41.85 ? 138 VAL A N   1 
ATOM   1037 C CA  . VAL A 1 138 ? -5.579  -7.757  -15.207 1.00 48.11 ? 138 VAL A CA  1 
ATOM   1038 C C   . VAL A 1 138 ? -4.866  -7.335  -16.490 1.00 53.57 ? 138 VAL A C   1 
ATOM   1039 O O   . VAL A 1 138 ? -3.753  -7.848  -16.749 1.00 59.14 ? 138 VAL A O   1 
ATOM   1040 C CB  . VAL A 1 138 ? -5.653  -6.545  -14.220 1.00 45.18 ? 138 VAL A CB  1 
ATOM   1041 C CG1 . VAL A 1 138 ? -6.357  -6.952  -12.925 1.00 40.75 ? 138 VAL A CG1 1 
ATOM   1042 C CG2 . VAL A 1 138 ? -4.259  -6.003  -13.918 1.00 41.71 ? 138 VAL A CG2 1 
ATOM   1043 O OXT . VAL A 1 138 ? -5.429  -6.490  -17.217 1.00 56.80 ? 138 VAL A OXT 1 
HETATM 1044 O O   . HOH B 2 .   ? -8.467  11.530  -3.461  1.00 43.34 ? 201 HOH A O   1 
HETATM 1045 O O   . HOH B 2 .   ? -1.598  10.650  7.096   1.00 37.32 ? 202 HOH A O   1 
HETATM 1046 O O   . HOH B 2 .   ? -4.055  3.872   -13.383 1.00 47.04 ? 203 HOH A O   1 
HETATM 1047 O O   . HOH B 2 .   ? -8.544  4.788   -10.023 1.00 50.98 ? 204 HOH A O   1 
HETATM 1048 O O   . HOH B 2 .   ? 10.209  -4.107  6.607   1.00 46.86 ? 205 HOH A O   1 
HETATM 1049 O O   . HOH B 2 .   ? -10.342 -7.311  -7.112  1.00 43.18 ? 206 HOH A O   1 
HETATM 1050 O O   . HOH B 2 .   ? 2.179   -7.452  9.113   1.00 44.27 ? 207 HOH A O   1 
HETATM 1051 O O   . HOH B 2 .   ? -2.006  -8.089  7.785   1.00 57.41 ? 208 HOH A O   1 
HETATM 1052 O O   . HOH B 2 .   ? -10.901 -10.509 1.574   1.00 26.75 ? 209 HOH A O   1 
HETATM 1053 O O   . HOH B 2 .   ? -12.588 -12.631 0.357   1.00 49.41 ? 210 HOH A O   1 
HETATM 1054 O O   . HOH B 2 .   ? -6.626  -20.275 -12.775 1.00 44.83 ? 211 HOH A O   1 
HETATM 1055 O O   . HOH B 2 .   ? -0.061  -20.965 -3.101  1.00 46.83 ? 212 HOH A O   1 
HETATM 1056 O O   . HOH B 2 .   ? -7.899  -13.911 -10.926 1.00 32.80 ? 213 HOH A O   1 
HETATM 1057 O O   . HOH B 2 .   ? -7.695  10.882  6.291   1.00 30.20 ? 214 HOH A O   1 
HETATM 1058 O O   . HOH B 2 .   ? -4.159  9.988   -8.958  1.00 57.37 ? 215 HOH A O   1 
HETATM 1059 O O   . HOH B 2 .   ? 3.258   -14.006 -5.614  1.00 48.56 ? 216 HOH A O   1 
HETATM 1060 O O   . HOH B 2 .   ? -0.422  3.488   11.882  1.00 61.73 ? 217 HOH A O   1 
HETATM 1061 O O   . HOH B 2 .   ? -1.173  8.616   8.872   1.00 44.97 ? 218 HOH A O   1 
HETATM 1062 O O   . HOH B 2 .   ? -6.445  14.414  5.313   1.00 43.79 ? 219 HOH A O   1 
HETATM 1063 O O   . HOH B 2 .   ? 0.293   5.316   -16.945 1.00 43.24 ? 220 HOH A O   1 
HETATM 1064 O O   . HOH B 2 .   ? -21.353 -4.273  6.362   1.00 51.44 ? 221 HOH A O   1 
HETATM 1065 O O   . HOH B 2 .   ? -15.474 -7.377  8.221   1.00 49.02 ? 222 HOH A O   1 
HETATM 1066 O O   . HOH B 2 .   ? -12.702 -7.208  8.467   1.00 41.71 ? 223 HOH A O   1 
HETATM 1067 O O   . HOH B 2 .   ? -10.432 -11.161 4.356   1.00 37.26 ? 224 HOH A O   1 
# 
